data_7ZHT
#
_entry.id   7ZHT
#
_cell.length_a   117.690
_cell.length_b   65.820
_cell.length_c   189.220
_cell.angle_alpha   90.000
_cell.angle_beta   92.350
_cell.angle_gamma   90.000
#
_symmetry.space_group_name_H-M   'P 1 2 1'
#
loop_
_entity.id
_entity.type
_entity.pdbx_description
1 polymer 'Glucose-6-phosphate 1-dehydrogenase'
2 non-polymer 1,2-ETHANEDIOL
3 non-polymer 'SULFATE ION'
4 water water
#
_entity_poly.entity_id   1
_entity_poly.type   'polypeptide(L)'
_entity_poly.pdbx_seq_one_letter_code
;MSEEQSHADQDAYVADVDGILDVLRAQVLERKPDDIFQFISKSALSLQKDRGAESCDRINCKVKDEQKSRALTIIVFGAS
GDLAKKKTFPALFDLYCGGLLPPEVNIIGYARTKVDDVEKWKHETLMKYFSNLSERGCHAEDFLKHISYFCGAYDSVDDF
KRLDAVIREKENAFKGPEKGGNRLFYLALPPSVFASVCESIHKGAMPQEVGGWVRVIIEKPFGRDTKSSAELSQALEPFF
DESQLYRIDHYLGKEMVQNIITTRFANRIFSAVWNASNIACVQITFKETIGTEGRGGYFDNIGIIRDVMQNHLTQILALL
AMEKPRSLDAECIRDEKVSVLKCIEPITKENCVLGQYTASADGSIPGYLEDVTVPEGSTCPTFAVMRLNINNDRWAGVPF
ILKAGKAVEQKYVAIRIQFRDEVHPYGEATQRNELVIRAQPSEAMYVKITTKVPGLSGDLRQTHQTELDLTYHTRYDVRL
PDAYESLINDALLGNSTNFVRKDELDVAWRIFTPLLHQIDSGEIKPIPYQAGTRGPKEADEFIANNGFKHQKGYHWLPSN
KL
;
_entity_poly.pdbx_strand_id   A,B,C,D
#
loop_
_chem_comp.id
_chem_comp.type
_chem_comp.name
_chem_comp.formula
EDO non-polymer 1,2-ETHANEDIOL 'C2 H6 O2'
SO4 non-polymer 'SULFATE ION' 'O4 S -2'
#
# COMPACT_ATOMS: atom_id res chain seq x y z
N ASP A 11 35.27 20.13 47.60
CA ASP A 11 36.09 19.65 48.70
C ASP A 11 36.17 18.13 48.68
N ALA A 12 35.13 17.47 49.17
CA ALA A 12 35.12 16.00 49.30
C ALA A 12 34.34 15.35 48.15
N TYR A 13 34.86 15.50 46.93
CA TYR A 13 34.47 14.78 45.72
C TYR A 13 33.10 15.18 45.13
N VAL A 14 32.33 16.05 45.78
CA VAL A 14 31.07 16.44 45.18
C VAL A 14 31.14 17.80 44.50
N ALA A 15 32.28 18.49 44.58
CA ALA A 15 32.63 19.42 43.53
C ALA A 15 32.77 18.70 42.19
N ASP A 16 33.01 17.38 42.24
CA ASP A 16 32.94 16.51 41.07
C ASP A 16 31.52 16.08 40.77
N VAL A 17 30.72 15.84 41.82
CA VAL A 17 29.36 15.36 41.62
C VAL A 17 28.45 16.46 41.08
N ASP A 18 28.57 17.67 41.63
CA ASP A 18 27.91 18.82 41.02
C ASP A 18 28.51 19.16 39.66
N GLY A 19 29.67 18.58 39.33
CA GLY A 19 30.23 18.78 38.02
C GLY A 19 29.48 18.08 36.91
N ILE A 20 28.69 17.04 37.24
CA ILE A 20 28.01 16.24 36.24
C ILE A 20 26.50 16.19 36.41
N LEU A 21 25.94 16.90 37.39
CA LEU A 21 24.60 17.41 37.18
C LEU A 21 24.66 18.78 36.51
N ASP A 22 25.82 19.43 36.61
CA ASP A 22 26.18 20.49 35.68
C ASP A 22 26.08 20.00 34.22
N VAL A 23 26.58 18.80 33.93
CA VAL A 23 26.49 18.31 32.56
C VAL A 23 25.05 17.98 32.20
N LEU A 24 24.26 17.47 33.17
CA LEU A 24 22.86 17.18 32.88
C LEU A 24 22.02 18.44 32.78
N ARG A 25 22.36 19.48 33.55
CA ARG A 25 21.62 20.74 33.49
C ARG A 25 21.71 21.35 32.10
N ALA A 26 22.93 21.44 31.56
CA ALA A 26 23.09 21.89 30.18
C ALA A 26 22.43 20.91 29.21
N GLN A 27 22.36 19.63 29.59
CA GLN A 27 21.82 18.62 28.69
C GLN A 27 20.31 18.75 28.53
N VAL A 28 19.60 19.00 29.64
CA VAL A 28 18.14 18.98 29.57
C VAL A 28 17.59 20.25 28.95
N LEU A 29 18.26 21.39 29.12
CA LEU A 29 17.73 22.64 28.59
C LEU A 29 18.28 22.96 27.21
N GLU A 30 19.15 22.12 26.66
CA GLU A 30 19.40 22.12 25.21
C GLU A 30 18.38 21.28 24.46
N ARG A 31 17.56 20.51 25.18
CA ARG A 31 16.75 19.44 24.58
C ARG A 31 15.39 19.44 25.25
N LYS A 32 14.38 19.97 24.56
CA LYS A 32 12.97 19.89 24.94
C LYS A 32 12.59 18.46 25.28
N PRO A 33 12.44 18.08 26.54
CA PRO A 33 11.93 16.73 26.81
C PRO A 33 10.42 16.64 26.96
N ASP A 34 9.85 17.63 27.66
CA ASP A 34 8.43 17.72 28.05
C ASP A 34 8.03 16.54 28.92
N ASP A 35 8.84 15.48 28.90
CA ASP A 35 8.88 14.43 29.90
C ASP A 35 10.33 14.46 30.34
N ILE A 36 10.63 15.41 31.22
CA ILE A 36 12.00 15.64 31.63
C ILE A 36 12.49 14.53 32.51
N PHE A 37 11.56 13.80 33.11
CA PHE A 37 11.88 12.98 34.27
C PHE A 37 12.70 11.77 33.89
N GLN A 38 12.26 11.03 32.88
CA GLN A 38 13.05 9.89 32.47
C GLN A 38 14.19 10.29 31.55
N PHE A 39 14.18 11.51 31.00
CA PHE A 39 15.35 11.97 30.27
C PHE A 39 16.56 12.04 31.20
N ILE A 40 16.43 12.77 32.30
CA ILE A 40 17.57 12.99 33.18
C ILE A 40 18.07 11.66 33.72
N SER A 41 17.19 10.66 33.82
CA SER A 41 17.61 9.33 34.20
C SER A 41 18.23 8.57 33.03
N LYS A 42 17.53 8.54 31.89
CA LYS A 42 18.06 7.82 30.73
C LYS A 42 19.34 8.43 30.21
N SER A 43 19.67 9.65 30.64
CA SER A 43 20.96 10.25 30.33
C SER A 43 21.94 10.19 31.48
N ALA A 44 21.46 10.02 32.72
CA ALA A 44 22.37 9.74 33.81
C ALA A 44 23.05 8.39 33.63
N LEU A 45 22.31 7.39 33.13
CA LEU A 45 22.89 6.07 32.85
C LEU A 45 23.56 5.95 31.50
N SER A 46 23.40 6.90 30.59
CA SER A 46 24.13 6.74 29.34
C SER A 46 25.51 7.37 29.41
N LEU A 47 25.78 8.19 30.42
CA LEU A 47 27.14 8.61 30.71
C LEU A 47 27.88 7.60 31.57
N GLN A 48 27.21 6.50 31.96
CA GLN A 48 27.92 5.38 32.58
C GLN A 48 28.87 4.71 31.59
N LYS A 49 28.43 4.57 30.34
CA LYS A 49 29.17 3.85 29.32
C LYS A 49 29.96 4.77 28.41
N ASP A 50 30.07 6.06 28.77
CA ASP A 50 30.90 7.01 28.06
C ASP A 50 32.30 7.11 28.66
N ARG A 51 32.77 6.05 29.32
CA ARG A 51 34.11 6.01 29.90
C ARG A 51 34.90 4.84 29.36
N LYS A 64 44.57 17.04 11.45
CA LYS A 64 44.89 16.69 10.07
C LYS A 64 46.27 17.19 9.65
N ASP A 65 47.18 16.22 9.49
CA ASP A 65 48.56 16.52 9.12
C ASP A 65 48.72 17.39 7.86
N GLU A 66 47.84 17.24 6.84
CA GLU A 66 48.12 17.74 5.48
C GLU A 66 47.98 19.25 5.26
N GLN A 67 47.21 19.90 6.06
CA GLN A 67 47.05 21.34 6.14
C GLN A 67 48.14 22.06 6.91
N LYS A 68 49.22 21.36 7.25
CA LYS A 68 50.50 22.02 7.06
C LYS A 68 51.08 21.69 5.70
N SER A 69 50.46 20.81 4.88
CA SER A 69 51.15 20.49 3.63
C SER A 69 51.46 21.78 2.92
N ARG A 70 50.47 22.64 2.76
CA ARG A 70 50.75 23.84 1.96
C ARG A 70 50.48 25.09 2.76
N ALA A 71 51.08 26.19 2.31
CA ALA A 71 50.76 27.48 2.88
C ALA A 71 49.31 27.81 2.53
N LEU A 72 48.67 28.62 3.36
CA LEU A 72 47.28 28.97 3.13
C LEU A 72 47.07 30.45 3.35
N THR A 73 46.33 31.07 2.45
CA THR A 73 45.99 32.49 2.56
C THR A 73 44.48 32.65 2.38
N ILE A 74 43.84 33.35 3.31
CA ILE A 74 42.42 33.63 3.27
C ILE A 74 42.22 35.13 3.09
N ILE A 75 41.62 35.51 1.96
CA ILE A 75 41.29 36.90 1.69
C ILE A 75 39.80 37.08 1.88
N VAL A 76 39.42 37.93 2.82
CA VAL A 76 38.03 38.25 3.09
C VAL A 76 37.77 39.66 2.55
N PHE A 77 36.89 39.75 1.56
CA PHE A 77 36.52 41.05 1.04
C PHE A 77 35.46 41.69 1.92
N GLY A 78 35.27 43.00 1.72
CA GLY A 78 34.38 43.75 2.60
C GLY A 78 34.80 43.68 4.04
N ALA A 79 36.11 43.75 4.31
CA ALA A 79 36.65 43.39 5.61
C ALA A 79 36.06 44.21 6.75
N SER A 80 35.60 45.42 6.46
CA SER A 80 34.90 46.24 7.44
C SER A 80 33.44 46.46 7.08
N GLY A 81 32.92 45.69 6.14
CA GLY A 81 31.48 45.56 5.99
C GLY A 81 30.86 44.89 7.20
N ASP A 82 29.54 45.04 7.33
CA ASP A 82 28.88 44.61 8.56
C ASP A 82 28.96 43.09 8.71
N LEU A 83 28.90 42.35 7.61
CA LEU A 83 29.00 40.90 7.73
C LEU A 83 30.39 40.47 8.16
N ALA A 84 31.43 41.00 7.52
CA ALA A 84 32.78 40.49 7.78
C ALA A 84 33.21 40.73 9.22
N LYS A 85 32.99 41.95 9.74
CA LYS A 85 33.43 42.24 11.10
C LYS A 85 32.64 41.43 12.13
N LYS A 86 31.36 41.14 11.87
CA LYS A 86 30.45 40.58 12.87
C LYS A 86 30.19 39.09 12.68
N LYS A 87 30.53 38.53 11.52
CA LYS A 87 30.05 37.20 11.12
C LYS A 87 31.19 36.24 10.83
N THR A 88 32.16 36.71 10.04
CA THR A 88 33.22 35.90 9.46
C THR A 88 34.53 35.94 10.22
N PHE A 89 34.97 37.13 10.63
CA PHE A 89 36.21 37.23 11.40
C PHE A 89 36.09 36.51 12.74
N PRO A 90 35.04 36.68 13.53
CA PRO A 90 34.91 35.86 14.75
C PRO A 90 34.84 34.38 14.46
N ALA A 91 34.24 33.97 13.33
CA ALA A 91 34.21 32.56 12.97
C ALA A 91 35.62 32.00 12.78
N LEU A 92 36.48 32.74 12.06
CA LEU A 92 37.83 32.27 11.83
C LEU A 92 38.63 32.19 13.13
N PHE A 93 38.34 33.08 14.08
CA PHE A 93 39.02 33.04 15.38
C PHE A 93 38.70 31.74 16.11
N ASP A 94 37.43 31.36 16.17
CA ASP A 94 37.05 30.13 16.85
C ASP A 94 37.72 28.92 16.23
N LEU A 95 37.89 28.94 14.90
CA LEU A 95 38.61 27.86 14.23
C LEU A 95 40.10 27.88 14.55
N TYR A 96 40.65 29.07 14.84
CA TYR A 96 42.07 29.14 15.22
C TYR A 96 42.30 28.45 16.56
N CYS A 97 41.39 28.64 17.52
CA CYS A 97 41.54 27.99 18.82
C CYS A 97 41.28 26.50 18.73
N GLY A 98 40.34 26.08 17.88
CA GLY A 98 40.10 24.67 17.66
C GLY A 98 41.21 23.94 16.96
N GLY A 99 42.24 24.65 16.50
CA GLY A 99 43.31 24.01 15.77
C GLY A 99 42.93 23.61 14.37
N LEU A 100 41.86 24.19 13.83
CA LEU A 100 41.39 23.85 12.50
C LEU A 100 41.98 24.74 11.42
N LEU A 101 42.72 25.79 11.81
CA LEU A 101 43.52 26.57 10.88
C LEU A 101 44.99 26.20 11.00
N PRO A 102 45.75 26.24 9.91
CA PRO A 102 47.17 25.90 9.98
C PRO A 102 47.93 26.88 10.87
N PRO A 103 49.07 26.47 11.43
CA PRO A 103 49.81 27.37 12.33
C PRO A 103 50.36 28.60 11.63
N GLU A 104 50.56 28.54 10.32
CA GLU A 104 51.16 29.63 9.55
C GLU A 104 50.13 30.29 8.64
N VAL A 105 48.85 30.21 9.03
CA VAL A 105 47.78 30.73 8.21
C VAL A 105 47.94 32.24 8.05
N ASN A 106 47.59 32.75 6.88
CA ASN A 106 47.59 34.18 6.61
C ASN A 106 46.17 34.60 6.24
N ILE A 107 45.63 35.55 6.98
CA ILE A 107 44.33 36.14 6.69
C ILE A 107 44.56 37.62 6.45
N ILE A 108 44.00 38.15 5.35
CA ILE A 108 44.14 39.56 5.03
C ILE A 108 42.76 40.14 4.73
N GLY A 109 42.42 41.25 5.38
CA GLY A 109 41.19 41.96 5.12
C GLY A 109 41.34 42.96 3.99
N TYR A 110 40.35 42.96 3.10
CA TYR A 110 40.38 43.78 1.90
C TYR A 110 39.16 44.68 1.91
N ALA A 111 39.38 45.98 2.01
CA ALA A 111 38.29 46.93 1.93
C ALA A 111 38.92 48.27 1.60
N ARG A 112 38.10 49.17 1.11
CA ARG A 112 38.63 50.47 0.74
C ARG A 112 38.74 51.46 1.87
N THR A 113 37.87 51.38 2.86
CA THR A 113 37.73 52.44 3.84
C THR A 113 39.10 52.82 4.40
N LYS A 114 39.23 54.10 4.76
CA LYS A 114 40.52 54.60 5.19
C LYS A 114 40.97 53.92 6.48
N VAL A 115 42.25 53.55 6.52
CA VAL A 115 42.86 53.01 7.72
C VAL A 115 44.23 53.64 7.92
N ASP A 116 44.32 54.63 8.81
CA ASP A 116 45.60 55.26 9.08
C ASP A 116 46.49 54.35 9.92
N ASP A 117 45.94 53.81 11.01
CA ASP A 117 46.61 52.85 11.86
C ASP A 117 45.88 51.52 11.68
N VAL A 118 46.62 50.49 11.29
CA VAL A 118 45.98 49.20 10.99
C VAL A 118 45.83 48.35 12.24
N GLU A 119 46.88 48.30 13.07
CA GLU A 119 46.85 47.38 14.19
C GLU A 119 45.89 47.86 15.28
N LYS A 120 45.71 49.18 15.40
CA LYS A 120 44.63 49.69 16.24
C LYS A 120 43.26 49.29 15.70
N TRP A 121 43.11 49.28 14.37
CA TRP A 121 41.83 48.94 13.76
C TRP A 121 41.44 47.49 14.06
N LYS A 122 42.41 46.58 14.11
CA LYS A 122 42.13 45.17 14.39
C LYS A 122 41.64 44.96 15.82
N HIS A 123 42.20 45.69 16.77
CA HIS A 123 41.83 45.46 18.14
C HIS A 123 40.50 46.02 18.48
N GLU A 124 40.02 46.95 17.69
CA GLU A 124 38.93 47.75 18.22
C GLU A 124 37.94 48.18 17.13
N THR A 125 38.04 47.58 15.93
CA THR A 125 36.92 47.24 15.06
C THR A 125 36.71 45.74 14.91
N LEU A 126 37.75 44.90 15.01
CA LEU A 126 37.64 43.44 14.82
C LEU A 126 37.50 42.66 16.12
N MET A 127 38.30 43.00 17.13
CA MET A 127 38.39 42.22 18.36
C MET A 127 37.21 42.43 19.31
N LYS A 128 36.44 43.51 19.16
CA LYS A 128 35.25 43.66 20.00
C LYS A 128 34.17 42.61 19.72
N TYR A 129 34.24 41.91 18.58
CA TYR A 129 33.23 40.92 18.22
C TYR A 129 33.76 39.50 18.35
N PHE A 130 34.91 39.33 18.99
CA PHE A 130 35.48 38.01 19.16
C PHE A 130 34.76 37.31 20.31
N SER A 131 34.39 36.06 20.11
CA SER A 131 33.58 35.38 21.10
C SER A 131 34.41 35.07 22.35
N ASN A 132 33.71 35.04 23.48
CA ASN A 132 34.17 34.47 24.74
C ASN A 132 35.28 35.27 25.43
N LEU A 133 36.12 35.92 24.63
CA LEU A 133 37.19 36.89 24.91
C LEU A 133 38.07 36.68 26.15
N SER A 134 37.70 35.81 27.08
CA SER A 134 38.50 35.71 28.31
C SER A 134 38.44 34.42 29.11
N GLU A 135 37.54 33.50 28.83
CA GLU A 135 37.89 32.06 28.72
C GLU A 135 38.96 31.69 27.72
N ARG A 136 39.22 32.46 26.67
CA ARG A 136 40.31 32.04 25.81
C ARG A 136 41.65 32.34 26.43
N GLY A 137 41.77 33.49 27.07
CA GLY A 137 43.07 34.01 27.37
C GLY A 137 43.48 34.94 26.25
N CYS A 138 44.76 35.25 26.22
CA CYS A 138 45.31 36.15 25.22
C CYS A 138 45.39 35.50 23.84
N HIS A 139 44.61 34.44 23.61
CA HIS A 139 44.59 33.81 22.28
C HIS A 139 44.07 34.77 21.22
N ALA A 140 43.34 35.82 21.62
CA ALA A 140 42.79 36.76 20.66
C ALA A 140 43.91 37.52 19.95
N GLU A 141 44.86 38.04 20.73
CA GLU A 141 45.94 38.80 20.15
C GLU A 141 46.94 37.91 19.44
N ASP A 142 46.99 36.61 19.77
CA ASP A 142 47.80 35.74 18.93
C ASP A 142 47.23 35.67 17.53
N PHE A 143 45.90 35.52 17.43
CA PHE A 143 45.24 35.36 16.15
C PHE A 143 45.38 36.59 15.25
N LEU A 144 45.20 37.78 15.82
CA LEU A 144 45.20 39.01 15.02
C LEU A 144 46.54 39.25 14.36
N LYS A 145 47.58 38.58 14.84
CA LYS A 145 48.93 38.73 14.33
C LYS A 145 49.08 38.00 12.99
N HIS A 146 48.13 37.12 12.66
CA HIS A 146 48.01 36.51 11.34
C HIS A 146 47.20 37.37 10.38
N ILE A 147 46.58 38.44 10.86
CA ILE A 147 45.71 39.30 10.05
C ILE A 147 46.52 40.48 9.53
N SER A 148 46.35 40.79 8.25
CA SER A 148 46.93 41.96 7.62
C SER A 148 45.83 42.72 6.88
N TYR A 149 46.03 44.02 6.70
CA TYR A 149 45.07 44.83 5.97
C TYR A 149 45.59 45.15 4.58
N PHE A 150 44.64 45.33 3.65
CA PHE A 150 44.96 45.70 2.27
C PHE A 150 43.83 46.60 1.78
N CYS A 151 44.19 47.80 1.33
CA CYS A 151 43.23 48.76 0.82
C CYS A 151 43.28 48.79 -0.70
N GLY A 152 42.13 48.57 -1.33
CA GLY A 152 42.07 48.54 -2.78
C GLY A 152 40.64 48.46 -3.23
N ALA A 153 40.44 48.42 -4.55
CA ALA A 153 39.12 48.45 -5.14
C ALA A 153 38.72 47.06 -5.62
N TYR A 154 37.42 46.79 -5.60
CA TYR A 154 36.90 45.47 -5.96
C TYR A 154 36.88 45.23 -7.47
N ASP A 155 37.37 46.16 -8.29
CA ASP A 155 37.36 45.99 -9.73
C ASP A 155 38.69 46.30 -10.42
N SER A 156 39.69 46.80 -9.71
CA SER A 156 40.92 47.25 -10.34
C SER A 156 41.84 46.06 -10.56
N VAL A 157 42.00 45.65 -11.83
CA VAL A 157 42.90 44.55 -12.17
C VAL A 157 44.33 44.86 -11.73
N ASP A 158 44.69 46.14 -11.69
CA ASP A 158 46.01 46.51 -11.20
C ASP A 158 46.11 46.31 -9.69
N ASP A 159 45.01 46.59 -8.97
CA ASP A 159 45.03 46.41 -7.51
C ASP A 159 45.14 44.94 -7.13
N PHE A 160 44.60 44.03 -7.95
CA PHE A 160 44.74 42.61 -7.67
C PHE A 160 46.14 42.10 -7.95
N LYS A 161 46.84 42.71 -8.90
CA LYS A 161 48.24 42.34 -9.12
C LYS A 161 49.11 42.82 -7.97
N ARG A 162 48.70 43.90 -7.31
CA ARG A 162 49.38 44.32 -6.08
C ARG A 162 49.01 43.42 -4.92
N LEU A 163 47.78 42.90 -4.90
CA LEU A 163 47.40 41.89 -3.92
C LEU A 163 48.15 40.58 -4.16
N ASP A 164 48.20 40.12 -5.42
CA ASP A 164 48.95 38.93 -5.75
C ASP A 164 50.40 39.03 -5.27
N ALA A 165 50.99 40.21 -5.36
CA ALA A 165 52.35 40.40 -4.85
C ALA A 165 52.39 40.26 -3.33
N VAL A 166 51.43 40.87 -2.63
CA VAL A 166 51.44 40.80 -1.17
C VAL A 166 51.10 39.39 -0.71
N ILE A 167 50.31 38.65 -1.50
CA ILE A 167 50.00 37.27 -1.14
C ILE A 167 51.23 36.41 -1.36
N ARG A 168 51.96 36.64 -2.45
CA ARG A 168 53.18 35.89 -2.72
C ARG A 168 54.27 36.22 -1.72
N GLU A 169 54.10 37.31 -0.97
CA GLU A 169 55.03 37.69 0.08
C GLU A 169 54.63 37.10 1.42
N LYS A 170 53.43 36.54 1.53
CA LYS A 170 53.04 35.72 2.67
C LYS A 170 53.07 34.23 2.36
N GLU A 171 52.93 33.87 1.08
CA GLU A 171 53.16 32.49 0.65
C GLU A 171 54.62 32.10 0.77
N ASN A 172 55.52 33.05 0.50
CA ASN A 172 56.94 32.76 0.53
C ASN A 172 57.52 32.64 1.92
N ALA A 173 56.81 33.11 2.95
CA ALA A 173 57.28 32.98 4.33
C ALA A 173 56.98 31.62 4.96
N PHE A 174 56.60 30.65 4.14
CA PHE A 174 56.16 29.34 4.60
C PHE A 174 57.34 28.38 4.61
N LYS A 175 57.57 27.74 5.75
CA LYS A 175 58.66 26.80 5.94
C LYS A 175 58.26 25.37 5.55
N GLY A 176 57.25 25.23 4.70
CA GLY A 176 56.85 23.91 4.30
C GLY A 176 57.72 23.43 3.15
N PRO A 177 57.70 22.11 2.91
CA PRO A 177 58.49 21.56 1.80
C PRO A 177 57.84 21.82 0.46
N GLU A 178 56.55 21.53 0.50
CA GLU A 178 55.49 21.87 -0.45
C GLU A 178 55.62 23.23 -1.16
N LYS A 179 55.26 23.25 -2.45
CA LYS A 179 55.31 24.46 -3.25
C LYS A 179 54.09 25.35 -2.96
N GLY A 180 54.12 26.57 -3.50
CA GLY A 180 52.87 27.24 -3.79
C GLY A 180 52.15 27.80 -2.57
N GLY A 181 50.83 27.91 -2.73
CA GLY A 181 49.96 28.38 -1.67
C GLY A 181 48.50 28.17 -2.04
N ASN A 182 47.66 27.93 -1.04
CA ASN A 182 46.23 27.79 -1.26
C ASN A 182 45.54 29.11 -0.94
N ARG A 183 44.55 29.47 -1.74
CA ARG A 183 43.92 30.78 -1.66
C ARG A 183 42.42 30.59 -1.55
N LEU A 184 41.86 31.05 -0.43
CA LEU A 184 40.42 31.07 -0.22
C LEU A 184 39.96 32.52 -0.19
N PHE A 185 39.14 32.88 -1.17
CA PHE A 185 38.59 34.23 -1.27
C PHE A 185 37.18 34.20 -0.71
N TYR A 186 36.94 35.00 0.32
CA TYR A 186 35.61 35.12 0.94
C TYR A 186 34.99 36.44 0.52
N LEU A 187 33.87 36.36 -0.20
CA LEU A 187 33.19 37.54 -0.75
C LEU A 187 32.09 37.98 0.21
N ALA A 188 32.47 38.72 1.24
CA ALA A 188 31.50 39.28 2.18
C ALA A 188 30.87 40.56 1.62
N LEU A 189 30.30 40.43 0.43
CA LEU A 189 29.81 41.54 -0.36
C LEU A 189 28.41 41.27 -0.88
N PRO A 190 27.70 42.30 -1.34
CA PRO A 190 26.46 42.07 -2.09
C PRO A 190 26.75 41.41 -3.43
N PRO A 191 25.77 40.69 -4.00
CA PRO A 191 26.02 39.91 -5.22
C PRO A 191 26.36 40.75 -6.44
N SER A 192 25.98 42.03 -6.47
CA SER A 192 26.27 42.85 -7.64
C SER A 192 27.77 43.06 -7.83
N VAL A 193 28.55 42.94 -6.75
CA VAL A 193 30.00 43.09 -6.83
C VAL A 193 30.68 41.78 -7.22
N PHE A 194 29.96 40.65 -7.13
CA PHE A 194 30.60 39.33 -7.27
C PHE A 194 31.32 39.19 -8.61
N ALA A 195 30.62 39.50 -9.70
CA ALA A 195 31.17 39.26 -11.03
C ALA A 195 32.48 39.98 -11.27
N SER A 196 32.70 41.13 -10.64
CA SER A 196 33.92 41.89 -10.93
C SER A 196 35.11 41.44 -10.08
N VAL A 197 34.89 41.00 -8.84
CA VAL A 197 36.02 40.49 -8.07
C VAL A 197 36.44 39.12 -8.58
N CYS A 198 35.52 38.33 -9.13
CA CYS A 198 35.90 37.04 -9.67
C CYS A 198 36.62 37.16 -11.01
N GLU A 199 36.38 38.25 -11.74
CA GLU A 199 37.19 38.53 -12.92
C GLU A 199 38.54 39.12 -12.52
N SER A 200 38.56 39.95 -11.48
CA SER A 200 39.82 40.52 -11.01
C SER A 200 40.76 39.45 -10.45
N ILE A 201 40.22 38.50 -9.68
CA ILE A 201 41.05 37.37 -9.23
C ILE A 201 41.59 36.62 -10.43
N HIS A 202 40.74 36.38 -11.43
CA HIS A 202 41.13 35.60 -12.58
C HIS A 202 42.28 36.24 -13.33
N LYS A 203 42.22 37.57 -13.54
CA LYS A 203 43.22 38.22 -14.37
C LYS A 203 44.51 38.56 -13.63
N GLY A 204 44.48 38.64 -12.30
CA GLY A 204 45.67 39.05 -11.58
C GLY A 204 45.98 38.39 -10.25
N ALA A 205 45.14 37.47 -9.78
CA ALA A 205 45.29 36.98 -8.42
C ALA A 205 45.09 35.47 -8.28
N MET A 206 45.14 34.73 -9.39
CA MET A 206 45.04 33.28 -9.34
C MET A 206 46.27 32.69 -8.66
N PRO A 207 46.17 31.49 -8.10
CA PRO A 207 47.29 30.90 -7.36
C PRO A 207 48.49 30.67 -8.28
N GLN A 208 49.66 30.57 -7.65
CA GLN A 208 50.89 30.31 -8.38
C GLN A 208 50.75 29.09 -9.27
N GLU A 209 51.49 29.09 -10.38
CA GLU A 209 51.49 27.95 -11.27
C GLU A 209 52.27 26.77 -10.70
N VAL A 210 53.15 27.00 -9.72
CA VAL A 210 53.84 25.91 -9.05
C VAL A 210 52.91 25.06 -8.18
N GLY A 211 51.80 25.61 -7.70
CA GLY A 211 50.85 24.79 -6.98
C GLY A 211 49.92 25.52 -6.02
N GLY A 212 48.73 24.97 -5.82
CA GLY A 212 47.76 25.50 -4.89
C GLY A 212 46.41 25.61 -5.59
N TRP A 213 45.35 25.54 -4.80
CA TRP A 213 44.01 25.73 -5.35
C TRP A 213 43.49 27.13 -5.02
N VAL A 214 42.43 27.50 -5.72
CA VAL A 214 41.67 28.72 -5.44
C VAL A 214 40.23 28.33 -5.21
N ARG A 215 39.64 28.82 -4.12
CA ARG A 215 38.25 28.59 -3.81
C ARG A 215 37.60 29.90 -3.39
N VAL A 216 36.40 30.15 -3.90
CA VAL A 216 35.67 31.38 -3.63
C VAL A 216 34.39 31.03 -2.89
N ILE A 217 34.18 31.65 -1.74
CA ILE A 217 32.94 31.53 -0.98
C ILE A 217 32.14 32.78 -1.30
N ILE A 218 30.94 32.60 -1.84
CA ILE A 218 30.08 33.73 -2.17
C ILE A 218 28.83 33.63 -1.31
N GLU A 219 28.30 34.79 -0.93
CA GLU A 219 27.37 34.88 0.18
C GLU A 219 25.93 35.00 -0.29
N LYS A 220 25.05 35.14 0.70
CA LYS A 220 23.72 34.55 0.72
C LYS A 220 22.88 34.73 -0.55
N PRO A 221 22.49 35.95 -0.96
CA PRO A 221 21.47 36.03 -2.01
C PRO A 221 22.05 35.69 -3.37
N PHE A 222 21.73 34.50 -3.87
CA PHE A 222 22.13 34.07 -5.22
C PHE A 222 20.95 34.31 -6.15
N GLY A 223 20.80 35.55 -6.57
CA GLY A 223 19.68 35.90 -7.42
C GLY A 223 18.41 36.04 -6.59
N ARG A 224 17.30 36.26 -7.29
CA ARG A 224 16.00 36.31 -6.62
C ARG A 224 14.92 35.57 -7.40
N ASP A 225 15.27 34.89 -8.48
CA ASP A 225 14.38 34.00 -9.20
C ASP A 225 15.21 33.28 -10.25
N THR A 226 14.54 32.50 -11.10
CA THR A 226 15.26 31.65 -12.05
C THR A 226 16.18 32.48 -12.94
N LYS A 227 15.69 33.56 -13.53
CA LYS A 227 16.51 34.29 -14.48
C LYS A 227 17.56 35.16 -13.78
N SER A 228 17.19 35.83 -12.67
CA SER A 228 18.18 36.58 -11.91
C SER A 228 19.37 35.70 -11.51
N SER A 229 19.10 34.51 -11.00
CA SER A 229 20.17 33.68 -10.47
C SER A 229 20.89 32.90 -11.55
N ALA A 230 20.22 32.59 -12.66
CA ALA A 230 20.93 32.01 -13.79
C ALA A 230 21.95 33.00 -14.34
N GLU A 231 21.57 34.28 -14.42
CA GLU A 231 22.48 35.32 -14.90
C GLU A 231 23.73 35.42 -14.03
N LEU A 232 23.56 35.43 -12.72
CA LEU A 232 24.70 35.56 -11.81
C LEU A 232 25.66 34.39 -11.96
N SER A 233 25.14 33.18 -12.20
CA SER A 233 26.04 32.03 -12.31
C SER A 233 26.76 31.98 -13.65
N GLN A 234 26.15 32.47 -14.75
CA GLN A 234 26.90 32.51 -15.99
C GLN A 234 27.91 33.65 -16.00
N ALA A 235 27.70 34.65 -15.15
CA ALA A 235 28.70 35.71 -14.99
C ALA A 235 29.96 35.16 -14.31
N LEU A 236 29.80 34.14 -13.46
CA LEU A 236 30.92 33.53 -12.77
C LEU A 236 31.42 32.25 -13.44
N GLU A 237 30.62 31.66 -14.32
CA GLU A 237 31.03 30.46 -15.07
C GLU A 237 32.38 30.58 -15.76
N PRO A 238 32.72 31.67 -16.46
CA PRO A 238 33.99 31.69 -17.21
C PRO A 238 35.23 31.72 -16.32
N PHE A 239 35.08 31.92 -15.01
CA PHE A 239 36.23 32.05 -14.14
C PHE A 239 36.43 30.87 -13.20
N PHE A 240 35.36 30.21 -12.76
CA PHE A 240 35.48 29.14 -11.78
C PHE A 240 34.42 28.07 -12.04
N ASP A 241 34.82 26.81 -11.92
CA ASP A 241 33.89 25.70 -12.05
C ASP A 241 33.28 25.36 -10.69
N GLU A 242 32.42 24.34 -10.67
CA GLU A 242 31.73 23.99 -9.43
C GLU A 242 32.69 23.41 -8.40
N SER A 243 33.84 22.90 -8.84
CA SER A 243 34.88 22.48 -7.92
C SER A 243 35.51 23.66 -7.18
N GLN A 244 35.32 24.89 -7.67
CA GLN A 244 35.96 26.06 -7.09
C GLN A 244 35.00 27.05 -6.45
N LEU A 245 33.71 27.01 -6.79
CA LEU A 245 32.73 27.93 -6.24
C LEU A 245 31.99 27.27 -5.08
N TYR A 246 31.87 28.00 -3.96
CA TYR A 246 31.28 27.49 -2.72
C TYR A 246 30.19 28.46 -2.27
N ARG A 247 28.95 28.21 -2.68
CA ARG A 247 27.83 29.08 -2.30
C ARG A 247 27.40 28.70 -0.89
N ILE A 248 27.65 29.61 0.08
CA ILE A 248 27.48 29.32 1.50
C ILE A 248 26.05 29.61 1.95
N ASP A 249 25.59 28.80 2.92
CA ASP A 249 24.28 28.93 3.58
C ASP A 249 24.48 28.71 5.08
N HIS A 250 24.72 29.79 5.84
CA HIS A 250 25.19 29.67 7.22
C HIS A 250 24.23 28.94 8.15
N TYR A 251 23.04 28.57 7.67
CA TYR A 251 22.02 27.96 8.52
C TYR A 251 21.99 26.43 8.48
N LEU A 252 22.81 25.77 7.66
CA LEU A 252 22.74 24.31 7.58
C LEU A 252 23.59 23.59 8.63
N GLY A 253 24.92 23.69 8.53
CA GLY A 253 25.78 23.04 9.50
C GLY A 253 25.97 21.55 9.27
N LYS A 254 27.19 21.05 9.53
CA LYS A 254 27.51 19.64 9.33
C LYS A 254 26.74 18.71 10.27
N GLU A 255 26.43 19.17 11.49
CA GLU A 255 25.87 18.27 12.49
C GLU A 255 24.53 17.71 12.05
N MET A 256 23.68 18.52 11.42
CA MET A 256 22.34 18.05 11.09
C MET A 256 22.28 17.28 9.78
N VAL A 257 23.26 17.46 8.89
CA VAL A 257 23.25 16.66 7.66
C VAL A 257 23.82 15.28 7.95
N GLN A 258 24.72 15.18 8.94
CA GLN A 258 25.17 13.86 9.33
C GLN A 258 24.10 13.09 10.09
N ASN A 259 23.11 13.78 10.66
CA ASN A 259 21.97 13.07 11.22
C ASN A 259 21.06 12.56 10.12
N ILE A 260 20.79 13.39 9.12
CA ILE A 260 19.91 13.01 8.02
C ILE A 260 20.53 11.89 7.19
N ILE A 261 21.84 11.97 6.93
CA ILE A 261 22.48 11.02 6.03
C ILE A 261 22.81 9.71 6.71
N THR A 262 23.42 9.77 7.89
CA THR A 262 23.95 8.54 8.50
C THR A 262 22.86 7.68 9.12
N THR A 263 21.90 8.29 9.82
CA THR A 263 20.87 7.51 10.47
C THR A 263 20.07 6.69 9.47
N ARG A 264 19.76 7.26 8.30
CA ARG A 264 18.92 6.52 7.35
C ARG A 264 19.73 5.54 6.52
N PHE A 265 20.95 5.90 6.10
CA PHE A 265 21.64 5.12 5.07
C PHE A 265 22.60 4.09 5.62
N ALA A 266 23.00 4.20 6.89
CA ALA A 266 23.83 3.20 7.52
C ALA A 266 23.02 2.17 8.29
N ASN A 267 21.71 2.37 8.43
CA ASN A 267 20.85 1.53 9.26
C ASN A 267 19.70 1.01 8.41
N ARG A 268 19.52 -0.31 8.39
CA ARG A 268 18.42 -0.88 7.60
C ARG A 268 17.06 -0.61 8.25
N ILE A 269 17.02 -0.43 9.57
CA ILE A 269 15.75 -0.14 10.24
C ILE A 269 15.12 1.10 9.64
N PHE A 270 15.91 2.15 9.44
CA PHE A 270 15.41 3.40 8.89
C PHE A 270 15.43 3.40 7.37
N SER A 271 16.43 2.74 6.77
CA SER A 271 16.51 2.71 5.31
C SER A 271 15.29 2.04 4.70
N ALA A 272 14.75 1.01 5.36
CA ALA A 272 13.63 0.26 4.82
C ALA A 272 12.30 0.99 4.96
N VAL A 273 12.20 1.94 5.89
CA VAL A 273 10.95 2.67 6.11
C VAL A 273 11.01 4.07 5.52
N TRP A 274 12.05 4.40 4.77
CA TRP A 274 12.29 5.76 4.30
C TRP A 274 11.74 5.93 2.89
N ASN A 275 10.42 5.78 2.78
CA ASN A 275 9.73 5.82 1.50
C ASN A 275 8.24 6.08 1.77
N ALA A 276 7.45 6.04 0.71
CA ALA A 276 6.04 6.36 0.81
C ALA A 276 5.22 5.25 1.47
N SER A 277 5.72 4.01 1.47
CA SER A 277 4.95 2.91 2.02
C SER A 277 4.85 2.94 3.53
N ASN A 278 5.72 3.71 4.21
CA ASN A 278 5.70 3.80 5.65
C ASN A 278 5.63 5.22 6.19
N ILE A 279 5.86 6.24 5.38
CA ILE A 279 5.88 7.63 5.83
C ILE A 279 4.58 8.31 5.40
N ALA A 280 4.01 9.10 6.30
CA ALA A 280 2.75 9.80 6.03
C ALA A 280 2.93 11.29 5.81
N CYS A 281 3.82 11.94 6.53
CA CYS A 281 3.96 13.39 6.43
C CYS A 281 5.29 13.82 7.05
N VAL A 282 5.99 14.71 6.37
CA VAL A 282 7.24 15.29 6.86
C VAL A 282 7.12 16.81 6.80
N GLN A 283 7.53 17.48 7.88
CA GLN A 283 7.41 18.93 7.99
C GLN A 283 8.76 19.51 8.37
N ILE A 284 9.27 20.43 7.56
CA ILE A 284 10.50 21.15 7.81
C ILE A 284 10.14 22.57 8.22
N THR A 285 10.63 22.98 9.40
CA THR A 285 10.19 24.23 10.02
C THR A 285 11.38 25.09 10.40
N PHE A 286 11.28 26.39 10.13
CA PHE A 286 12.25 27.41 10.52
C PHE A 286 11.49 28.44 11.33
N LYS A 287 11.80 28.55 12.63
CA LYS A 287 11.16 29.53 13.48
C LYS A 287 12.17 30.48 14.11
N GLU A 288 11.73 31.71 14.33
CA GLU A 288 12.50 32.71 15.04
C GLU A 288 11.54 33.55 15.86
N THR A 289 11.92 33.86 17.11
CA THR A 289 11.14 34.77 17.93
C THR A 289 11.37 36.23 17.55
N ILE A 290 12.46 36.51 16.87
CA ILE A 290 12.87 37.88 16.55
C ILE A 290 12.14 38.40 15.33
N GLY A 291 11.85 39.69 15.34
CA GLY A 291 11.28 40.39 14.20
C GLY A 291 12.32 40.72 13.15
N THR A 292 12.11 41.84 12.45
CA THR A 292 13.05 42.32 11.46
C THR A 292 14.13 43.18 12.08
N GLU A 293 14.09 43.34 13.41
CA GLU A 293 15.03 44.14 14.21
C GLU A 293 15.08 45.58 13.75
N GLY A 294 14.03 46.03 13.10
CA GLY A 294 14.09 47.33 12.51
C GLY A 294 14.81 47.37 11.18
N ARG A 295 15.25 46.23 10.62
CA ARG A 295 15.93 46.26 9.32
C ARG A 295 14.87 45.95 8.27
N GLY A 296 13.62 46.37 8.45
CA GLY A 296 12.55 45.80 7.65
C GLY A 296 12.53 46.07 6.15
N GLY A 297 12.93 47.27 5.72
CA GLY A 297 12.86 47.60 4.30
C GLY A 297 13.73 46.75 3.43
N TYR A 298 14.38 45.77 4.04
CA TYR A 298 15.71 45.36 3.65
C TYR A 298 15.52 43.91 3.29
N PHE A 299 14.64 43.34 4.13
CA PHE A 299 13.76 42.18 3.97
C PHE A 299 12.65 42.43 2.95
N ASP A 300 12.15 43.67 2.85
CA ASP A 300 10.93 43.91 2.08
C ASP A 300 11.07 43.49 0.62
N ASN A 301 12.27 43.52 0.07
CA ASN A 301 12.49 43.05 -1.29
C ASN A 301 12.87 41.58 -1.37
N ILE A 302 13.07 40.91 -0.23
CA ILE A 302 13.49 39.52 -0.22
C ILE A 302 12.28 38.61 -0.01
N GLY A 303 11.64 38.73 1.13
CA GLY A 303 10.55 37.84 1.48
C GLY A 303 11.05 36.57 2.15
N ILE A 304 10.29 36.04 3.10
CA ILE A 304 10.77 34.93 3.91
C ILE A 304 11.03 33.70 3.05
N ILE A 305 10.30 33.55 1.95
CA ILE A 305 10.51 32.40 1.06
C ILE A 305 11.94 32.44 0.50
N ARG A 306 12.35 33.59 -0.04
CA ARG A 306 13.70 33.70 -0.58
C ARG A 306 14.74 33.70 0.54
N ASP A 307 14.34 34.14 1.74
CA ASP A 307 15.29 34.29 2.83
C ASP A 307 15.81 32.94 3.32
N VAL A 308 14.91 32.00 3.60
CA VAL A 308 15.31 30.70 4.14
C VAL A 308 14.70 29.52 3.42
N MET A 309 13.58 29.68 2.72
CA MET A 309 12.85 28.51 2.22
C MET A 309 13.45 27.95 0.93
N GLN A 310 13.65 28.81 -0.07
CA GLN A 310 14.16 28.32 -1.35
C GLN A 310 15.59 27.79 -1.22
N ASN A 311 16.37 28.33 -0.28
CA ASN A 311 17.78 27.97 -0.16
C ASN A 311 18.03 26.98 0.98
N HIS A 312 17.68 27.36 2.22
CA HIS A 312 18.08 26.54 3.36
C HIS A 312 17.18 25.32 3.53
N LEU A 313 15.88 25.54 3.72
CA LEU A 313 14.97 24.43 3.96
C LEU A 313 14.86 23.50 2.75
N THR A 314 15.01 24.03 1.54
CA THR A 314 14.97 23.17 0.36
C THR A 314 16.19 22.27 0.31
N GLN A 315 17.34 22.76 0.76
CA GLN A 315 18.54 21.93 0.86
C GLN A 315 18.35 20.84 1.89
N ILE A 316 17.71 21.19 3.01
CA ILE A 316 17.33 20.21 4.01
C ILE A 316 16.41 19.16 3.42
N LEU A 317 15.36 19.61 2.70
CA LEU A 317 14.43 18.67 2.07
C LEU A 317 15.14 17.78 1.07
N ALA A 318 16.12 18.32 0.36
CA ALA A 318 16.89 17.53 -0.60
C ALA A 318 17.58 16.37 0.08
N LEU A 319 18.16 16.61 1.27
CA LEU A 319 18.90 15.57 1.98
C LEU A 319 17.97 14.46 2.49
N LEU A 320 16.75 14.81 2.89
CA LEU A 320 15.82 13.79 3.38
C LEU A 320 15.36 12.88 2.24
N ALA A 321 15.08 13.45 1.08
CA ALA A 321 14.38 12.74 0.01
C ALA A 321 15.30 12.13 -1.04
N MET A 322 16.60 12.40 -0.97
CA MET A 322 17.50 11.92 -2.01
C MET A 322 17.55 10.40 -2.01
N GLU A 323 17.69 9.83 -3.20
CA GLU A 323 17.92 8.39 -3.32
C GLU A 323 19.33 8.06 -2.85
N LYS A 324 19.62 6.76 -2.78
CA LYS A 324 20.92 6.33 -2.28
C LYS A 324 22.04 6.82 -3.20
N PRO A 325 22.98 7.61 -2.68
CA PRO A 325 24.16 7.95 -3.47
C PRO A 325 25.10 6.77 -3.51
N ARG A 326 25.71 6.59 -4.64
CA ARG A 326 26.50 5.39 -4.74
C ARG A 326 27.93 5.58 -4.16
N SER A 327 28.20 6.75 -3.56
CA SER A 327 29.31 6.92 -2.61
C SER A 327 28.91 8.00 -1.63
N LEU A 328 29.81 8.29 -0.68
CA LEU A 328 29.65 9.43 0.21
C LEU A 328 30.54 10.60 -0.21
N ASP A 329 31.13 10.54 -1.40
CA ASP A 329 31.83 11.69 -1.93
C ASP A 329 30.86 12.83 -2.18
N ALA A 330 31.35 14.06 -1.98
CA ALA A 330 30.48 15.23 -1.96
C ALA A 330 29.68 15.35 -3.25
N GLU A 331 30.31 15.08 -4.40
CA GLU A 331 29.62 15.31 -5.66
C GLU A 331 28.71 14.16 -6.07
N CYS A 332 28.82 13.00 -5.42
CA CYS A 332 27.80 11.98 -5.59
C CYS A 332 26.60 12.24 -4.70
N ILE A 333 26.82 12.86 -3.54
CA ILE A 333 25.70 13.32 -2.72
C ILE A 333 24.97 14.45 -3.41
N ARG A 334 25.72 15.43 -3.94
CA ARG A 334 25.09 16.52 -4.68
C ARG A 334 24.43 16.00 -5.94
N ASP A 335 25.00 14.95 -6.55
CA ASP A 335 24.36 14.34 -7.71
C ASP A 335 22.94 13.86 -7.38
N GLU A 336 22.78 13.22 -6.23
CA GLU A 336 21.46 12.78 -5.83
C GLU A 336 20.59 13.92 -5.31
N LYS A 337 21.19 15.04 -4.92
CA LYS A 337 20.40 16.19 -4.49
C LYS A 337 19.73 16.93 -5.65
N VAL A 338 20.41 17.08 -6.79
CA VAL A 338 19.76 17.68 -7.96
C VAL A 338 18.80 16.65 -8.53
N SER A 339 19.15 15.38 -8.32
CA SER A 339 18.38 14.22 -8.74
C SER A 339 16.96 14.27 -8.27
N VAL A 340 16.76 14.63 -7.00
CA VAL A 340 15.44 14.52 -6.39
C VAL A 340 14.69 15.83 -6.56
N LEU A 341 15.43 16.94 -6.58
CA LEU A 341 14.81 18.24 -6.82
C LEU A 341 14.21 18.34 -8.22
N LYS A 342 14.72 17.58 -9.18
CA LYS A 342 14.13 17.53 -10.51
C LYS A 342 12.75 16.89 -10.53
N CYS A 343 12.34 16.21 -9.46
CA CYS A 343 11.04 15.55 -9.39
C CYS A 343 9.98 16.39 -8.71
N ILE A 344 10.31 17.59 -8.24
CA ILE A 344 9.37 18.42 -7.50
C ILE A 344 8.56 19.22 -8.49
N GLU A 345 7.25 19.06 -8.45
CA GLU A 345 6.40 19.93 -9.25
C GLU A 345 6.45 21.33 -8.63
N PRO A 346 6.47 22.38 -9.44
CA PRO A 346 6.62 23.73 -8.87
C PRO A 346 5.49 24.05 -7.91
N ILE A 347 5.85 24.68 -6.80
CA ILE A 347 4.87 25.06 -5.79
C ILE A 347 3.79 25.91 -6.43
N THR A 348 2.53 25.63 -6.09
CA THR A 348 1.42 26.39 -6.63
C THR A 348 0.77 27.20 -5.53
N LYS A 349 0.17 28.33 -5.94
CA LYS A 349 -0.31 29.32 -4.97
C LYS A 349 -1.47 28.79 -4.15
N GLU A 350 -2.28 27.89 -4.71
CA GLU A 350 -3.35 27.27 -3.94
C GLU A 350 -2.78 26.48 -2.78
N ASN A 351 -1.54 26.00 -2.93
CA ASN A 351 -0.84 25.22 -1.91
C ASN A 351 0.03 26.09 -1.01
N CYS A 352 -0.40 27.32 -0.71
CA CYS A 352 0.46 28.27 -0.02
C CYS A 352 -0.37 29.27 0.76
N VAL A 353 0.11 29.62 1.95
CA VAL A 353 -0.50 30.65 2.80
C VAL A 353 0.61 31.49 3.40
N LEU A 354 0.42 32.81 3.43
CA LEU A 354 1.44 33.76 3.83
C LEU A 354 0.96 34.57 5.03
N GLY A 355 1.93 35.06 5.84
CA GLY A 355 1.61 35.87 6.99
C GLY A 355 2.54 37.06 7.13
N GLN A 356 2.12 38.01 7.97
CA GLN A 356 2.90 39.20 8.29
C GLN A 356 2.70 39.57 9.75
N TYR A 357 3.80 39.71 10.48
CA TYR A 357 3.71 39.85 11.94
C TYR A 357 3.41 41.28 12.35
N THR A 358 2.56 41.42 13.36
CA THR A 358 2.12 42.68 13.93
C THR A 358 2.57 42.78 15.39
N ALA A 359 2.17 43.87 16.04
CA ALA A 359 2.53 44.14 17.43
C ALA A 359 2.06 43.02 18.35
N SER A 360 2.76 42.87 19.47
CA SER A 360 2.50 41.79 20.41
C SER A 360 1.51 42.23 21.49
N ALA A 361 0.86 41.24 22.09
CA ALA A 361 -0.09 41.54 23.17
C ALA A 361 0.64 42.09 24.40
N ASP A 362 1.86 41.61 24.67
CA ASP A 362 2.70 42.24 25.67
C ASP A 362 3.08 43.67 25.28
N GLY A 363 3.25 43.91 23.98
CA GLY A 363 3.82 45.15 23.48
C GLY A 363 5.33 45.15 23.44
N SER A 364 5.96 44.00 23.72
CA SER A 364 7.40 43.90 23.77
C SER A 364 8.03 43.81 22.38
N ILE A 365 7.24 43.48 21.37
CA ILE A 365 7.70 43.43 19.99
C ILE A 365 6.82 44.37 19.18
N PRO A 366 7.39 45.35 18.48
CA PRO A 366 6.60 46.17 17.56
C PRO A 366 6.30 45.44 16.27
N GLY A 367 5.20 45.86 15.63
CA GLY A 367 4.81 45.25 14.38
C GLY A 367 5.83 45.43 13.28
N TYR A 368 5.71 44.59 12.25
CA TYR A 368 6.58 44.70 11.08
C TYR A 368 6.38 46.02 10.37
N LEU A 369 5.13 46.46 10.24
CA LEU A 369 4.82 47.74 9.61
C LEU A 369 4.99 48.91 10.57
N GLU A 370 5.13 48.67 11.87
CA GLU A 370 5.49 49.70 12.86
C GLU A 370 6.96 50.13 12.72
N ASP A 371 7.59 49.61 11.67
CA ASP A 371 8.95 49.94 11.31
C ASP A 371 8.98 51.11 10.34
N VAL A 372 9.91 52.03 10.57
CA VAL A 372 10.06 53.16 9.66
C VAL A 372 10.67 52.76 8.32
N THR A 373 11.43 51.66 8.29
CA THR A 373 12.14 51.26 7.09
C THR A 373 11.22 50.66 6.02
N VAL A 374 10.03 50.21 6.38
CA VAL A 374 9.17 49.43 5.50
C VAL A 374 8.14 50.35 4.85
N PRO A 375 7.90 50.25 3.56
CA PRO A 375 6.78 51.01 2.99
C PRO A 375 5.43 50.46 3.46
N GLU A 376 4.55 51.42 3.78
CA GLU A 376 3.12 51.41 3.47
C GLU A 376 2.74 50.50 2.32
N GLY A 377 1.70 49.72 2.63
CA GLY A 377 0.97 48.82 1.78
C GLY A 377 1.77 47.67 1.20
N SER A 378 2.85 47.24 1.86
CA SER A 378 3.68 46.18 1.30
C SER A 378 3.09 44.78 1.54
N THR A 379 3.17 43.94 0.51
CA THR A 379 2.68 42.56 0.59
C THR A 379 3.78 41.55 0.87
N CYS A 380 4.80 41.98 1.61
CA CYS A 380 5.96 41.14 1.88
C CYS A 380 5.63 40.17 3.01
N PRO A 381 5.89 38.88 2.83
CA PRO A 381 5.57 37.91 3.87
C PRO A 381 6.66 37.74 4.91
N THR A 382 6.28 37.81 6.19
CA THR A 382 7.16 37.41 7.28
C THR A 382 6.92 35.98 7.72
N PHE A 383 6.04 35.25 7.03
CA PHE A 383 5.61 33.93 7.42
C PHE A 383 5.06 33.22 6.19
N ALA A 384 5.43 31.96 6.02
CA ALA A 384 4.91 31.17 4.92
C ALA A 384 4.99 29.70 5.28
N VAL A 385 3.97 28.94 4.88
CA VAL A 385 3.98 27.48 4.95
C VAL A 385 3.38 26.95 3.65
N MET A 386 4.05 25.97 3.04
CA MET A 386 3.69 25.50 1.71
C MET A 386 3.70 23.99 1.66
N ARG A 387 3.10 23.44 0.60
CA ARG A 387 3.12 22.02 0.31
C ARG A 387 3.90 21.79 -0.97
N LEU A 388 4.81 20.82 -0.94
CA LEU A 388 5.61 20.43 -2.09
C LEU A 388 5.34 18.97 -2.42
N ASN A 389 5.19 18.67 -3.71
CA ASN A 389 4.92 17.30 -4.16
C ASN A 389 6.17 16.74 -4.85
N ILE A 390 6.85 15.83 -4.18
CA ILE A 390 7.92 15.05 -4.78
C ILE A 390 7.27 13.84 -5.46
N ASN A 391 7.49 13.69 -6.76
CA ASN A 391 6.78 12.69 -7.54
C ASN A 391 7.75 11.73 -8.20
N ASN A 392 8.04 10.64 -7.49
CA ASN A 392 8.80 9.51 -8.01
C ASN A 392 8.36 8.28 -7.21
N ASP A 393 8.93 7.13 -7.55
CA ASP A 393 8.53 5.90 -6.86
C ASP A 393 8.65 6.05 -5.35
N ARG A 394 9.77 6.62 -4.88
CA ARG A 394 10.04 6.67 -3.46
C ARG A 394 9.07 7.59 -2.71
N TRP A 395 8.59 8.65 -3.35
CA TRP A 395 7.91 9.71 -2.62
C TRP A 395 6.51 10.08 -3.10
N ALA A 396 6.03 9.53 -4.21
CA ALA A 396 4.71 9.87 -4.71
C ALA A 396 3.66 9.70 -3.62
N GLY A 397 2.89 10.76 -3.37
CA GLY A 397 1.85 10.78 -2.38
C GLY A 397 2.22 11.42 -1.05
N VAL A 398 3.49 11.36 -0.66
CA VAL A 398 3.91 11.91 0.63
C VAL A 398 3.89 13.44 0.55
N PRO A 399 3.16 14.12 1.44
CA PRO A 399 3.20 15.59 1.45
C PRO A 399 4.42 16.09 2.20
N PHE A 400 5.15 17.00 1.56
CA PHE A 400 6.29 17.67 2.17
C PHE A 400 5.90 19.11 2.47
N ILE A 401 6.02 19.52 3.73
CA ILE A 401 5.54 20.81 4.19
C ILE A 401 6.75 21.61 4.66
N LEU A 402 6.95 22.79 4.07
CA LEU A 402 7.99 23.72 4.47
C LEU A 402 7.34 24.88 5.19
N LYS A 403 7.92 25.29 6.32
CA LYS A 403 7.36 26.36 7.13
C LYS A 403 8.48 27.26 7.64
N ALA A 404 8.35 28.56 7.40
CA ALA A 404 9.26 29.56 7.95
C ALA A 404 8.45 30.71 8.53
N GLY A 405 8.92 31.25 9.64
CA GLY A 405 8.21 32.32 10.33
C GLY A 405 9.05 33.19 11.24
N LYS A 406 8.85 34.50 11.15
CA LYS A 406 9.48 35.46 12.05
C LYS A 406 8.51 35.93 13.12
N ALA A 407 9.06 36.25 14.29
CA ALA A 407 8.29 36.78 15.43
C ALA A 407 7.16 35.82 15.81
N VAL A 408 7.56 34.61 16.21
CA VAL A 408 6.61 33.55 16.53
C VAL A 408 6.87 32.97 17.91
N GLU A 409 6.14 31.89 18.21
CA GLU A 409 6.14 31.25 19.53
C GLU A 409 7.54 31.04 20.10
N GLN A 410 8.43 30.46 19.31
CA GLN A 410 9.70 29.99 19.81
C GLN A 410 10.72 30.01 18.68
N LYS A 411 11.97 29.72 19.02
CA LYS A 411 13.09 29.79 18.08
C LYS A 411 13.55 28.37 17.81
N TYR A 412 13.08 27.77 16.70
CA TYR A 412 13.55 26.43 16.39
C TYR A 412 13.33 26.03 14.93
N VAL A 413 14.41 25.51 14.34
CA VAL A 413 14.48 24.81 13.06
C VAL A 413 14.56 23.32 13.38
N ALA A 414 13.67 22.54 12.76
CA ALA A 414 13.57 21.12 13.09
C ALA A 414 12.93 20.36 11.94
N ILE A 415 13.21 19.07 11.87
CA ILE A 415 12.54 18.14 10.96
C ILE A 415 11.48 17.35 11.73
N ARG A 416 10.34 17.04 11.10
CA ARG A 416 9.28 16.26 11.76
C ARG A 416 8.90 15.27 10.68
N ILE A 417 9.11 13.98 10.88
CA ILE A 417 8.57 13.01 9.93
C ILE A 417 7.60 12.11 10.68
N GLN A 418 6.38 12.01 10.17
CA GLN A 418 5.34 11.16 10.75
C GLN A 418 5.11 9.95 9.86
N PHE A 419 5.35 8.77 10.41
CA PHE A 419 5.08 7.52 9.69
C PHE A 419 3.60 7.17 9.79
N ARG A 420 3.14 6.36 8.82
CA ARG A 420 1.74 5.96 8.80
C ARG A 420 1.39 5.18 10.07
N ASP A 421 0.17 5.37 10.55
CA ASP A 421 -0.27 4.68 11.75
C ASP A 421 -0.50 3.20 11.49
N GLU A 422 -0.13 2.38 12.45
CA GLU A 422 -0.56 0.98 12.46
C GLU A 422 -1.91 0.93 13.17
N VAL A 423 -2.98 0.94 12.37
CA VAL A 423 -4.33 0.99 12.94
C VAL A 423 -4.63 -0.30 13.69
N HIS A 424 -4.02 -1.40 13.28
CA HIS A 424 -4.29 -2.69 13.86
C HIS A 424 -3.00 -3.30 14.41
N PRO A 425 -3.07 -3.99 15.56
CA PRO A 425 -4.32 -4.21 16.29
C PRO A 425 -4.59 -3.20 17.41
N TYR A 426 -3.71 -2.22 17.59
CA TYR A 426 -3.75 -1.38 18.79
C TYR A 426 -4.75 -0.22 18.73
N GLY A 427 -5.31 0.09 17.56
CA GLY A 427 -6.33 1.12 17.46
C GLY A 427 -5.97 2.46 18.09
N GLU A 428 -6.71 2.85 19.14
CA GLU A 428 -6.51 4.12 19.80
C GLU A 428 -5.56 4.05 20.98
N ALA A 429 -4.92 2.90 21.20
CA ALA A 429 -3.83 2.83 22.17
C ALA A 429 -2.50 3.24 21.56
N THR A 430 -2.49 3.61 20.27
CA THR A 430 -1.29 4.03 19.58
C THR A 430 -1.62 5.15 18.61
N GLN A 431 -0.61 5.97 18.31
CA GLN A 431 -0.68 6.96 17.25
C GLN A 431 0.58 6.87 16.41
N ARG A 432 0.66 7.75 15.41
CA ARG A 432 1.73 7.67 14.42
C ARG A 432 3.11 7.80 15.05
N ASN A 433 4.01 6.92 14.64
CA ASN A 433 5.42 7.01 14.99
C ASN A 433 6.04 8.27 14.39
N GLU A 434 6.97 8.87 15.14
CA GLU A 434 7.56 10.14 14.74
C GLU A 434 9.07 10.13 14.93
N LEU A 435 9.80 10.45 13.86
CA LEU A 435 11.22 10.76 13.93
C LEU A 435 11.39 12.26 13.73
N VAL A 436 12.17 12.90 14.58
CA VAL A 436 12.44 14.32 14.47
C VAL A 436 13.94 14.54 14.49
N ILE A 437 14.41 15.49 13.69
CA ILE A 437 15.77 15.99 13.75
C ILE A 437 15.68 17.48 13.98
N ARG A 438 16.22 17.95 15.10
CA ARG A 438 16.25 19.36 15.44
C ARG A 438 17.70 19.78 15.65
N ALA A 439 18.22 20.64 14.75
CA ALA A 439 19.60 21.10 14.83
C ALA A 439 19.61 22.61 15.07
N GLN A 440 20.22 23.00 16.19
CA GLN A 440 20.34 24.37 16.67
C GLN A 440 21.56 24.53 17.57
N PRO A 441 21.63 25.65 18.29
CA PRO A 441 22.11 25.56 19.67
C PRO A 441 21.34 24.51 20.48
N SER A 442 20.07 24.26 20.16
CA SER A 442 19.24 23.25 20.82
C SER A 442 19.09 22.01 19.93
N GLU A 443 20.23 21.36 19.68
CA GLU A 443 20.25 20.12 18.91
C GLU A 443 19.51 18.99 19.64
N ALA A 444 18.83 18.15 18.86
CA ALA A 444 18.17 16.96 19.39
C ALA A 444 17.78 16.05 18.23
N MET A 445 17.90 14.74 18.45
CA MET A 445 17.38 13.75 17.52
C MET A 445 16.68 12.66 18.32
N TYR A 446 15.43 12.36 17.99
CA TYR A 446 14.74 11.32 18.73
C TYR A 446 13.61 10.71 17.91
N VAL A 447 13.28 9.46 18.25
CA VAL A 447 12.20 8.70 17.64
C VAL A 447 11.15 8.52 18.72
N LYS A 448 9.89 8.83 18.40
CA LYS A 448 8.82 8.76 19.38
C LYS A 448 7.81 7.70 18.96
N ILE A 449 7.65 6.66 19.79
CA ILE A 449 6.81 5.50 19.49
C ILE A 449 6.09 5.07 20.77
N THR A 450 5.17 4.10 20.62
CA THR A 450 4.38 3.59 21.73
C THR A 450 5.02 2.36 22.37
N THR A 451 5.03 2.35 23.70
CA THR A 451 5.55 1.23 24.48
C THR A 451 4.58 0.83 25.58
N LYS A 452 4.73 -0.42 26.01
CA LYS A 452 4.11 -0.92 27.24
C LYS A 452 4.43 -0.02 28.43
N VAL A 453 3.44 0.16 29.31
CA VAL A 453 3.73 0.80 30.59
C VAL A 453 4.01 -0.32 31.59
N PRO A 454 5.14 -0.29 32.30
CA PRO A 454 5.44 -1.38 33.25
C PRO A 454 4.53 -1.44 34.46
N GLY A 455 3.79 -0.39 34.78
CA GLY A 455 2.89 -0.44 35.92
C GLY A 455 1.81 -1.48 35.68
N LEU A 456 1.92 -2.61 36.37
CA LEU A 456 0.98 -3.70 36.21
C LEU A 456 -0.44 -3.45 36.70
N SER A 457 -1.29 -2.98 35.79
CA SER A 457 -2.64 -3.50 35.67
C SER A 457 -2.75 -4.30 34.37
N GLY A 458 -1.63 -4.93 34.02
CA GLY A 458 -1.49 -6.10 33.17
C GLY A 458 -2.39 -6.24 31.98
N ASP A 459 -2.53 -5.18 31.19
CA ASP A 459 -3.27 -5.22 29.94
C ASP A 459 -2.43 -4.65 28.81
N LEU A 460 -2.72 -5.10 27.59
CA LEU A 460 -2.01 -4.63 26.40
C LEU A 460 -2.53 -3.29 25.87
N ARG A 461 -3.81 -2.99 26.07
CA ARG A 461 -4.48 -1.79 25.55
C ARG A 461 -4.04 -0.55 26.30
N GLN A 462 -3.31 -0.84 27.35
CA GLN A 462 -2.77 -0.04 28.45
C GLN A 462 -1.37 0.45 28.05
N THR A 463 -1.30 1.39 27.09
CA THR A 463 -0.06 1.89 26.49
C THR A 463 0.18 3.39 26.68
N HIS A 464 1.45 3.80 26.48
CA HIS A 464 1.86 5.20 26.54
C HIS A 464 2.99 5.48 25.54
N GLN A 465 2.81 6.52 24.73
CA GLN A 465 3.87 7.01 23.84
C GLN A 465 5.00 7.64 24.64
N THR A 466 6.24 7.39 24.22
CA THR A 466 7.41 7.91 24.90
C THR A 466 8.43 8.35 23.85
N GLU A 467 9.49 9.01 24.31
CA GLU A 467 10.48 9.56 23.41
C GLU A 467 11.82 8.85 23.61
N LEU A 468 12.50 8.59 22.51
CA LEU A 468 13.76 7.85 22.48
C LEU A 468 14.82 8.67 21.77
N ASP A 469 15.86 9.06 22.50
CA ASP A 469 16.89 9.90 21.90
C ASP A 469 17.94 9.01 21.26
N LEU A 470 18.63 9.55 20.26
CA LEU A 470 19.76 8.86 19.64
C LEU A 470 21.08 9.58 19.86
N THR A 471 21.05 10.90 19.90
CA THR A 471 22.24 11.71 20.10
C THR A 471 22.20 12.28 21.51
N TYR A 472 23.29 12.12 22.26
CA TYR A 472 23.45 12.76 23.54
C TYR A 472 24.67 13.66 23.51
N HIS A 473 24.65 14.69 24.35
CA HIS A 473 25.79 15.60 24.49
C HIS A 473 26.66 15.07 25.62
N THR A 474 27.75 14.39 25.26
CA THR A 474 28.60 13.73 26.24
C THR A 474 29.97 14.37 26.40
N ARG A 475 30.52 14.95 25.34
CA ARG A 475 31.88 15.48 25.40
C ARG A 475 31.96 16.74 26.24
N TYR A 476 31.30 17.82 25.80
CA TYR A 476 31.24 19.10 26.50
C TYR A 476 32.60 19.67 26.85
N ASP A 477 33.68 19.15 26.27
CA ASP A 477 35.01 19.71 26.50
C ASP A 477 35.16 21.06 25.89
N VAL A 478 34.11 21.66 25.36
CA VAL A 478 34.26 22.45 24.15
C VAL A 478 33.14 23.47 24.03
N ARG A 479 33.43 24.54 23.29
CA ARG A 479 32.44 25.19 22.44
C ARG A 479 32.95 24.95 21.02
N LEU A 480 32.65 23.75 20.50
CA LEU A 480 33.14 23.26 19.22
C LEU A 480 32.36 23.91 18.08
N PRO A 481 32.88 23.83 16.82
CA PRO A 481 32.31 24.58 15.70
C PRO A 481 30.79 24.69 15.68
N ASP A 482 30.30 25.91 15.56
CA ASP A 482 28.87 26.14 15.34
C ASP A 482 28.56 25.76 13.89
N ALA A 483 27.33 26.05 13.44
CA ALA A 483 26.94 25.65 12.09
C ALA A 483 27.78 26.39 11.05
N TYR A 484 27.86 27.72 11.18
CA TYR A 484 28.53 28.54 10.17
C TYR A 484 30.02 28.23 10.11
N GLU A 485 30.65 28.08 11.28
CA GLU A 485 32.06 27.71 11.34
C GLU A 485 32.35 26.36 10.72
N SER A 486 31.34 25.49 10.64
CA SER A 486 31.61 24.19 10.02
C SER A 486 31.63 24.22 8.50
N LEU A 487 31.04 25.22 7.84
CA LEU A 487 31.20 25.20 6.38
C LEU A 487 32.50 25.85 5.97
N ILE A 488 32.91 26.91 6.66
CA ILE A 488 34.17 27.54 6.33
C ILE A 488 35.28 26.50 6.41
N ASN A 489 35.25 25.68 7.46
CA ASN A 489 36.23 24.61 7.60
C ASN A 489 36.03 23.55 6.52
N ASP A 490 34.78 23.28 6.15
CA ASP A 490 34.52 22.32 5.07
C ASP A 490 35.11 22.81 3.75
N ALA A 491 35.03 24.12 3.49
CA ALA A 491 35.59 24.66 2.26
C ALA A 491 37.10 24.59 2.27
N LEU A 492 37.72 24.81 3.43
CA LEU A 492 39.16 24.64 3.53
C LEU A 492 39.58 23.19 3.29
N LEU A 493 38.73 22.24 3.67
CA LEU A 493 39.01 20.82 3.52
C LEU A 493 38.54 20.25 2.19
N GLY A 494 37.90 21.04 1.34
CA GLY A 494 37.48 20.55 0.04
C GLY A 494 36.16 19.81 0.03
N ASN A 495 35.28 20.07 1.02
CA ASN A 495 34.03 19.33 1.16
C ASN A 495 32.89 20.18 0.59
N SER A 496 32.40 19.78 -0.58
CA SER A 496 31.36 20.52 -1.30
C SER A 496 29.96 20.08 -0.91
N THR A 497 29.79 19.33 0.17
CA THR A 497 28.52 18.66 0.42
C THR A 497 27.42 19.64 0.79
N ASN A 498 27.69 20.61 1.66
CA ASN A 498 26.65 21.51 2.14
C ASN A 498 26.59 22.80 1.32
N PHE A 499 26.97 22.75 0.04
CA PHE A 499 26.94 23.93 -0.81
C PHE A 499 26.17 23.60 -2.07
N VAL A 500 25.22 24.46 -2.42
CA VAL A 500 24.37 24.23 -3.59
C VAL A 500 25.19 24.38 -4.87
N ARG A 501 24.87 23.57 -5.87
CA ARG A 501 25.57 23.54 -7.14
C ARG A 501 24.79 24.28 -8.22
N LYS A 502 25.51 24.63 -9.29
CA LYS A 502 24.94 25.41 -10.38
C LYS A 502 23.60 24.83 -10.84
N ASP A 503 23.62 23.57 -11.29
CA ASP A 503 22.38 22.96 -11.75
C ASP A 503 21.39 22.84 -10.59
N GLU A 504 21.89 22.53 -9.40
CA GLU A 504 21.01 22.36 -8.26
C GLU A 504 20.37 23.68 -7.83
N LEU A 505 21.14 24.78 -7.87
CA LEU A 505 20.55 26.09 -7.59
C LEU A 505 19.49 26.43 -8.63
N ASP A 506 19.69 26.01 -9.88
CA ASP A 506 18.71 26.27 -10.91
C ASP A 506 17.41 25.52 -10.62
N VAL A 507 17.50 24.22 -10.34
CA VAL A 507 16.30 23.42 -10.14
C VAL A 507 15.54 23.90 -8.92
N ALA A 508 16.25 24.42 -7.91
CA ALA A 508 15.56 24.98 -6.76
C ALA A 508 14.76 26.22 -7.13
N TRP A 509 15.34 27.12 -7.94
CA TRP A 509 14.59 28.29 -8.37
C TRP A 509 13.39 27.91 -9.24
N ARG A 510 13.56 26.95 -10.15
CA ARG A 510 12.43 26.57 -11.01
C ARG A 510 11.27 26.03 -10.19
N ILE A 511 11.52 25.55 -8.97
CA ILE A 511 10.43 25.09 -8.11
C ILE A 511 9.64 26.28 -7.57
N PHE A 512 10.33 27.34 -7.15
CA PHE A 512 9.71 28.42 -6.39
C PHE A 512 9.27 29.61 -7.23
N THR A 513 9.89 29.83 -8.39
CA THR A 513 9.72 31.11 -9.06
C THR A 513 8.32 31.31 -9.65
N PRO A 514 7.66 30.28 -10.18
CA PRO A 514 6.25 30.49 -10.54
C PRO A 514 5.41 30.99 -9.38
N LEU A 515 5.68 30.51 -8.17
CA LEU A 515 4.97 31.03 -7.00
C LEU A 515 5.41 32.45 -6.66
N LEU A 516 6.72 32.73 -6.72
CA LEU A 516 7.21 34.05 -6.33
C LEU A 516 6.65 35.14 -7.22
N HIS A 517 6.59 34.88 -8.53
CA HIS A 517 5.99 35.84 -9.46
C HIS A 517 4.53 36.09 -9.12
N GLN A 518 3.78 35.03 -8.82
CA GLN A 518 2.38 35.20 -8.45
C GLN A 518 2.22 35.97 -7.15
N ILE A 519 3.19 35.86 -6.25
CA ILE A 519 3.13 36.64 -5.01
C ILE A 519 3.42 38.11 -5.29
N ASP A 520 4.40 38.38 -6.15
CA ASP A 520 4.71 39.76 -6.51
C ASP A 520 3.57 40.37 -7.32
N SER A 521 2.96 39.58 -8.20
CA SER A 521 1.74 39.97 -8.88
C SER A 521 0.54 40.11 -7.94
N GLY A 522 0.72 39.78 -6.66
CA GLY A 522 -0.37 39.94 -5.71
C GLY A 522 -1.48 38.93 -5.79
N GLU A 523 -1.26 37.78 -6.43
CA GLU A 523 -2.34 36.82 -6.52
C GLU A 523 -2.62 36.16 -5.17
N ILE A 524 -1.63 36.15 -4.29
CA ILE A 524 -1.82 35.84 -2.87
C ILE A 524 -0.91 36.78 -2.05
N LYS A 525 -1.40 37.20 -0.86
CA LYS A 525 -0.82 38.15 0.09
C LYS A 525 -0.73 37.54 1.51
N PRO A 526 0.13 38.09 2.40
CA PRO A 526 0.30 37.51 3.75
C PRO A 526 -0.81 37.87 4.74
N ILE A 527 -1.18 36.90 5.59
CA ILE A 527 -2.27 37.04 6.56
C ILE A 527 -1.75 37.58 7.90
N PRO A 528 -2.40 38.58 8.50
CA PRO A 528 -1.82 39.21 9.71
C PRO A 528 -1.86 38.28 10.91
N TYR A 529 -0.80 38.35 11.72
CA TYR A 529 -0.69 37.62 12.97
C TYR A 529 0.16 38.41 13.96
N GLN A 530 -0.17 38.28 15.24
CA GLN A 530 0.57 38.97 16.28
C GLN A 530 1.82 38.20 16.68
N ALA A 531 2.85 38.94 17.08
CA ALA A 531 4.11 38.33 17.46
C ALA A 531 3.96 37.51 18.74
N GLY A 532 4.70 36.41 18.81
CA GLY A 532 4.64 35.50 19.93
C GLY A 532 3.66 34.36 19.78
N THR A 533 2.67 34.50 18.89
CA THR A 533 1.77 33.41 18.56
C THR A 533 2.44 32.46 17.56
N ARG A 534 1.75 31.37 17.21
CA ARG A 534 2.28 30.46 16.21
C ARG A 534 2.25 31.06 14.81
N GLY A 535 1.50 32.12 14.59
CA GLY A 535 1.35 32.67 13.27
C GLY A 535 -0.10 32.80 12.87
N PRO A 536 -0.35 32.99 11.57
CA PRO A 536 -1.74 33.04 11.09
C PRO A 536 -2.46 31.72 11.37
N LYS A 537 -3.75 31.84 11.68
CA LYS A 537 -4.55 30.68 12.06
C LYS A 537 -5.00 29.87 10.85
N GLU A 538 -5.06 30.50 9.67
CA GLU A 538 -5.26 29.74 8.44
C GLU A 538 -4.08 28.84 8.10
N ALA A 539 -2.89 29.16 8.60
CA ALA A 539 -1.72 28.34 8.30
C ALA A 539 -1.75 27.00 9.04
N ASP A 540 -2.08 27.02 10.32
CA ASP A 540 -2.14 25.77 11.08
C ASP A 540 -3.20 24.83 10.54
N GLU A 541 -4.33 25.38 10.09
CA GLU A 541 -5.32 24.54 9.42
C GLU A 541 -4.77 23.94 8.14
N PHE A 542 -3.95 24.69 7.41
CA PHE A 542 -3.38 24.17 6.18
C PHE A 542 -2.52 22.94 6.47
N ILE A 543 -1.72 22.99 7.54
CA ILE A 543 -0.92 21.83 7.91
C ILE A 543 -1.83 20.66 8.26
N ALA A 544 -2.93 20.93 8.96
CA ALA A 544 -3.85 19.87 9.35
C ALA A 544 -4.55 19.25 8.15
N ASN A 545 -4.82 20.02 7.11
CA ASN A 545 -5.51 19.51 5.93
C ASN A 545 -4.58 18.80 4.95
N ASN A 546 -3.30 18.61 5.29
CA ASN A 546 -2.35 18.04 4.35
C ASN A 546 -1.59 16.87 4.96
N GLY A 547 -2.31 16.01 5.68
CA GLY A 547 -1.75 14.76 6.17
C GLY A 547 -1.15 14.87 7.56
N PHE A 548 -1.19 16.03 8.16
CA PHE A 548 -0.59 16.22 9.46
C PHE A 548 -1.52 15.95 10.63
N LYS A 549 -1.02 15.20 11.64
CA LYS A 549 -1.86 14.77 12.78
C LYS A 549 -1.22 15.11 14.13
N HIS A 550 -2.07 15.56 15.05
CA HIS A 550 -1.71 15.99 16.39
C HIS A 550 -1.93 14.86 17.39
N GLN A 551 -0.96 14.72 18.28
CA GLN A 551 -0.86 13.57 19.18
C GLN A 551 -2.16 13.37 19.94
N LYS A 552 -2.66 14.43 20.58
CA LYS A 552 -3.92 14.37 21.32
C LYS A 552 -3.93 13.27 22.37
N GLN B 10 -7.10 -20.06 72.72
CA GLN B 10 -6.85 -20.93 73.85
C GLN B 10 -5.65 -21.83 73.61
N ASP B 11 -5.56 -22.37 72.39
CA ASP B 11 -4.57 -23.38 72.05
C ASP B 11 -3.15 -22.87 72.24
N ALA B 12 -2.72 -21.92 71.44
CA ALA B 12 -1.29 -21.64 71.29
C ALA B 12 -1.02 -20.14 71.33
N TYR B 13 -0.84 -19.62 72.54
CA TYR B 13 -0.01 -18.42 72.69
C TYR B 13 1.44 -18.74 72.36
N VAL B 14 1.82 -20.01 72.46
CA VAL B 14 3.17 -20.44 72.11
C VAL B 14 3.43 -20.27 70.62
N ALA B 15 2.47 -20.69 69.78
CA ALA B 15 2.69 -20.58 68.34
C ALA B 15 2.59 -19.15 67.86
N ASP B 16 1.84 -18.30 68.57
CA ASP B 16 1.72 -16.90 68.17
C ASP B 16 3.05 -16.17 68.28
N VAL B 17 3.81 -16.41 69.34
CA VAL B 17 5.10 -15.76 69.52
C VAL B 17 6.15 -16.42 68.64
N ASP B 18 6.16 -17.75 68.56
CA ASP B 18 7.12 -18.43 67.69
C ASP B 18 7.00 -17.94 66.26
N GLY B 19 5.78 -17.54 65.85
CA GLY B 19 5.64 -16.84 64.58
C GLY B 19 6.28 -15.46 64.61
N ILE B 20 6.10 -14.73 65.71
CA ILE B 20 6.68 -13.39 65.80
C ILE B 20 8.20 -13.46 65.83
N LEU B 21 8.75 -14.38 66.61
CA LEU B 21 10.21 -14.46 66.72
C LEU B 21 10.86 -14.90 65.41
N ASP B 22 10.20 -15.75 64.63
CA ASP B 22 10.85 -16.31 63.45
C ASP B 22 10.76 -15.37 62.25
N VAL B 23 9.76 -14.48 62.19
CA VAL B 23 9.83 -13.41 61.21
C VAL B 23 11.01 -12.51 61.53
N LEU B 24 11.21 -12.20 62.82
CA LEU B 24 12.33 -11.35 63.21
C LEU B 24 13.66 -12.05 62.98
N ARG B 25 13.70 -13.38 63.09
CA ARG B 25 14.90 -14.11 62.72
C ARG B 25 15.11 -14.13 61.21
N ALA B 26 14.02 -14.14 60.43
CA ALA B 26 14.17 -14.08 58.99
C ALA B 26 14.77 -12.75 58.54
N GLN B 27 14.43 -11.66 59.24
CA GLN B 27 14.95 -10.34 58.89
C GLN B 27 16.40 -10.15 59.33
N VAL B 28 16.81 -10.71 60.47
CA VAL B 28 18.19 -10.56 60.90
C VAL B 28 19.14 -11.25 59.94
N LEU B 29 18.65 -12.25 59.20
CA LEU B 29 19.47 -12.97 58.24
C LEU B 29 19.20 -12.54 56.80
N GLU B 30 18.36 -11.53 56.62
CA GLU B 30 18.16 -10.88 55.34
C GLU B 30 18.72 -9.46 55.33
N ARG B 31 18.94 -8.87 56.50
CA ARG B 31 19.66 -7.61 56.68
C ARG B 31 20.62 -7.84 57.86
N LYS B 32 21.84 -8.28 57.57
CA LYS B 32 22.81 -8.64 58.61
C LYS B 32 23.09 -7.45 59.51
N PRO B 33 22.69 -7.52 60.79
CA PRO B 33 22.81 -6.35 61.66
C PRO B 33 24.13 -6.25 62.41
N ASP B 34 24.75 -5.08 62.33
CA ASP B 34 25.85 -4.72 63.21
C ASP B 34 25.45 -4.91 64.67
N ASP B 35 24.27 -4.41 65.02
CA ASP B 35 23.74 -4.38 66.37
C ASP B 35 22.45 -5.20 66.32
N ILE B 36 22.60 -6.51 66.47
CA ILE B 36 21.43 -7.38 66.39
C ILE B 36 20.41 -6.97 67.44
N PHE B 37 20.89 -6.62 68.65
CA PHE B 37 20.00 -6.29 69.75
C PHE B 37 19.05 -5.16 69.38
N GLN B 38 19.54 -4.15 68.65
CA GLN B 38 18.68 -3.02 68.30
C GLN B 38 17.82 -3.30 67.07
N PHE B 39 18.28 -4.17 66.16
CA PHE B 39 17.44 -4.56 65.02
C PHE B 39 16.20 -5.30 65.49
N ILE B 40 16.38 -6.33 66.32
CA ILE B 40 15.25 -7.10 66.83
C ILE B 40 14.23 -6.20 67.51
N SER B 41 14.65 -5.04 67.98
CA SER B 41 13.76 -4.17 68.73
C SER B 41 13.25 -2.98 67.96
N LYS B 42 14.07 -2.36 67.12
CA LYS B 42 13.56 -1.26 66.31
C LYS B 42 12.58 -1.78 65.27
N SER B 43 12.85 -2.97 64.73
CA SER B 43 11.87 -3.69 63.92
C SER B 43 10.99 -4.59 64.77
N ALA B 44 11.09 -4.53 66.10
CA ALA B 44 10.04 -5.16 66.88
C ALA B 44 8.75 -4.41 66.62
N LEU B 45 8.61 -3.20 67.17
CA LEU B 45 7.30 -2.55 67.10
C LEU B 45 6.99 -2.02 65.70
N SER B 46 7.86 -2.26 64.73
CA SER B 46 7.52 -1.92 63.35
C SER B 46 6.41 -2.82 62.82
N LEU B 47 6.31 -4.05 63.31
CA LEU B 47 5.22 -4.93 62.88
C LEU B 47 3.89 -4.58 63.54
N GLN B 48 3.82 -3.44 64.23
CA GLN B 48 2.59 -2.80 64.73
C GLN B 48 1.32 -3.66 64.76
N VAL B 63 -10.85 -2.28 36.49
CA VAL B 63 -11.72 -2.06 37.64
C VAL B 63 -11.43 -3.04 38.76
N LYS B 64 -10.79 -2.55 39.84
CA LYS B 64 -10.80 -3.31 41.08
C LYS B 64 -12.18 -3.40 41.67
N ASP B 65 -13.17 -2.87 40.96
CA ASP B 65 -14.57 -3.12 41.27
C ASP B 65 -14.85 -4.64 41.29
N GLU B 66 -14.22 -5.41 40.37
CA GLU B 66 -14.62 -6.79 40.07
C GLU B 66 -13.94 -7.91 40.88
N GLN B 67 -12.77 -7.68 41.48
CA GLN B 67 -12.28 -8.51 42.60
C GLN B 67 -13.37 -8.88 43.59
N LYS B 68 -14.09 -7.88 44.09
CA LYS B 68 -14.98 -7.98 45.22
C LYS B 68 -16.43 -8.33 44.84
N SER B 69 -16.74 -8.43 43.55
CA SER B 69 -18.11 -8.78 43.17
C SER B 69 -18.50 -10.13 43.74
N ARG B 70 -17.54 -11.07 43.76
CA ARG B 70 -17.75 -12.41 44.28
C ARG B 70 -16.54 -12.81 45.11
N ALA B 71 -16.75 -13.78 46.01
CA ALA B 71 -15.68 -14.36 46.82
C ALA B 71 -14.75 -15.19 45.95
N LEU B 72 -13.52 -15.38 46.45
CA LEU B 72 -12.49 -16.12 45.74
C LEU B 72 -11.79 -17.10 46.70
N THR B 73 -11.56 -18.32 46.21
CA THR B 73 -10.88 -19.35 46.98
C THR B 73 -9.74 -19.94 46.14
N ILE B 74 -8.56 -20.03 46.76
CA ILE B 74 -7.36 -20.59 46.12
C ILE B 74 -7.04 -21.88 46.85
N ILE B 75 -7.15 -23.00 46.14
CA ILE B 75 -6.83 -24.32 46.69
C ILE B 75 -5.51 -24.77 46.08
N VAL B 76 -4.49 -24.95 46.93
CA VAL B 76 -3.17 -25.40 46.51
C VAL B 76 -3.00 -26.83 46.96
N PHE B 77 -2.90 -27.75 46.00
CA PHE B 77 -2.61 -29.14 46.31
C PHE B 77 -1.11 -29.33 46.45
N GLY B 78 -0.72 -30.46 47.04
CA GLY B 78 0.68 -30.68 47.36
C GLY B 78 1.23 -29.58 48.25
N ALA B 79 0.42 -29.14 49.23
CA ALA B 79 0.68 -27.90 49.95
C ALA B 79 2.00 -27.90 50.69
N SER B 80 2.55 -29.06 51.06
CA SER B 80 3.85 -29.13 51.70
C SER B 80 4.89 -29.81 50.82
N GLY B 81 4.58 -30.04 49.55
CA GLY B 81 5.61 -30.37 48.58
C GLY B 81 6.56 -29.22 48.34
N ASP B 82 7.70 -29.55 47.74
CA ASP B 82 8.78 -28.57 47.59
C ASP B 82 8.36 -27.44 46.66
N LEU B 83 7.56 -27.74 45.63
CA LEU B 83 7.14 -26.70 44.70
C LEU B 83 6.19 -25.71 45.37
N ALA B 84 5.17 -26.21 46.08
CA ALA B 84 4.17 -25.32 46.64
C ALA B 84 4.73 -24.46 47.77
N LYS B 85 5.47 -25.08 48.70
CA LYS B 85 5.97 -24.32 49.85
C LYS B 85 7.02 -23.29 49.45
N LYS B 86 7.81 -23.57 48.40
CA LYS B 86 8.97 -22.74 48.14
C LYS B 86 8.72 -21.70 47.05
N LYS B 87 7.70 -21.90 46.23
CA LYS B 87 7.48 -21.07 45.04
C LYS B 87 6.05 -20.59 44.85
N THR B 88 5.04 -21.35 45.26
CA THR B 88 3.64 -20.99 45.00
C THR B 88 2.98 -20.23 46.13
N PHE B 89 3.14 -20.69 47.36
CA PHE B 89 2.62 -19.97 48.51
C PHE B 89 3.39 -18.66 48.72
N PRO B 90 4.73 -18.65 48.67
CA PRO B 90 5.43 -17.36 48.74
C PRO B 90 5.03 -16.43 47.62
N ALA B 91 4.71 -16.97 46.44
CA ALA B 91 4.21 -16.13 45.36
C ALA B 91 2.93 -15.43 45.79
N LEU B 92 1.98 -16.20 46.35
CA LEU B 92 0.70 -15.64 46.78
C LEU B 92 0.90 -14.57 47.84
N PHE B 93 1.96 -14.69 48.64
CA PHE B 93 2.28 -13.69 49.64
C PHE B 93 2.56 -12.34 48.99
N ASP B 94 3.36 -12.35 47.90
CA ASP B 94 3.69 -11.10 47.22
C ASP B 94 2.45 -10.41 46.65
N LEU B 95 1.49 -11.19 46.13
CA LEU B 95 0.26 -10.55 45.64
C LEU B 95 -0.59 -9.99 46.78
N TYR B 96 -0.51 -10.58 47.96
CA TYR B 96 -1.23 -10.02 49.10
C TYR B 96 -0.67 -8.65 49.47
N CYS B 97 0.65 -8.52 49.45
CA CYS B 97 1.28 -7.24 49.77
C CYS B 97 1.11 -6.25 48.62
N GLY B 98 1.15 -6.72 47.38
CA GLY B 98 0.91 -5.86 46.23
C GLY B 98 -0.53 -5.39 46.09
N GLY B 99 -1.45 -5.91 46.89
CA GLY B 99 -2.84 -5.53 46.81
C GLY B 99 -3.59 -6.05 45.60
N LEU B 100 -3.09 -7.10 44.95
CA LEU B 100 -3.74 -7.65 43.76
C LEU B 100 -4.71 -8.78 44.10
N LEU B 101 -4.79 -9.18 45.37
CA LEU B 101 -5.78 -10.16 45.78
C LEU B 101 -6.98 -9.48 46.44
N PRO B 102 -8.18 -10.05 46.29
CA PRO B 102 -9.36 -9.49 46.93
C PRO B 102 -9.20 -9.46 48.44
N PRO B 103 -9.90 -8.59 49.15
CA PRO B 103 -9.65 -8.47 50.59
C PRO B 103 -9.99 -9.73 51.37
N GLU B 104 -10.96 -10.51 50.92
CA GLU B 104 -11.44 -11.65 51.68
C GLU B 104 -11.19 -12.98 50.97
N VAL B 105 -10.10 -13.07 50.21
CA VAL B 105 -9.70 -14.30 49.55
C VAL B 105 -9.47 -15.35 50.64
N ASN B 106 -9.79 -16.62 50.40
CA ASN B 106 -9.22 -17.57 51.32
C ASN B 106 -8.41 -18.55 50.53
N ILE B 107 -7.30 -18.95 51.12
CA ILE B 107 -6.38 -19.90 50.56
C ILE B 107 -6.48 -21.17 51.37
N ILE B 108 -6.47 -22.31 50.69
CA ILE B 108 -6.55 -23.61 51.34
C ILE B 108 -5.37 -24.43 50.88
N GLY B 109 -4.57 -24.93 51.86
CA GLY B 109 -3.50 -25.84 51.56
C GLY B 109 -4.02 -27.25 51.63
N TYR B 110 -3.69 -28.05 50.63
CA TYR B 110 -4.20 -29.41 50.50
C TYR B 110 -3.00 -30.36 50.44
N ALA B 111 -2.94 -31.28 51.39
CA ALA B 111 -1.87 -32.26 51.43
C ALA B 111 -2.37 -33.49 52.16
N ARG B 112 -1.68 -34.61 51.93
CA ARG B 112 -2.15 -35.87 52.48
C ARG B 112 -1.79 -36.02 53.96
N THR B 113 -0.61 -35.55 54.37
CA THR B 113 -0.17 -35.74 55.75
C THR B 113 -0.90 -34.80 56.68
N LYS B 114 -1.23 -35.29 57.88
CA LYS B 114 -1.92 -34.51 58.91
C LYS B 114 -0.94 -33.55 59.58
N VAL B 115 -1.48 -32.47 60.15
CA VAL B 115 -0.71 -31.48 60.89
C VAL B 115 -1.34 -31.25 62.26
N ASP B 116 -0.49 -31.14 63.29
CA ASP B 116 -0.97 -31.03 64.67
C ASP B 116 -1.76 -29.75 64.91
N ASP B 117 -1.07 -28.61 64.91
CA ASP B 117 -1.70 -27.30 64.90
C ASP B 117 -1.25 -26.64 63.61
N VAL B 118 -2.20 -26.05 62.88
CA VAL B 118 -1.88 -25.52 61.56
C VAL B 118 -1.01 -24.28 61.65
N GLU B 119 -1.20 -23.45 62.68
CA GLU B 119 -0.47 -22.18 62.72
C GLU B 119 1.03 -22.40 62.94
N LYS B 120 1.42 -23.50 63.59
CA LYS B 120 2.82 -23.90 63.58
C LYS B 120 3.29 -24.23 62.17
N TRP B 121 2.43 -24.91 61.40
CA TRP B 121 2.79 -25.29 60.03
C TRP B 121 2.97 -24.06 59.15
N LYS B 122 2.17 -23.01 59.38
CA LYS B 122 2.31 -21.79 58.60
C LYS B 122 3.63 -21.09 58.87
N HIS B 123 4.09 -21.12 60.12
CA HIS B 123 5.27 -20.35 60.52
C HIS B 123 6.59 -21.04 60.17
N GLU B 124 6.57 -22.36 59.95
CA GLU B 124 7.80 -23.11 59.75
C GLU B 124 7.82 -23.94 58.48
N THR B 125 6.69 -24.08 57.79
CA THR B 125 6.65 -24.70 56.48
C THR B 125 6.35 -23.73 55.35
N LEU B 126 5.57 -22.68 55.62
CA LEU B 126 5.17 -21.71 54.62
C LEU B 126 5.97 -20.43 54.68
N MET B 127 6.09 -19.86 55.88
CA MET B 127 6.65 -18.55 56.08
C MET B 127 8.18 -18.48 56.09
N LYS B 128 8.89 -19.60 56.26
CA LYS B 128 10.35 -19.51 56.08
C LYS B 128 10.72 -19.12 54.68
N TYR B 129 9.83 -19.31 53.72
CA TYR B 129 10.16 -19.12 52.32
C TYR B 129 9.54 -17.85 51.76
N PHE B 130 9.03 -16.99 52.64
CA PHE B 130 8.57 -15.68 52.23
C PHE B 130 9.81 -14.80 52.17
N SER B 131 10.00 -14.11 51.04
CA SER B 131 11.19 -13.29 50.85
C SER B 131 10.86 -11.83 51.14
N ASN B 132 11.91 -11.07 51.44
CA ASN B 132 11.78 -9.63 51.70
C ASN B 132 10.74 -9.41 52.79
N LEU B 133 11.09 -9.85 53.99
CA LEU B 133 10.17 -9.73 55.10
C LEU B 133 10.45 -8.51 55.96
N SER B 134 11.40 -7.66 55.58
CA SER B 134 11.62 -6.45 56.37
C SER B 134 10.77 -5.30 55.87
N GLU B 135 10.39 -5.32 54.60
CA GLU B 135 9.39 -4.42 54.06
C GLU B 135 7.97 -4.96 54.18
N ARG B 136 7.82 -6.28 54.18
CA ARG B 136 6.52 -6.93 54.22
C ARG B 136 6.18 -7.63 55.53
N GLY B 137 7.09 -7.63 56.51
CA GLY B 137 6.88 -8.44 57.71
C GLY B 137 5.61 -8.12 58.47
N CYS B 138 5.18 -6.87 58.45
CA CYS B 138 3.94 -6.53 59.16
C CYS B 138 2.74 -7.18 58.49
N HIS B 139 2.77 -7.30 57.16
CA HIS B 139 1.74 -8.03 56.43
C HIS B 139 1.87 -9.55 56.57
N ALA B 140 3.04 -10.03 57.04
CA ALA B 140 3.30 -11.47 57.00
C ALA B 140 2.33 -12.27 57.86
N GLU B 141 2.16 -11.88 59.12
CA GLU B 141 1.29 -12.68 59.98
C GLU B 141 -0.19 -12.44 59.71
N ASP B 142 -0.53 -11.30 59.10
CA ASP B 142 -1.88 -11.10 58.57
C ASP B 142 -2.17 -12.04 57.40
N PHE B 143 -1.18 -12.24 56.53
CA PHE B 143 -1.37 -13.10 55.37
C PHE B 143 -1.75 -14.51 55.79
N LEU B 144 -1.07 -15.04 56.82
CA LEU B 144 -1.32 -16.39 57.27
C LEU B 144 -2.72 -16.56 57.84
N LYS B 145 -3.40 -15.46 58.18
CA LYS B 145 -4.77 -15.57 58.66
C LYS B 145 -5.75 -15.91 57.54
N HIS B 146 -5.34 -15.73 56.28
CA HIS B 146 -6.18 -16.10 55.15
C HIS B 146 -6.01 -17.55 54.69
N ILE B 147 -5.00 -18.27 55.19
CA ILE B 147 -4.78 -19.65 54.79
C ILE B 147 -5.33 -20.58 55.86
N SER B 148 -6.02 -21.63 55.44
CA SER B 148 -6.47 -22.69 56.32
C SER B 148 -5.99 -24.02 55.73
N TYR B 149 -5.85 -25.02 56.59
CA TYR B 149 -5.35 -26.31 56.16
C TYR B 149 -6.47 -27.33 55.99
N PHE B 150 -6.25 -28.27 55.08
CA PHE B 150 -7.19 -29.35 54.82
C PHE B 150 -6.39 -30.59 54.45
N CYS B 151 -6.58 -31.66 55.21
CA CYS B 151 -5.89 -32.93 55.00
C CYS B 151 -6.83 -33.94 54.37
N GLY B 152 -6.41 -34.52 53.25
CA GLY B 152 -7.25 -35.45 52.51
C GLY B 152 -6.44 -36.14 51.43
N ALA B 153 -7.12 -36.95 50.64
CA ALA B 153 -6.49 -37.70 49.56
C ALA B 153 -6.91 -37.10 48.23
N TYR B 154 -6.01 -37.19 47.25
CA TYR B 154 -6.24 -36.58 45.94
C TYR B 154 -7.18 -37.40 45.05
N ASP B 155 -7.73 -38.51 45.55
CA ASP B 155 -8.62 -39.34 44.76
C ASP B 155 -9.93 -39.69 45.46
N SER B 156 -10.08 -39.34 46.73
CA SER B 156 -11.25 -39.74 47.51
C SER B 156 -12.36 -38.72 47.30
N VAL B 157 -13.43 -39.14 46.63
CA VAL B 157 -14.58 -38.27 46.36
C VAL B 157 -15.23 -37.76 47.63
N ASP B 158 -15.13 -38.49 48.76
CA ASP B 158 -15.76 -37.99 49.98
C ASP B 158 -15.00 -36.79 50.54
N ASP B 159 -13.67 -36.83 50.51
CA ASP B 159 -12.90 -35.71 51.05
C ASP B 159 -13.09 -34.46 50.20
N PHE B 160 -13.35 -34.62 48.90
CA PHE B 160 -13.66 -33.45 48.09
C PHE B 160 -15.04 -32.91 48.44
N LYS B 161 -15.95 -33.79 48.87
CA LYS B 161 -17.24 -33.31 49.37
C LYS B 161 -17.07 -32.60 50.72
N ARG B 162 -16.07 -33.00 51.51
CA ARG B 162 -15.74 -32.27 52.72
C ARG B 162 -15.00 -30.97 52.40
N LEU B 163 -14.16 -30.98 51.37
CA LEU B 163 -13.56 -29.74 50.90
C LEU B 163 -14.61 -28.81 50.31
N ASP B 164 -15.47 -29.36 49.45
CA ASP B 164 -16.58 -28.58 48.90
C ASP B 164 -17.43 -27.97 50.01
N ALA B 165 -17.61 -28.71 51.11
CA ALA B 165 -18.36 -28.18 52.24
C ALA B 165 -17.61 -27.03 52.92
N VAL B 166 -16.30 -27.16 53.10
CA VAL B 166 -15.55 -26.16 53.87
C VAL B 166 -15.44 -24.84 53.11
N ILE B 167 -15.25 -24.89 51.80
CA ILE B 167 -15.18 -23.65 51.03
C ILE B 167 -16.57 -23.07 50.82
N ARG B 168 -17.58 -23.93 50.66
CA ARG B 168 -18.93 -23.41 50.48
C ARG B 168 -19.43 -22.72 51.74
N GLU B 169 -18.78 -22.92 52.88
CA GLU B 169 -19.20 -22.27 54.12
C GLU B 169 -18.50 -20.94 54.36
N LYS B 170 -17.48 -20.61 53.59
CA LYS B 170 -16.96 -19.25 53.58
C LYS B 170 -17.39 -18.49 52.33
N GLU B 171 -17.85 -19.20 51.30
CA GLU B 171 -18.48 -18.52 50.17
C GLU B 171 -19.79 -17.86 50.60
N ASN B 172 -20.57 -18.53 51.45
CA ASN B 172 -21.81 -17.93 51.93
C ASN B 172 -21.58 -16.98 53.08
N ALA B 173 -20.41 -17.06 53.73
CA ALA B 173 -20.03 -16.10 54.74
C ALA B 173 -19.49 -14.84 54.13
N PHE B 174 -19.73 -14.67 52.83
CA PHE B 174 -19.14 -13.58 52.07
C PHE B 174 -20.05 -12.36 52.12
N LYS B 175 -19.42 -11.25 52.37
CA LYS B 175 -19.88 -9.90 52.59
C LYS B 175 -20.11 -9.13 51.30
N GLY B 176 -20.14 -9.85 50.18
CA GLY B 176 -20.30 -9.26 48.88
C GLY B 176 -21.75 -9.12 48.50
N PRO B 177 -22.00 -8.39 47.41
CA PRO B 177 -23.38 -8.23 46.94
C PRO B 177 -23.92 -9.46 46.23
N GLU B 178 -23.05 -10.10 45.44
CA GLU B 178 -23.39 -11.15 44.50
C GLU B 178 -22.85 -12.49 45.00
N LYS B 179 -23.71 -13.50 45.01
CA LYS B 179 -23.49 -14.79 45.65
C LYS B 179 -22.70 -15.79 44.79
N GLY B 180 -22.43 -16.96 45.39
CA GLY B 180 -21.62 -18.01 44.80
C GLY B 180 -20.14 -17.77 45.07
N GLY B 181 -19.30 -18.35 44.24
CA GLY B 181 -17.87 -18.17 44.47
C GLY B 181 -16.97 -18.65 43.35
N ASN B 182 -15.82 -18.00 43.22
CA ASN B 182 -14.82 -18.36 42.22
C ASN B 182 -13.72 -19.20 42.85
N ARG B 183 -13.27 -20.22 42.12
CA ARG B 183 -12.38 -21.25 42.66
C ARG B 183 -11.19 -21.44 41.73
N LEU B 184 -9.99 -21.23 42.25
CA LEU B 184 -8.76 -21.53 41.51
C LEU B 184 -8.05 -22.68 42.22
N PHE B 185 -7.93 -23.81 41.53
CA PHE B 185 -7.25 -24.98 42.06
C PHE B 185 -5.85 -25.03 41.46
N TYR B 186 -4.84 -25.02 42.32
CA TYR B 186 -3.45 -25.10 41.90
C TYR B 186 -2.92 -26.49 42.19
N LEU B 187 -2.56 -27.22 41.12
CA LEU B 187 -2.08 -28.59 41.26
C LEU B 187 -0.57 -28.54 41.34
N ALA B 188 -0.08 -28.22 42.55
CA ALA B 188 1.36 -28.21 42.82
C ALA B 188 1.85 -29.63 43.10
N LEU B 189 1.62 -30.48 42.12
CA LEU B 189 1.78 -31.93 42.23
C LEU B 189 2.61 -32.45 41.11
N PRO B 190 3.12 -33.68 41.18
CA PRO B 190 3.68 -34.35 40.02
C PRO B 190 2.59 -34.61 38.99
N PRO B 191 2.94 -34.70 37.71
CA PRO B 191 1.90 -34.84 36.67
C PRO B 191 1.15 -36.16 36.72
N SER B 192 1.70 -37.21 37.32
CA SER B 192 1.02 -38.50 37.37
C SER B 192 -0.26 -38.44 38.18
N VAL B 193 -0.38 -37.46 39.09
CA VAL B 193 -1.56 -37.29 39.93
C VAL B 193 -2.65 -36.46 39.25
N PHE B 194 -2.34 -35.78 38.15
CA PHE B 194 -3.23 -34.75 37.59
C PHE B 194 -4.61 -35.28 37.26
N ALA B 195 -4.70 -36.36 36.49
CA ALA B 195 -5.99 -36.82 35.99
C ALA B 195 -6.97 -37.16 37.11
N SER B 196 -6.47 -37.63 38.25
CA SER B 196 -7.38 -38.03 39.32
C SER B 196 -7.81 -36.85 40.18
N VAL B 197 -6.95 -35.83 40.31
CA VAL B 197 -7.37 -34.63 41.03
C VAL B 197 -8.39 -33.85 40.21
N CYS B 198 -8.30 -33.92 38.89
CA CYS B 198 -9.28 -33.24 38.06
C CYS B 198 -10.61 -33.99 38.03
N GLU B 199 -10.58 -35.30 38.30
CA GLU B 199 -11.83 -36.05 38.45
C GLU B 199 -12.49 -35.78 39.79
N SER B 200 -11.69 -35.61 40.84
CA SER B 200 -12.23 -35.28 42.13
C SER B 200 -12.93 -33.93 42.11
N ILE B 201 -12.35 -32.96 41.38
CA ILE B 201 -13.02 -31.67 41.21
C ILE B 201 -14.36 -31.85 40.51
N HIS B 202 -14.37 -32.59 39.40
CA HIS B 202 -15.59 -32.69 38.58
C HIS B 202 -16.73 -33.33 39.36
N LYS B 203 -16.44 -34.41 40.07
CA LYS B 203 -17.50 -35.14 40.76
C LYS B 203 -17.85 -34.56 42.11
N GLY B 204 -16.97 -33.74 42.71
CA GLY B 204 -17.24 -33.24 44.03
C GLY B 204 -16.86 -31.80 44.38
N ALA B 205 -16.26 -31.04 43.45
CA ALA B 205 -15.74 -29.73 43.84
C ALA B 205 -15.95 -28.64 42.81
N MET B 206 -16.81 -28.83 41.81
CA MET B 206 -17.07 -27.75 40.87
C MET B 206 -17.83 -26.61 41.54
N PRO B 207 -17.69 -25.39 41.04
CA PRO B 207 -18.35 -24.24 41.69
C PRO B 207 -19.87 -24.37 41.59
N GLN B 208 -20.55 -23.74 42.54
CA GLN B 208 -22.00 -23.70 42.48
C GLN B 208 -22.47 -23.07 41.17
N GLU B 209 -23.63 -23.52 40.69
CA GLU B 209 -24.31 -22.94 39.55
C GLU B 209 -24.93 -21.59 39.91
N VAL B 210 -24.97 -21.25 41.20
CA VAL B 210 -25.40 -19.94 41.66
C VAL B 210 -24.47 -18.86 41.10
N GLY B 211 -23.24 -19.22 40.80
CA GLY B 211 -22.32 -18.34 40.11
C GLY B 211 -20.88 -18.73 40.39
N GLY B 212 -20.02 -18.50 39.41
CA GLY B 212 -18.59 -18.73 39.58
C GLY B 212 -17.94 -19.53 38.47
N TRP B 213 -16.66 -19.29 38.27
CA TRP B 213 -15.86 -20.06 37.35
C TRP B 213 -14.95 -21.02 38.12
N VAL B 214 -14.40 -21.99 37.40
CA VAL B 214 -13.37 -22.88 37.94
C VAL B 214 -12.17 -22.81 37.01
N ARG B 215 -10.98 -22.59 37.57
CA ARG B 215 -9.77 -22.68 36.77
C ARG B 215 -8.74 -23.53 37.50
N VAL B 216 -8.08 -24.39 36.74
CA VAL B 216 -7.07 -25.32 37.25
C VAL B 216 -5.74 -24.97 36.60
N ILE B 217 -4.72 -24.75 37.43
CA ILE B 217 -3.36 -24.50 36.96
C ILE B 217 -2.58 -25.80 37.09
N ILE B 218 -2.00 -26.25 35.99
CA ILE B 218 -1.21 -27.48 35.95
C ILE B 218 0.23 -27.13 35.59
N GLU B 219 1.15 -27.95 36.08
CA GLU B 219 2.57 -27.65 36.13
C GLU B 219 3.34 -28.56 35.20
N LYS B 220 4.47 -28.05 34.69
CA LYS B 220 5.36 -28.86 33.90
C LYS B 220 5.83 -30.06 34.73
N PRO B 221 6.24 -31.16 34.07
CA PRO B 221 6.29 -31.49 32.64
C PRO B 221 4.94 -31.89 32.04
N PHE B 222 4.50 -31.21 30.98
CA PHE B 222 3.28 -31.60 30.28
C PHE B 222 3.70 -32.63 29.23
N GLY B 223 3.88 -33.86 29.70
CA GLY B 223 4.35 -34.93 28.85
C GLY B 223 5.84 -34.87 28.63
N ARG B 224 6.31 -35.77 27.76
CA ARG B 224 7.72 -35.77 27.37
C ARG B 224 7.90 -36.02 25.88
N ASP B 225 6.82 -36.09 25.12
CA ASP B 225 6.86 -36.14 23.66
C ASP B 225 5.42 -36.00 23.16
N THR B 226 5.26 -36.11 21.84
CA THR B 226 3.96 -35.89 21.21
C THR B 226 2.91 -36.83 21.76
N LYS B 227 3.21 -38.13 21.83
CA LYS B 227 2.21 -39.10 22.24
C LYS B 227 1.96 -39.02 23.74
N SER B 228 3.01 -38.84 24.53
CA SER B 228 2.86 -38.64 25.97
C SER B 228 1.90 -37.50 26.29
N SER B 229 2.07 -36.36 25.62
CA SER B 229 1.35 -35.15 26.00
C SER B 229 -0.06 -35.12 25.42
N ALA B 230 -0.29 -35.75 24.27
CA ALA B 230 -1.66 -35.89 23.79
C ALA B 230 -2.47 -36.75 24.75
N GLU B 231 -1.87 -37.82 25.26
CA GLU B 231 -2.55 -38.68 26.23
C GLU B 231 -2.90 -37.92 27.50
N LEU B 232 -1.94 -37.17 28.06
CA LEU B 232 -2.22 -36.41 29.28
C LEU B 232 -3.29 -35.34 29.04
N SER B 233 -3.29 -34.72 27.87
CA SER B 233 -4.31 -33.71 27.59
C SER B 233 -5.66 -34.36 27.30
N GLN B 234 -5.66 -35.59 26.79
CA GLN B 234 -6.91 -36.31 26.58
C GLN B 234 -7.49 -36.82 27.90
N ALA B 235 -6.65 -37.01 28.91
CA ALA B 235 -7.14 -37.42 30.22
C ALA B 235 -7.93 -36.31 30.91
N LEU B 236 -7.58 -35.06 30.64
CA LEU B 236 -8.24 -33.91 31.27
C LEU B 236 -9.32 -33.28 30.39
N GLU B 237 -9.36 -33.63 29.11
CA GLU B 237 -10.39 -33.13 28.19
C GLU B 237 -11.82 -33.23 28.70
N PRO B 238 -12.29 -34.37 29.23
CA PRO B 238 -13.71 -34.44 29.64
C PRO B 238 -14.03 -33.63 30.88
N PHE B 239 -13.02 -33.09 31.57
CA PHE B 239 -13.20 -32.48 32.88
C PHE B 239 -13.08 -30.97 32.87
N PHE B 240 -12.23 -30.43 32.02
CA PHE B 240 -12.03 -29.00 31.91
C PHE B 240 -11.67 -28.68 30.48
N ASP B 241 -12.28 -27.63 29.93
CA ASP B 241 -11.98 -27.20 28.58
C ASP B 241 -10.85 -26.16 28.61
N GLU B 242 -10.48 -25.67 27.43
CA GLU B 242 -9.35 -24.76 27.33
C GLU B 242 -9.65 -23.39 27.96
N SER B 243 -10.92 -23.05 28.16
CA SER B 243 -11.25 -21.83 28.89
C SER B 243 -10.89 -21.93 30.37
N GLN B 244 -10.71 -23.14 30.89
CA GLN B 244 -10.50 -23.34 32.33
C GLN B 244 -9.14 -23.91 32.69
N LEU B 245 -8.38 -24.47 31.75
CA LEU B 245 -7.08 -25.08 32.03
C LEU B 245 -5.97 -24.07 31.77
N TYR B 246 -5.06 -23.93 32.72
CA TYR B 246 -3.99 -22.92 32.68
C TYR B 246 -2.63 -23.59 32.88
N ARG B 247 -1.99 -23.97 31.77
CA ARG B 247 -0.70 -24.64 31.79
C ARG B 247 0.43 -23.64 32.03
N ILE B 248 1.15 -23.80 33.14
CA ILE B 248 2.10 -22.79 33.59
C ILE B 248 3.44 -22.93 32.85
N ASP B 249 4.05 -21.78 32.58
CA ASP B 249 5.39 -21.64 31.99
C ASP B 249 6.10 -20.54 32.79
N HIS B 250 6.22 -20.74 34.11
CA HIS B 250 6.53 -19.63 35.00
C HIS B 250 7.90 -18.97 34.77
N TYR B 251 8.61 -19.38 33.72
CA TYR B 251 9.83 -18.67 33.36
C TYR B 251 9.57 -17.49 32.41
N LEU B 252 8.36 -17.38 31.87
CA LEU B 252 7.95 -16.27 31.02
C LEU B 252 7.14 -15.26 31.82
N GLY B 253 7.45 -13.98 31.70
CA GLY B 253 6.72 -12.96 32.41
C GLY B 253 5.89 -12.02 31.56
N LYS B 254 4.96 -11.30 32.20
CA LYS B 254 4.13 -10.34 31.47
C LYS B 254 4.98 -9.21 30.91
N GLU B 255 6.08 -8.86 31.60
CA GLU B 255 6.89 -7.73 31.18
C GLU B 255 7.48 -7.99 29.80
N MET B 256 7.96 -9.20 29.55
CA MET B 256 8.65 -9.46 28.31
C MET B 256 7.70 -9.85 27.18
N VAL B 257 6.44 -10.16 27.49
CA VAL B 257 5.49 -10.44 26.41
C VAL B 257 4.82 -9.18 25.87
N GLN B 258 4.59 -8.16 26.70
CA GLN B 258 4.11 -6.91 26.12
C GLN B 258 5.23 -6.19 25.39
N ASN B 259 6.49 -6.58 25.64
CA ASN B 259 7.58 -6.01 24.85
C ASN B 259 7.54 -6.53 23.43
N ILE B 260 7.32 -7.84 23.26
CA ILE B 260 7.29 -8.43 21.93
C ILE B 260 6.05 -8.00 21.16
N ILE B 261 4.90 -7.92 21.83
CA ILE B 261 3.65 -7.63 21.15
C ILE B 261 3.46 -6.13 20.92
N THR B 262 3.71 -5.30 21.93
CA THR B 262 3.39 -3.88 21.79
C THR B 262 4.41 -3.12 20.96
N THR B 263 5.70 -3.37 21.16
CA THR B 263 6.72 -2.65 20.41
C THR B 263 6.58 -2.89 18.91
N ARG B 264 6.27 -4.12 18.51
CA ARG B 264 6.21 -4.44 17.09
C ARG B 264 4.89 -4.05 16.45
N PHE B 265 3.76 -4.30 17.13
CA PHE B 265 2.47 -4.28 16.45
C PHE B 265 1.75 -2.94 16.59
N ALA B 266 2.15 -2.10 17.53
CA ALA B 266 1.60 -0.76 17.66
C ALA B 266 2.46 0.28 16.94
N ASN B 267 3.62 -0.11 16.43
CA ASN B 267 4.60 0.81 15.87
C ASN B 267 4.91 0.40 14.44
N ARG B 268 4.75 1.35 13.51
CA ARG B 268 5.02 1.08 12.10
C ARG B 268 6.51 0.92 11.83
N ILE B 269 7.36 1.52 12.66
CA ILE B 269 8.80 1.38 12.48
C ILE B 269 9.22 -0.08 12.50
N PHE B 270 8.72 -0.83 13.48
CA PHE B 270 9.07 -2.23 13.64
C PHE B 270 8.17 -3.18 12.85
N SER B 271 6.89 -2.84 12.71
CA SER B 271 5.97 -3.74 12.01
C SER B 271 6.40 -3.94 10.56
N ALA B 272 6.93 -2.89 9.92
CA ALA B 272 7.33 -2.95 8.52
C ALA B 272 8.66 -3.66 8.31
N VAL B 273 9.49 -3.73 9.35
CA VAL B 273 10.83 -4.29 9.26
C VAL B 273 10.91 -5.70 9.84
N TRP B 274 9.78 -6.27 10.24
CA TRP B 274 9.73 -7.52 11.01
C TRP B 274 9.44 -8.70 10.08
N ASN B 275 10.39 -9.00 9.18
CA ASN B 275 10.17 -10.06 8.20
C ASN B 275 11.51 -10.51 7.64
N ALA B 276 11.46 -11.39 6.64
CA ALA B 276 12.67 -11.95 6.03
C ALA B 276 13.37 -10.94 5.13
N SER B 277 12.66 -9.95 4.62
CA SER B 277 13.28 -8.98 3.72
C SER B 277 14.20 -8.02 4.45
N ASN B 278 14.10 -7.94 5.78
CA ASN B 278 14.96 -7.06 6.56
C ASN B 278 15.69 -7.75 7.71
N ILE B 279 15.30 -8.96 8.11
CA ILE B 279 15.92 -9.66 9.23
C ILE B 279 16.82 -10.77 8.70
N ALA B 280 17.99 -10.89 9.31
CA ALA B 280 19.00 -11.88 8.92
C ALA B 280 19.13 -13.04 9.88
N CYS B 281 18.92 -12.82 11.18
CA CYS B 281 19.20 -13.85 12.17
C CYS B 281 18.44 -13.52 13.45
N VAL B 282 17.83 -14.56 14.04
CA VAL B 282 17.14 -14.42 15.32
C VAL B 282 17.69 -15.49 16.26
N GLN B 283 18.07 -15.08 17.46
CA GLN B 283 18.58 -16.01 18.46
C GLN B 283 17.88 -15.75 19.78
N ILE B 284 17.27 -16.79 20.33
CA ILE B 284 16.68 -16.76 21.65
C ILE B 284 17.60 -17.56 22.54
N THR B 285 18.11 -16.95 23.60
CA THR B 285 19.17 -17.55 24.39
C THR B 285 18.72 -17.62 25.84
N PHE B 286 18.91 -18.78 26.44
CA PHE B 286 18.58 -19.03 27.84
C PHE B 286 19.85 -19.56 28.49
N LYS B 287 20.45 -18.76 29.38
CA LYS B 287 21.63 -19.22 30.10
C LYS B 287 21.34 -19.19 31.59
N GLU B 288 22.00 -20.10 32.30
CA GLU B 288 21.91 -20.20 33.75
C GLU B 288 23.33 -20.49 34.24
N THR B 289 23.72 -19.83 35.33
CA THR B 289 25.04 -20.10 35.87
C THR B 289 25.11 -21.38 36.68
N ILE B 290 24.01 -21.82 37.26
CA ILE B 290 23.99 -23.00 38.12
C ILE B 290 23.61 -24.24 37.32
N GLY B 291 24.25 -25.36 37.66
CA GLY B 291 23.86 -26.67 37.14
C GLY B 291 22.73 -27.28 37.95
N THR B 292 22.66 -28.62 37.92
CA THR B 292 21.73 -29.39 38.74
C THR B 292 22.45 -29.79 40.02
N GLU B 293 22.30 -28.97 41.06
CA GLU B 293 23.05 -29.13 42.30
C GLU B 293 22.96 -30.53 42.91
N GLY B 294 21.76 -30.92 43.33
CA GLY B 294 21.59 -32.18 44.01
C GLY B 294 20.36 -32.92 43.51
N ARG B 295 19.66 -32.31 42.55
CA ARG B 295 18.51 -32.92 41.90
C ARG B 295 18.85 -33.40 40.49
N GLY B 296 20.10 -33.83 40.29
CA GLY B 296 20.54 -34.26 38.96
C GLY B 296 19.84 -35.50 38.45
N GLY B 297 19.53 -36.45 39.35
CA GLY B 297 18.86 -37.66 38.92
C GLY B 297 17.49 -37.38 38.34
N TYR B 298 16.88 -36.29 38.81
CA TYR B 298 15.56 -35.89 38.34
C TYR B 298 15.66 -35.26 36.97
N PHE B 299 16.71 -34.49 36.75
CA PHE B 299 17.02 -33.91 35.45
C PHE B 299 17.47 -34.95 34.43
N ASP B 300 18.12 -36.04 34.87
CA ASP B 300 18.74 -36.97 33.93
C ASP B 300 17.72 -37.57 32.96
N ASN B 301 16.46 -37.64 33.34
CA ASN B 301 15.40 -38.13 32.47
C ASN B 301 14.77 -37.02 31.63
N ILE B 302 15.14 -35.76 31.86
CA ILE B 302 14.52 -34.63 31.17
C ILE B 302 15.38 -34.16 30.01
N GLY B 303 16.57 -33.67 30.31
CA GLY B 303 17.37 -33.06 29.25
C GLY B 303 17.04 -31.61 29.07
N ILE B 304 18.06 -30.83 28.70
CA ILE B 304 17.90 -29.37 28.65
C ILE B 304 16.82 -28.98 27.65
N ILE B 305 16.63 -29.77 26.59
CA ILE B 305 15.60 -29.47 25.60
C ILE B 305 14.22 -29.50 26.23
N ARG B 306 13.90 -30.60 26.93
CA ARG B 306 12.58 -30.74 27.51
C ARG B 306 12.37 -29.79 28.69
N ASP B 307 13.46 -29.40 29.37
CA ASP B 307 13.33 -28.60 30.58
C ASP B 307 12.84 -27.18 30.27
N VAL B 308 13.49 -26.50 29.33
CA VAL B 308 13.15 -25.11 29.04
C VAL B 308 12.97 -24.82 27.56
N MET B 309 13.50 -25.63 26.64
CA MET B 309 13.49 -25.24 25.23
C MET B 309 12.13 -25.50 24.58
N GLN B 310 11.60 -26.71 24.72
CA GLN B 310 10.35 -27.03 24.06
C GLN B 310 9.19 -26.20 24.59
N ASN B 311 9.27 -25.77 25.86
CA ASN B 311 8.17 -25.04 26.49
C ASN B 311 8.42 -23.54 26.54
N HIS B 312 9.50 -23.10 27.18
CA HIS B 312 9.69 -21.67 27.42
C HIS B 312 10.18 -20.95 26.16
N LEU B 313 11.31 -21.39 25.61
CA LEU B 313 11.88 -20.69 24.46
C LEU B 313 10.96 -20.76 23.24
N THR B 314 10.18 -21.85 23.12
CA THR B 314 9.29 -21.97 21.98
C THR B 314 8.07 -21.05 22.08
N GLN B 315 7.52 -20.86 23.28
CA GLN B 315 6.41 -19.91 23.41
C GLN B 315 6.89 -18.49 23.19
N ILE B 316 8.10 -18.19 23.66
CA ILE B 316 8.74 -16.92 23.35
C ILE B 316 8.85 -16.76 21.83
N LEU B 317 9.38 -17.79 21.16
CA LEU B 317 9.52 -17.76 19.71
C LEU B 317 8.18 -17.61 19.02
N ALA B 318 7.13 -18.21 19.58
CA ALA B 318 5.81 -18.11 18.98
C ALA B 318 5.37 -16.65 18.87
N LEU B 319 5.63 -15.86 19.91
CA LEU B 319 5.22 -14.46 19.92
C LEU B 319 6.03 -13.60 18.94
N LEU B 320 7.30 -13.94 18.71
CA LEU B 320 8.10 -13.15 17.78
C LEU B 320 7.60 -13.30 16.34
N ALA B 321 7.25 -14.53 15.95
CA ALA B 321 7.02 -14.87 14.56
C ALA B 321 5.56 -14.82 14.14
N MET B 322 4.64 -14.63 15.08
CA MET B 322 3.22 -14.67 14.77
C MET B 322 2.85 -13.56 13.79
N GLU B 323 1.88 -13.85 12.93
CA GLU B 323 1.29 -12.81 12.11
C GLU B 323 0.45 -11.90 13.00
N LYS B 324 -0.08 -10.83 12.44
CA LYS B 324 -0.86 -9.90 13.23
C LYS B 324 -2.08 -10.60 13.80
N PRO B 325 -2.27 -10.59 15.13
CA PRO B 325 -3.55 -11.07 15.65
C PRO B 325 -4.59 -10.02 15.34
N ARG B 326 -5.77 -10.46 14.92
CA ARG B 326 -6.78 -9.46 14.57
C ARG B 326 -7.51 -8.91 15.78
N SER B 327 -7.03 -9.23 16.99
CA SER B 327 -7.38 -8.47 18.18
C SER B 327 -6.26 -8.65 19.20
N LEU B 328 -6.41 -7.99 20.36
CA LEU B 328 -5.53 -8.21 21.49
C LEU B 328 -6.20 -9.12 22.53
N ASP B 329 -7.31 -9.74 22.18
CA ASP B 329 -7.95 -10.75 23.00
C ASP B 329 -7.09 -11.99 23.12
N ALA B 330 -7.20 -12.66 24.28
CA ALA B 330 -6.30 -13.74 24.62
C ALA B 330 -6.31 -14.85 23.58
N GLU B 331 -7.50 -15.22 23.08
CA GLU B 331 -7.57 -16.39 22.22
C GLU B 331 -7.25 -16.08 20.76
N CYS B 332 -7.20 -14.80 20.36
CA CYS B 332 -6.67 -14.46 19.05
C CYS B 332 -5.14 -14.39 19.06
N ILE B 333 -4.55 -14.05 20.20
CA ILE B 333 -3.10 -14.15 20.34
C ILE B 333 -2.67 -15.60 20.33
N ARG B 334 -3.37 -16.45 21.10
CA ARG B 334 -3.08 -17.87 21.08
C ARG B 334 -3.41 -18.49 19.73
N ASP B 335 -4.41 -17.95 19.03
CA ASP B 335 -4.73 -18.40 17.68
C ASP B 335 -3.54 -18.23 16.74
N GLU B 336 -2.82 -17.12 16.84
CA GLU B 336 -1.66 -16.97 15.97
C GLU B 336 -0.47 -17.79 16.44
N LYS B 337 -0.43 -18.16 17.72
CA LYS B 337 0.65 -19.02 18.20
C LYS B 337 0.57 -20.42 17.59
N VAL B 338 -0.64 -20.94 17.35
CA VAL B 338 -0.75 -22.24 16.69
C VAL B 338 -0.48 -22.12 15.20
N SER B 339 -0.93 -21.04 14.57
CA SER B 339 -0.73 -20.86 13.14
C SER B 339 0.75 -20.84 12.78
N VAL B 340 1.58 -20.17 13.58
CA VAL B 340 2.98 -19.99 13.21
C VAL B 340 3.82 -21.18 13.66
N LEU B 341 3.47 -21.83 14.76
CA LEU B 341 4.16 -23.05 15.14
C LEU B 341 3.89 -24.18 14.14
N LYS B 342 2.72 -24.15 13.49
CA LYS B 342 2.40 -25.11 12.45
C LYS B 342 3.24 -24.96 11.20
N CYS B 343 3.97 -23.85 11.04
CA CYS B 343 4.84 -23.65 9.89
C CYS B 343 6.29 -24.03 10.18
N ILE B 344 6.59 -24.44 11.40
CA ILE B 344 7.96 -24.74 11.81
C ILE B 344 8.26 -26.19 11.47
N GLU B 345 9.26 -26.41 10.63
CA GLU B 345 9.70 -27.77 10.34
C GLU B 345 10.43 -28.35 11.55
N PRO B 346 10.20 -29.62 11.86
CA PRO B 346 10.84 -30.21 13.05
C PRO B 346 12.36 -30.23 12.96
N ILE B 347 13.00 -29.92 14.10
CA ILE B 347 14.45 -29.89 14.17
C ILE B 347 15.02 -31.22 13.71
N THR B 348 16.11 -31.14 12.94
CA THR B 348 16.79 -32.33 12.46
C THR B 348 18.14 -32.46 13.15
N LYS B 349 18.64 -33.71 13.23
CA LYS B 349 19.78 -33.99 14.09
C LYS B 349 21.03 -33.26 13.63
N GLU B 350 21.16 -33.01 12.33
CA GLU B 350 22.30 -32.25 11.83
C GLU B 350 22.28 -30.82 12.33
N ASN B 351 21.10 -30.28 12.62
CA ASN B 351 20.92 -28.89 13.04
C ASN B 351 20.87 -28.71 14.55
N CYS B 352 21.66 -29.48 15.30
CA CYS B 352 21.59 -29.48 16.75
C CYS B 352 22.96 -29.81 17.30
N VAL B 353 23.31 -29.16 18.41
CA VAL B 353 24.56 -29.39 19.11
C VAL B 353 24.27 -29.48 20.59
N LEU B 354 24.84 -30.48 21.27
CA LEU B 354 24.55 -30.75 22.67
C LEU B 354 25.82 -30.74 23.50
N GLY B 355 25.66 -30.41 24.77
CA GLY B 355 26.77 -30.41 25.70
C GLY B 355 26.36 -31.04 27.02
N GLN B 356 27.37 -31.40 27.80
CA GLN B 356 27.16 -31.97 29.13
C GLN B 356 28.28 -31.45 30.02
N TYR B 357 27.92 -30.80 31.12
CA TYR B 357 28.91 -30.04 31.88
C TYR B 357 29.69 -30.92 32.84
N THR B 358 30.98 -30.65 32.94
CA THR B 358 31.92 -31.35 33.80
C THR B 358 32.48 -30.36 34.82
N ALA B 359 33.34 -30.87 35.72
CA ALA B 359 33.93 -30.00 36.72
C ALA B 359 34.81 -28.95 36.05
N SER B 360 34.87 -27.77 36.67
CA SER B 360 35.58 -26.63 36.12
C SER B 360 36.96 -26.49 36.77
N ALA B 361 37.84 -25.77 36.06
CA ALA B 361 39.18 -25.52 36.58
C ALA B 361 39.15 -24.69 37.85
N ASP B 362 38.11 -23.87 38.03
CA ASP B 362 37.93 -23.19 39.30
C ASP B 362 37.77 -24.18 40.45
N GLY B 363 37.04 -25.28 40.20
CA GLY B 363 36.74 -26.29 41.21
C GLY B 363 35.58 -26.02 42.15
N SER B 364 34.83 -24.93 41.99
CA SER B 364 33.73 -24.64 42.89
C SER B 364 32.48 -25.44 42.56
N ILE B 365 32.43 -26.03 41.38
CA ILE B 365 31.28 -26.81 40.93
C ILE B 365 31.72 -28.21 40.63
N PRO B 366 31.04 -29.24 41.15
CA PRO B 366 31.31 -30.61 40.71
C PRO B 366 30.69 -30.86 39.35
N GLY B 367 31.25 -31.83 38.65
CA GLY B 367 30.72 -32.20 37.35
C GLY B 367 29.29 -32.70 37.43
N TYR B 368 28.63 -32.70 36.28
CA TYR B 368 27.26 -33.22 36.23
C TYR B 368 27.24 -34.70 36.57
N LEU B 369 28.21 -35.46 36.06
CA LEU B 369 28.32 -36.87 36.39
C LEU B 369 28.99 -37.10 37.75
N GLU B 370 29.60 -36.07 38.32
CA GLU B 370 30.09 -36.09 39.69
C GLU B 370 28.96 -36.07 40.71
N ASP B 371 27.72 -36.15 40.23
CA ASP B 371 26.55 -36.26 41.09
C ASP B 371 26.23 -37.74 41.28
N VAL B 372 25.96 -38.13 42.53
CA VAL B 372 25.60 -39.51 42.81
C VAL B 372 24.20 -39.85 42.32
N THR B 373 23.32 -38.85 42.16
CA THR B 373 21.95 -39.11 41.75
C THR B 373 21.83 -39.57 40.29
N VAL B 374 22.83 -39.32 39.46
CA VAL B 374 22.73 -39.57 38.02
C VAL B 374 23.39 -40.91 37.72
N PRO B 375 22.75 -41.78 36.92
CA PRO B 375 23.35 -43.08 36.61
C PRO B 375 24.65 -43.01 35.81
N GLU B 376 25.28 -44.17 35.60
CA GLU B 376 26.50 -44.24 34.83
C GLU B 376 26.28 -43.89 33.37
N GLY B 377 27.26 -43.21 32.78
CA GLY B 377 27.39 -43.04 31.35
C GLY B 377 26.20 -42.48 30.59
N SER B 378 25.35 -41.70 31.23
CA SER B 378 24.18 -41.19 30.53
C SER B 378 24.59 -40.04 29.61
N THR B 379 23.94 -39.98 28.45
CA THR B 379 24.23 -38.96 27.45
C THR B 379 23.27 -37.77 27.53
N CYS B 380 22.84 -37.42 28.74
CA CYS B 380 21.83 -36.37 28.91
C CYS B 380 22.47 -35.00 28.76
N PRO B 381 21.89 -34.12 27.95
CA PRO B 381 22.49 -32.79 27.72
C PRO B 381 22.08 -31.75 28.74
N THR B 382 23.07 -31.03 29.27
CA THR B 382 22.84 -29.85 30.09
C THR B 382 22.91 -28.56 29.27
N PHE B 383 23.10 -28.67 27.96
CA PHE B 383 23.31 -27.54 27.08
C PHE B 383 22.96 -28.00 25.67
N ALA B 384 22.24 -27.16 24.93
CA ALA B 384 21.94 -27.47 23.55
C ALA B 384 21.65 -26.20 22.79
N VAL B 385 22.05 -26.18 21.52
CA VAL B 385 21.71 -25.12 20.58
C VAL B 385 21.21 -25.77 19.30
N MET B 386 20.10 -25.27 18.78
CA MET B 386 19.47 -25.86 17.60
C MET B 386 19.03 -24.75 16.67
N ARG B 387 18.79 -25.12 15.41
CA ARG B 387 18.26 -24.20 14.41
C ARG B 387 16.87 -24.67 13.99
N LEU B 388 15.94 -23.71 13.93
CA LEU B 388 14.58 -23.96 13.49
C LEU B 388 14.30 -23.12 12.25
N ASN B 389 13.66 -23.74 11.26
CA ASN B 389 13.33 -23.08 10.00
C ASN B 389 11.81 -22.88 9.94
N ILE B 390 11.38 -21.63 10.06
CA ILE B 390 9.96 -21.30 9.89
C ILE B 390 9.67 -21.18 8.40
N ASN B 391 8.61 -21.86 7.96
CA ASN B 391 8.31 -22.02 6.53
C ASN B 391 6.99 -21.31 6.24
N ASN B 392 7.08 -20.02 5.96
CA ASN B 392 5.97 -19.22 5.45
C ASN B 392 6.56 -18.04 4.70
N ASP B 393 5.68 -17.24 4.09
CA ASP B 393 6.15 -16.08 3.33
C ASP B 393 6.98 -15.15 4.21
N ARG B 394 6.51 -14.88 5.42
CA ARG B 394 7.13 -13.87 6.27
C ARG B 394 8.53 -14.26 6.74
N TRP B 395 8.80 -15.56 6.93
CA TRP B 395 10.01 -15.97 7.64
C TRP B 395 10.90 -16.94 6.89
N ALA B 396 10.49 -17.44 5.72
CA ALA B 396 11.31 -18.37 4.97
C ALA B 396 12.71 -17.81 4.74
N GLY B 397 13.72 -18.59 5.12
CA GLY B 397 15.11 -18.21 4.99
C GLY B 397 15.75 -17.71 6.27
N VAL B 398 14.97 -17.07 7.15
CA VAL B 398 15.51 -16.55 8.39
C VAL B 398 15.79 -17.71 9.34
N PRO B 399 17.02 -17.87 9.82
CA PRO B 399 17.31 -18.92 10.81
C PRO B 399 16.91 -18.45 12.21
N PHE B 400 16.18 -19.29 12.91
CA PHE B 400 15.82 -19.06 14.31
C PHE B 400 16.65 -20.00 15.17
N ILE B 401 17.40 -19.43 16.10
CA ILE B 401 18.38 -20.17 16.89
C ILE B 401 17.95 -20.14 18.35
N LEU B 402 17.73 -21.33 18.91
CA LEU B 402 17.40 -21.50 20.31
C LEU B 402 18.62 -22.05 21.03
N LYS B 403 18.97 -21.46 22.17
CA LYS B 403 20.12 -21.91 22.93
C LYS B 403 19.79 -21.85 24.42
N ALA B 404 19.93 -22.99 25.10
CA ALA B 404 19.81 -23.06 26.54
C ALA B 404 20.95 -23.89 27.09
N GLY B 405 21.47 -23.49 28.25
CA GLY B 405 22.60 -24.17 28.85
C GLY B 405 22.67 -23.96 30.35
N LYS B 406 22.93 -25.04 31.08
CA LYS B 406 23.10 -24.97 32.52
C LYS B 406 24.59 -24.97 32.86
N ALA B 407 24.91 -24.30 33.98
CA ALA B 407 26.28 -24.21 34.49
C ALA B 407 27.23 -23.62 33.44
N VAL B 408 26.94 -22.37 33.06
CA VAL B 408 27.71 -21.67 32.04
C VAL B 408 28.15 -20.32 32.60
N GLU B 409 28.79 -19.52 31.73
CA GLU B 409 29.44 -18.27 32.14
C GLU B 409 28.54 -17.37 32.98
N GLN B 410 27.29 -17.17 32.57
CA GLN B 410 26.47 -16.13 33.20
C GLN B 410 25.00 -16.51 33.12
N LYS B 411 24.19 -15.70 33.81
CA LYS B 411 22.74 -15.89 33.91
C LYS B 411 22.16 -14.77 33.05
N TYR B 412 21.72 -15.12 31.86
CA TYR B 412 21.30 -14.12 30.88
C TYR B 412 20.33 -14.81 29.92
N VAL B 413 19.04 -14.47 30.06
CA VAL B 413 18.01 -14.89 29.11
C VAL B 413 17.62 -13.67 28.28
N ALA B 414 17.71 -13.80 26.96
CA ALA B 414 17.51 -12.65 26.09
C ALA B 414 17.13 -13.09 24.70
N ILE B 415 16.42 -12.21 24.00
CA ILE B 415 16.15 -12.34 22.57
C ILE B 415 17.09 -11.39 21.83
N ARG B 416 17.57 -11.81 20.66
CA ARG B 416 18.45 -10.98 19.86
C ARG B 416 18.14 -11.17 18.39
N ILE B 417 17.73 -10.09 17.73
CA ILE B 417 17.38 -10.11 16.31
C ILE B 417 18.40 -9.27 15.56
N GLN B 418 19.00 -9.85 14.53
CA GLN B 418 19.96 -9.15 13.68
C GLN B 418 19.33 -8.87 12.32
N PHE B 419 19.19 -7.60 11.98
CA PHE B 419 18.69 -7.20 10.68
C PHE B 419 19.81 -7.26 9.64
N ARG B 420 19.41 -7.38 8.38
CA ARG B 420 20.38 -7.44 7.29
C ARG B 420 21.21 -6.16 7.24
N ASP B 421 22.48 -6.33 6.87
CA ASP B 421 23.40 -5.20 6.78
C ASP B 421 23.07 -4.31 5.58
N GLU B 422 23.18 -2.99 5.78
CA GLU B 422 23.19 -2.06 4.66
C GLU B 422 24.64 -1.89 4.23
N VAL B 423 25.06 -2.68 3.23
CA VAL B 423 26.44 -2.61 2.75
C VAL B 423 26.67 -1.29 2.05
N HIS B 424 25.61 -0.69 1.51
CA HIS B 424 25.78 0.53 0.75
C HIS B 424 24.97 1.65 1.39
N PRO B 425 25.53 2.86 1.45
CA PRO B 425 26.85 3.14 0.90
C PRO B 425 28.00 3.05 1.91
N TYR B 426 27.67 2.75 3.18
CA TYR B 426 28.64 2.90 4.26
C TYR B 426 29.65 1.76 4.38
N GLY B 427 29.46 0.65 3.67
CA GLY B 427 30.43 -0.43 3.69
C GLY B 427 30.84 -0.88 5.08
N GLU B 428 32.10 -0.67 5.43
CA GLU B 428 32.63 -1.08 6.72
C GLU B 428 32.50 0.02 7.78
N ALA B 429 31.83 1.12 7.45
CA ALA B 429 31.48 2.13 8.44
C ALA B 429 30.19 1.81 9.17
N THR B 430 29.54 0.69 8.84
CA THR B 430 28.30 0.29 9.49
C THR B 430 28.28 -1.23 9.63
N GLN B 431 27.49 -1.69 10.59
CA GLN B 431 27.23 -3.10 10.82
C GLN B 431 25.73 -3.31 11.02
N ARG B 432 25.34 -4.57 11.18
CA ARG B 432 23.93 -4.93 11.26
C ARG B 432 23.24 -4.26 12.44
N ASN B 433 22.07 -3.69 12.19
CA ASN B 433 21.22 -3.23 13.28
C ASN B 433 20.77 -4.42 14.12
N GLU B 434 20.68 -4.21 15.43
CA GLU B 434 20.39 -5.31 16.34
C GLU B 434 19.34 -4.90 17.36
N LEU B 435 18.27 -5.68 17.44
CA LEU B 435 17.26 -5.53 18.49
C LEU B 435 17.41 -6.66 19.49
N VAL B 436 17.47 -6.30 20.78
CA VAL B 436 17.62 -7.27 21.85
C VAL B 436 16.55 -7.01 22.92
N ILE B 437 15.97 -8.08 23.44
CA ILE B 437 15.06 -8.02 24.59
C ILE B 437 15.63 -8.95 25.64
N ARG B 438 15.90 -8.41 26.83
CA ARG B 438 16.49 -9.16 27.93
C ARG B 438 15.53 -9.20 29.10
N ALA B 439 15.36 -10.39 29.69
CA ALA B 439 14.46 -10.57 30.80
C ALA B 439 15.19 -10.85 32.11
N GLN B 440 16.45 -11.25 32.03
CA GLN B 440 17.23 -11.69 33.19
C GLN B 440 18.70 -11.51 32.91
N PRO B 441 19.51 -11.09 33.91
CA PRO B 441 19.05 -10.73 35.26
C PRO B 441 18.11 -9.51 35.38
N SER B 442 18.30 -8.51 34.54
CA SER B 442 17.51 -7.28 34.56
C SER B 442 16.77 -7.09 33.23
N GLU B 443 15.51 -6.66 33.30
CA GLU B 443 14.77 -6.38 32.08
C GLU B 443 15.45 -5.25 31.31
N ALA B 444 15.45 -5.37 29.98
CA ALA B 444 16.01 -4.34 29.12
C ALA B 444 15.55 -4.59 27.68
N MET B 445 15.30 -3.50 26.96
CA MET B 445 15.04 -3.53 25.53
C MET B 445 15.80 -2.39 24.86
N TYR B 446 16.60 -2.73 23.85
CA TYR B 446 17.36 -1.68 23.15
C TYR B 446 17.71 -2.15 21.75
N VAL B 447 17.91 -1.17 20.87
CA VAL B 447 18.29 -1.40 19.47
C VAL B 447 19.69 -0.82 19.27
N LYS B 448 20.53 -1.57 18.56
CA LYS B 448 21.90 -1.15 18.28
C LYS B 448 21.96 -0.64 16.84
N ILE B 449 22.38 0.61 16.69
CA ILE B 449 22.43 1.29 15.39
C ILE B 449 23.71 2.11 15.31
N THR B 450 24.04 2.54 14.09
CA THR B 450 25.21 3.38 13.85
C THR B 450 24.74 4.83 13.73
N THR B 451 25.44 5.73 14.41
CA THR B 451 25.14 7.15 14.38
C THR B 451 26.40 7.98 14.15
N LYS B 452 26.18 9.22 13.69
CA LYS B 452 27.24 10.21 13.60
C LYS B 452 28.00 10.37 14.91
N VAL B 453 29.31 10.50 14.80
CA VAL B 453 30.18 10.84 15.94
C VAL B 453 30.44 12.34 15.92
N PRO B 454 30.33 13.03 17.06
CA PRO B 454 30.58 14.49 17.09
C PRO B 454 32.04 14.90 16.94
N GLY B 455 32.76 14.29 16.00
CA GLY B 455 34.12 14.64 15.65
C GLY B 455 34.42 16.13 15.54
N LEU B 456 35.66 16.53 15.81
CA LEU B 456 36.04 17.93 15.70
C LEU B 456 35.75 18.46 14.30
N SER B 457 36.44 17.92 13.29
CA SER B 457 35.98 18.09 11.92
C SER B 457 34.78 17.19 11.63
N GLY B 458 34.67 16.08 12.34
CA GLY B 458 33.72 15.07 11.98
C GLY B 458 34.12 14.40 10.68
N ASP B 459 33.22 13.53 10.25
CA ASP B 459 33.31 12.89 8.95
C ASP B 459 32.09 12.02 8.82
N LEU B 460 31.67 11.85 7.58
CA LEU B 460 30.53 11.04 7.23
C LEU B 460 30.86 9.56 7.30
N ARG B 461 32.12 9.20 7.01
CA ARG B 461 32.55 7.82 7.11
C ARG B 461 32.86 7.43 8.55
N GLN B 462 33.04 8.42 9.43
CA GLN B 462 33.32 8.14 10.83
C GLN B 462 32.02 8.12 11.61
N THR B 463 31.61 6.91 11.92
CA THR B 463 30.41 6.55 12.64
C THR B 463 30.84 5.81 13.90
N HIS B 464 29.94 5.72 14.88
CA HIS B 464 30.24 4.82 15.98
C HIS B 464 28.92 4.23 16.46
N GLN B 465 28.91 2.92 16.60
CA GLN B 465 27.72 2.17 17.01
C GLN B 465 27.27 2.58 18.40
N THR B 466 25.95 2.63 18.58
CA THR B 466 25.36 3.07 19.84
C THR B 466 24.20 2.16 20.19
N GLU B 467 23.71 2.32 21.42
CA GLU B 467 22.60 1.54 21.94
C GLU B 467 21.51 2.54 22.26
N LEU B 468 20.30 2.24 21.79
CA LEU B 468 19.15 3.14 21.93
C LEU B 468 18.07 2.41 22.71
N ASP B 469 17.65 3.00 23.83
CA ASP B 469 16.73 2.35 24.74
C ASP B 469 15.30 2.53 24.24
N LEU B 470 14.45 1.54 24.56
CA LEU B 470 13.03 1.61 24.24
C LEU B 470 12.13 1.43 25.45
N THR B 471 12.66 1.41 26.66
CA THR B 471 11.86 1.12 27.84
C THR B 471 11.56 2.42 28.60
N TYR B 472 10.28 2.63 28.89
CA TYR B 472 9.86 3.74 29.74
C TYR B 472 9.76 3.23 31.17
N HIS B 473 10.85 3.38 31.92
CA HIS B 473 10.92 2.97 33.33
C HIS B 473 9.72 3.46 34.13
N VAL B 478 8.57 0.77 44.75
CA VAL B 478 7.26 0.12 44.70
C VAL B 478 7.43 -1.33 44.25
N ARG B 479 6.65 -2.22 44.87
CA ARG B 479 6.83 -3.65 44.67
C ARG B 479 6.63 -4.05 43.22
N LEU B 480 7.56 -4.86 42.70
CA LEU B 480 7.53 -5.38 41.34
C LEU B 480 7.17 -6.85 41.34
N PRO B 481 6.14 -7.27 40.60
CA PRO B 481 5.84 -8.69 40.50
C PRO B 481 6.77 -9.40 39.52
N ASP B 482 7.20 -10.60 39.90
CA ASP B 482 8.10 -11.36 39.02
C ASP B 482 7.29 -12.07 37.94
N ALA B 483 7.97 -12.91 37.16
CA ALA B 483 7.31 -13.60 36.05
C ALA B 483 6.21 -14.50 36.58
N TYR B 484 6.51 -15.26 37.64
CA TYR B 484 5.55 -16.23 38.17
C TYR B 484 4.31 -15.53 38.74
N GLU B 485 4.49 -14.44 39.49
CA GLU B 485 3.34 -13.74 40.08
C GLU B 485 2.39 -13.12 39.08
N SER B 486 2.92 -12.64 37.97
CA SER B 486 1.98 -12.05 37.07
C SER B 486 1.47 -13.08 36.10
N LEU B 487 2.01 -14.31 36.13
CA LEU B 487 1.34 -15.42 35.47
C LEU B 487 0.19 -15.97 36.31
N ILE B 488 0.42 -16.10 37.62
CA ILE B 488 -0.65 -16.50 38.53
C ILE B 488 -1.75 -15.45 38.53
N ASN B 489 -1.37 -14.16 38.56
CA ASN B 489 -2.35 -13.09 38.54
C ASN B 489 -3.09 -13.03 37.21
N ASP B 490 -2.39 -13.36 36.11
CA ASP B 490 -3.05 -13.41 34.81
C ASP B 490 -4.17 -14.43 34.81
N ALA B 491 -3.96 -15.56 35.50
CA ALA B 491 -5.01 -16.56 35.61
C ALA B 491 -6.15 -16.06 36.49
N LEU B 492 -5.82 -15.31 37.55
CA LEU B 492 -6.86 -14.76 38.40
C LEU B 492 -7.73 -13.74 37.67
N LEU B 493 -7.16 -13.01 36.71
CA LEU B 493 -7.88 -12.00 35.95
C LEU B 493 -8.50 -12.53 34.66
N GLY B 494 -8.34 -13.80 34.35
CA GLY B 494 -8.91 -14.41 33.16
C GLY B 494 -8.08 -14.27 31.91
N ASN B 495 -6.78 -14.04 32.03
CA ASN B 495 -5.92 -13.76 30.89
C ASN B 495 -5.15 -15.04 30.57
N SER B 496 -5.58 -15.74 29.52
CA SER B 496 -5.01 -17.02 29.12
C SER B 496 -3.87 -16.87 28.11
N THR B 497 -3.31 -15.67 27.94
CA THR B 497 -2.42 -15.42 26.82
C THR B 497 -1.10 -16.17 26.95
N ASN B 498 -0.51 -16.16 28.14
CA ASN B 498 0.83 -16.68 28.35
C ASN B 498 0.85 -18.11 28.89
N PHE B 499 -0.16 -18.90 28.55
CA PHE B 499 -0.24 -20.30 28.96
C PHE B 499 -0.44 -21.10 27.69
N VAL B 500 0.35 -22.16 27.51
CA VAL B 500 0.23 -22.94 26.30
C VAL B 500 -1.13 -23.63 26.32
N ARG B 501 -1.79 -23.66 25.16
CA ARG B 501 -3.11 -24.25 25.05
C ARG B 501 -3.01 -25.55 24.28
N LYS B 502 -4.06 -26.36 24.40
CA LYS B 502 -4.08 -27.74 23.91
C LYS B 502 -3.49 -27.91 22.51
N ASP B 503 -4.04 -27.21 21.50
CA ASP B 503 -3.55 -27.42 20.15
C ASP B 503 -2.10 -26.99 19.96
N GLU B 504 -1.69 -25.87 20.58
CA GLU B 504 -0.31 -25.42 20.39
C GLU B 504 0.68 -26.34 21.11
N LEU B 505 0.32 -26.84 22.29
CA LEU B 505 1.20 -27.77 22.98
C LEU B 505 1.48 -29.01 22.13
N ASP B 506 0.47 -29.48 21.41
CA ASP B 506 0.68 -30.63 20.54
C ASP B 506 1.59 -30.27 19.37
N VAL B 507 1.28 -29.19 18.65
CA VAL B 507 2.10 -28.83 17.49
C VAL B 507 3.49 -28.43 17.94
N ALA B 508 3.63 -27.88 19.15
CA ALA B 508 4.96 -27.59 19.69
C ALA B 508 5.73 -28.88 19.93
N TRP B 509 5.07 -29.91 20.49
CA TRP B 509 5.74 -31.19 20.69
C TRP B 509 6.13 -31.83 19.36
N ARG B 510 5.25 -31.73 18.36
CA ARG B 510 5.55 -32.34 17.05
C ARG B 510 6.78 -31.71 16.42
N ILE B 511 7.17 -30.52 16.85
CA ILE B 511 8.39 -29.89 16.37
C ILE B 511 9.62 -30.59 16.93
N PHE B 512 9.60 -30.93 18.22
CA PHE B 512 10.82 -31.32 18.91
C PHE B 512 11.06 -32.83 19.02
N THR B 513 10.03 -33.66 18.95
CA THR B 513 10.23 -35.06 19.33
C THR B 513 11.04 -35.87 18.31
N PRO B 514 10.92 -35.62 17.00
CA PRO B 514 11.86 -36.31 16.08
C PRO B 514 13.32 -36.07 16.44
N LEU B 515 13.66 -34.88 16.91
CA LEU B 515 15.00 -34.67 17.43
C LEU B 515 15.20 -35.44 18.72
N LEU B 516 14.20 -35.41 19.62
CA LEU B 516 14.33 -36.07 20.91
C LEU B 516 14.47 -37.58 20.73
N HIS B 517 13.69 -38.16 19.82
CA HIS B 517 13.79 -39.59 19.55
C HIS B 517 15.18 -39.95 19.03
N GLN B 518 15.71 -39.16 18.09
CA GLN B 518 17.03 -39.44 17.54
C GLN B 518 18.13 -39.26 18.57
N ILE B 519 17.93 -38.37 19.55
CA ILE B 519 18.91 -38.20 20.61
C ILE B 519 18.90 -39.40 21.55
N ASP B 520 17.72 -39.92 21.85
CA ASP B 520 17.62 -41.10 22.70
C ASP B 520 18.20 -42.33 21.98
N SER B 521 17.97 -42.42 20.67
CA SER B 521 18.61 -43.44 19.85
C SER B 521 20.12 -43.27 19.74
N GLY B 522 20.69 -42.21 20.31
CA GLY B 522 22.12 -42.01 20.24
C GLY B 522 22.63 -41.57 18.90
N GLU B 523 21.75 -41.08 18.02
CA GLU B 523 22.19 -40.64 16.69
C GLU B 523 23.01 -39.37 16.75
N ILE B 524 22.91 -38.63 17.86
CA ILE B 524 23.79 -37.51 18.16
C ILE B 524 24.18 -37.66 19.63
N LYS B 525 25.41 -37.25 19.95
CA LYS B 525 25.89 -37.41 21.31
C LYS B 525 26.34 -36.07 21.89
N PRO B 526 26.22 -35.88 23.20
CA PRO B 526 26.59 -34.59 23.78
C PRO B 526 28.10 -34.39 23.81
N ILE B 527 28.52 -33.15 23.57
CA ILE B 527 29.93 -32.77 23.54
C ILE B 527 30.32 -32.19 24.89
N PRO B 528 31.41 -32.63 25.50
CA PRO B 528 31.74 -32.18 26.86
C PRO B 528 32.19 -30.73 26.91
N TYR B 529 31.83 -30.07 28.01
CA TYR B 529 32.30 -28.73 28.30
C TYR B 529 32.35 -28.58 29.82
N GLN B 530 33.35 -27.88 30.33
CA GLN B 530 33.43 -27.68 31.77
C GLN B 530 32.59 -26.47 32.14
N ALA B 531 31.97 -26.53 33.32
CA ALA B 531 31.07 -25.48 33.76
C ALA B 531 31.81 -24.16 33.96
N GLY B 532 31.09 -23.06 33.74
CA GLY B 532 31.67 -21.75 33.80
C GLY B 532 32.18 -21.24 32.46
N THR B 533 32.38 -22.14 31.50
CA THR B 533 32.70 -21.75 30.14
C THR B 533 31.41 -21.32 29.43
N ARG B 534 31.57 -20.84 28.19
CA ARG B 534 30.41 -20.50 27.39
C ARG B 534 29.68 -21.75 26.90
N GLY B 535 30.32 -22.91 26.98
CA GLY B 535 29.77 -24.14 26.50
C GLY B 535 30.72 -24.78 25.50
N PRO B 536 30.24 -25.79 24.77
CA PRO B 536 31.07 -26.37 23.70
C PRO B 536 31.35 -25.34 22.63
N LYS B 537 32.57 -25.36 22.09
CA LYS B 537 32.93 -24.39 21.08
C LYS B 537 32.40 -24.77 19.70
N GLU B 538 31.98 -26.04 19.53
CA GLU B 538 31.20 -26.42 18.37
C GLU B 538 29.82 -25.75 18.37
N ALA B 539 29.32 -25.37 19.55
CA ALA B 539 28.06 -24.65 19.61
C ALA B 539 28.21 -23.23 19.11
N ASP B 540 29.28 -22.55 19.53
CA ASP B 540 29.56 -21.22 19.02
C ASP B 540 29.83 -21.25 17.53
N GLU B 541 30.48 -22.32 17.05
CA GLU B 541 30.64 -22.49 15.62
C GLU B 541 29.31 -22.66 14.93
N PHE B 542 28.38 -23.41 15.53
CA PHE B 542 27.08 -23.61 14.90
C PHE B 542 26.34 -22.27 14.75
N ILE B 543 26.42 -21.42 15.77
CA ILE B 543 25.76 -20.12 15.70
C ILE B 543 26.34 -19.27 14.58
N ALA B 544 27.68 -19.25 14.46
CA ALA B 544 28.33 -18.40 13.46
C ALA B 544 28.05 -18.87 12.03
N ASN B 545 27.93 -20.18 11.82
CA ASN B 545 27.71 -20.74 10.51
C ASN B 545 26.25 -20.70 10.08
N ASN B 546 25.38 -20.07 10.88
CA ASN B 546 23.95 -20.04 10.60
C ASN B 546 23.43 -18.60 10.62
N GLY B 547 24.23 -17.68 10.07
CA GLY B 547 23.78 -16.32 9.83
C GLY B 547 24.07 -15.30 10.91
N PHE B 548 24.69 -15.70 12.02
CA PHE B 548 25.05 -14.74 13.07
C PHE B 548 26.42 -14.16 12.79
N LYS B 549 26.53 -12.84 12.92
CA LYS B 549 27.76 -12.11 12.65
C LYS B 549 28.13 -11.33 13.91
N HIS B 550 29.37 -11.47 14.36
CA HIS B 550 29.83 -10.91 15.62
C HIS B 550 30.54 -9.59 15.36
N GLN B 551 30.35 -8.65 16.31
CA GLN B 551 30.69 -7.24 16.16
C GLN B 551 32.00 -6.96 15.43
N LYS B 552 33.12 -7.36 16.04
CA LYS B 552 34.47 -6.93 15.63
C LYS B 552 34.49 -5.60 14.86
N CYS C 61 -32.57 5.77 -51.72
CA CYS C 61 -33.64 6.33 -52.54
C CYS C 61 -34.88 6.62 -51.70
N LYS C 62 -34.79 6.29 -50.41
CA LYS C 62 -35.87 6.48 -49.45
C LYS C 62 -35.47 7.49 -48.39
N VAL C 63 -36.40 8.39 -48.07
CA VAL C 63 -36.20 9.46 -47.10
C VAL C 63 -37.49 10.27 -47.03
N LYS C 64 -37.83 10.71 -45.83
CA LYS C 64 -39.21 10.63 -45.39
C LYS C 64 -40.12 11.55 -46.20
N ASP C 65 -41.41 11.19 -46.20
CA ASP C 65 -42.41 11.79 -47.08
C ASP C 65 -42.38 13.31 -47.09
N GLU C 66 -42.02 13.93 -45.97
CA GLU C 66 -42.16 15.38 -45.94
C GLU C 66 -41.10 16.14 -46.78
N GLN C 67 -40.04 15.51 -47.41
CA GLN C 67 -39.13 16.41 -48.18
C GLN C 67 -39.91 17.14 -49.20
N LYS C 68 -40.80 16.42 -49.84
CA LYS C 68 -41.31 16.88 -51.09
C LYS C 68 -42.48 17.77 -50.86
N SER C 69 -42.94 17.85 -49.62
CA SER C 69 -44.12 18.64 -49.33
C SER C 69 -43.93 20.06 -49.81
N ARG C 70 -42.71 20.59 -49.70
CA ARG C 70 -42.38 21.91 -50.23
C ARG C 70 -41.06 21.82 -51.01
N ALA C 71 -40.84 22.78 -51.90
CA ALA C 71 -39.59 22.82 -52.63
C ALA C 71 -38.43 23.16 -51.71
N LEU C 72 -37.23 22.77 -52.13
CA LEU C 72 -36.02 23.02 -51.35
C LEU C 72 -34.96 23.57 -52.29
N THR C 73 -34.28 24.62 -51.85
CA THR C 73 -33.20 25.24 -52.60
C THR C 73 -31.99 25.37 -51.69
N ILE C 74 -30.83 24.94 -52.18
CA ILE C 74 -29.57 25.01 -51.45
C ILE C 74 -28.70 26.03 -52.16
N ILE C 75 -28.38 27.12 -51.48
CA ILE C 75 -27.51 28.14 -52.02
C ILE C 75 -26.14 28.00 -51.35
N VAL C 76 -25.12 27.72 -52.15
CA VAL C 76 -23.75 27.58 -51.67
C VAL C 76 -22.99 28.82 -52.10
N PHE C 77 -22.59 29.63 -51.13
CA PHE C 77 -21.76 30.79 -51.39
C PHE C 77 -20.28 30.41 -51.42
N GLY C 78 -19.47 31.34 -51.92
CA GLY C 78 -18.06 31.09 -52.14
C GLY C 78 -17.80 29.95 -53.09
N ALA C 79 -18.62 29.83 -54.14
CA ALA C 79 -18.65 28.63 -54.98
C ALA C 79 -17.31 28.36 -55.65
N SER C 80 -16.51 29.39 -55.87
CA SER C 80 -15.14 29.21 -56.34
C SER C 80 -14.16 29.53 -55.23
N GLY C 81 -14.66 29.70 -54.01
CA GLY C 81 -13.80 29.62 -52.85
C GLY C 81 -13.28 28.21 -52.68
N ASP C 82 -12.15 28.11 -51.98
CA ASP C 82 -11.44 26.84 -51.93
C ASP C 82 -12.19 25.81 -51.11
N LEU C 83 -12.91 26.27 -50.09
CA LEU C 83 -13.71 25.38 -49.26
C LEU C 83 -14.87 24.79 -50.06
N ALA C 84 -15.52 25.62 -50.88
CA ALA C 84 -16.70 25.18 -51.62
C ALA C 84 -16.41 24.09 -52.64
N LYS C 85 -15.31 24.20 -53.41
CA LYS C 85 -15.03 23.14 -54.39
C LYS C 85 -14.77 21.83 -53.71
N LYS C 86 -14.06 21.86 -52.58
CA LYS C 86 -13.40 20.70 -52.06
C LYS C 86 -14.25 20.00 -51.01
N LYS C 87 -15.18 20.69 -50.37
CA LYS C 87 -15.70 19.98 -49.21
C LYS C 87 -17.22 19.94 -49.13
N THR C 88 -17.93 21.01 -49.52
CA THR C 88 -19.37 21.12 -49.32
C THR C 88 -20.15 20.72 -50.57
N PHE C 89 -19.66 21.12 -51.74
CA PHE C 89 -20.27 20.63 -52.98
C PHE C 89 -20.09 19.12 -53.10
N PRO C 90 -18.91 18.53 -52.85
CA PRO C 90 -18.84 17.06 -52.84
C PRO C 90 -19.72 16.43 -51.78
N ALA C 91 -19.90 17.09 -50.63
CA ALA C 91 -20.79 16.58 -49.60
C ALA C 91 -22.21 16.45 -50.12
N LEU C 92 -22.68 17.45 -50.86
CA LEU C 92 -24.04 17.43 -51.39
C LEU C 92 -24.26 16.25 -52.33
N PHE C 93 -23.23 15.83 -53.08
CA PHE C 93 -23.37 14.66 -53.94
C PHE C 93 -23.61 13.41 -53.11
N ASP C 94 -22.83 13.23 -52.05
CA ASP C 94 -22.99 12.05 -51.19
C ASP C 94 -24.40 11.99 -50.59
N LEU C 95 -24.99 13.15 -50.30
CA LEU C 95 -26.37 13.17 -49.83
C LEU C 95 -27.34 12.77 -50.92
N TYR C 96 -27.01 13.08 -52.18
CA TYR C 96 -27.86 12.69 -53.31
C TYR C 96 -27.87 11.18 -53.52
N CYS C 97 -26.70 10.53 -53.41
CA CYS C 97 -26.63 9.09 -53.63
C CYS C 97 -27.21 8.29 -52.46
N GLY C 98 -27.01 8.78 -51.24
CA GLY C 98 -27.62 8.13 -50.10
C GLY C 98 -29.13 8.24 -50.10
N GLY C 99 -29.67 8.99 -51.06
CA GLY C 99 -31.07 9.19 -51.12
C GLY C 99 -31.59 10.10 -50.05
N LEU C 100 -30.74 10.96 -49.48
CA LEU C 100 -31.16 11.87 -48.43
C LEU C 100 -31.59 13.24 -48.96
N LEU C 101 -31.44 13.50 -50.26
CA LEU C 101 -31.90 14.72 -50.89
C LEU C 101 -33.23 14.49 -51.63
N PRO C 102 -34.09 15.50 -51.67
CA PRO C 102 -35.33 15.39 -52.43
C PRO C 102 -35.04 15.23 -53.91
N PRO C 103 -35.96 14.62 -54.67
CA PRO C 103 -35.71 14.44 -56.11
C PRO C 103 -35.67 15.76 -56.85
N GLU C 104 -36.30 16.79 -56.30
CA GLU C 104 -36.46 18.08 -56.97
C GLU C 104 -35.62 19.17 -56.33
N VAL C 105 -34.54 18.80 -55.62
CA VAL C 105 -33.73 19.81 -54.95
C VAL C 105 -33.08 20.71 -55.99
N ASN C 106 -32.94 21.98 -55.67
CA ASN C 106 -32.29 22.95 -56.55
C ASN C 106 -31.11 23.55 -55.79
N ILE C 107 -29.91 23.40 -56.34
CA ILE C 107 -28.70 23.96 -55.74
C ILE C 107 -28.06 24.94 -56.71
N ILE C 108 -27.66 26.10 -56.20
CA ILE C 108 -27.01 27.13 -57.00
C ILE C 108 -25.72 27.54 -56.31
N GLY C 109 -24.61 27.52 -57.09
CA GLY C 109 -23.34 27.99 -56.58
C GLY C 109 -23.24 29.49 -56.77
N TYR C 110 -22.82 30.18 -55.73
CA TYR C 110 -22.83 31.63 -55.70
C TYR C 110 -21.43 32.14 -55.46
N ALA C 111 -20.93 32.93 -56.40
CA ALA C 111 -19.65 33.57 -56.21
C ALA C 111 -19.60 34.79 -57.09
N ARG C 112 -18.75 35.71 -56.69
CA ARG C 112 -18.49 36.92 -57.43
C ARG C 112 -17.53 36.82 -58.62
N THR C 113 -16.59 35.89 -58.63
CA THR C 113 -15.63 35.84 -59.74
C THR C 113 -16.35 35.42 -61.03
N LYS C 114 -15.87 35.92 -62.18
CA LYS C 114 -16.46 35.58 -63.48
C LYS C 114 -16.17 34.13 -63.90
N VAL C 115 -17.11 33.58 -64.66
CA VAL C 115 -16.91 32.38 -65.48
C VAL C 115 -17.61 32.62 -66.82
N ASP C 116 -16.86 32.43 -67.93
CA ASP C 116 -17.32 32.73 -69.30
C ASP C 116 -18.44 31.78 -69.71
N ASP C 117 -18.39 30.58 -69.18
CA ASP C 117 -19.29 29.46 -69.35
C ASP C 117 -20.13 29.31 -68.09
N VAL C 118 -21.02 28.33 -68.09
CA VAL C 118 -21.65 27.88 -66.86
C VAL C 118 -21.44 26.38 -66.69
N GLU C 119 -21.59 25.61 -67.79
CA GLU C 119 -21.54 24.15 -67.78
C GLU C 119 -20.13 23.55 -67.81
N LYS C 120 -19.18 24.19 -68.47
CA LYS C 120 -17.77 23.90 -68.29
C LYS C 120 -17.27 24.06 -66.87
N TRP C 121 -17.75 25.04 -66.15
CA TRP C 121 -17.28 25.12 -64.79
C TRP C 121 -17.72 23.93 -63.94
N LYS C 122 -18.95 23.48 -64.07
CA LYS C 122 -19.32 22.34 -63.25
C LYS C 122 -18.69 21.04 -63.72
N HIS C 123 -18.47 20.91 -65.03
CA HIS C 123 -18.04 19.64 -65.59
C HIS C 123 -16.56 19.34 -65.33
N GLU C 124 -15.73 20.34 -65.04
CA GLU C 124 -14.31 20.10 -64.81
C GLU C 124 -13.71 20.78 -63.59
N THR C 125 -14.47 21.59 -62.88
CA THR C 125 -13.97 22.08 -61.60
C THR C 125 -14.61 21.39 -60.42
N LEU C 126 -15.83 20.88 -60.56
CA LEU C 126 -16.45 20.22 -59.42
C LEU C 126 -16.31 18.71 -59.47
N MET C 127 -16.52 18.04 -60.61
CA MET C 127 -16.39 16.59 -60.62
C MET C 127 -14.94 16.19 -60.45
N LYS C 128 -14.02 17.09 -60.77
CA LYS C 128 -12.62 16.86 -60.41
C LYS C 128 -12.49 16.78 -58.91
N TYR C 129 -13.51 17.21 -58.17
CA TYR C 129 -13.44 17.32 -56.72
C TYR C 129 -14.42 16.44 -55.96
N PHE C 130 -15.07 15.49 -56.62
CA PHE C 130 -15.98 14.60 -55.93
C PHE C 130 -15.15 13.52 -55.24
N SER C 131 -15.47 13.26 -53.97
CA SER C 131 -14.73 12.29 -53.17
C SER C 131 -14.88 10.88 -53.69
N ASN C 132 -15.74 10.71 -54.67
CA ASN C 132 -16.14 9.42 -55.19
C ASN C 132 -15.26 9.12 -56.41
N LEU C 133 -15.10 7.85 -56.78
CA LEU C 133 -14.33 7.59 -58.01
C LEU C 133 -14.76 6.29 -58.71
N SER C 134 -15.60 6.45 -59.73
CA SER C 134 -15.99 5.51 -60.77
C SER C 134 -16.96 4.37 -60.40
N GLU C 135 -17.27 4.12 -59.12
CA GLU C 135 -18.43 3.25 -58.90
C GLU C 135 -19.71 4.05 -58.82
N ARG C 136 -19.61 5.32 -58.45
CA ARG C 136 -20.65 6.30 -58.67
C ARG C 136 -20.24 7.21 -59.82
N GLY C 137 -19.02 7.01 -60.34
CA GLY C 137 -18.47 7.91 -61.34
C GLY C 137 -19.24 7.78 -62.63
N CYS C 138 -19.27 8.88 -63.36
CA CYS C 138 -20.02 9.00 -64.59
C CYS C 138 -21.51 8.94 -64.24
N HIS C 139 -21.89 8.47 -63.05
CA HIS C 139 -23.31 8.61 -62.80
C HIS C 139 -23.51 9.95 -62.14
N ALA C 140 -22.40 10.55 -61.74
CA ALA C 140 -22.47 11.81 -61.07
C ALA C 140 -23.23 12.80 -61.92
N GLU C 141 -23.23 12.58 -63.31
CA GLU C 141 -23.59 13.92 -63.67
C GLU C 141 -25.02 14.10 -63.81
N ASP C 142 -25.72 13.10 -63.29
CA ASP C 142 -27.12 13.28 -62.99
C ASP C 142 -27.27 14.42 -62.00
N PHE C 143 -26.38 14.42 -61.01
CA PHE C 143 -26.34 15.42 -59.95
C PHE C 143 -26.09 16.81 -60.51
N LEU C 144 -25.19 16.94 -61.47
CA LEU C 144 -24.85 18.23 -62.05
C LEU C 144 -25.96 18.87 -62.84
N LYS C 145 -27.03 18.18 -63.18
CA LYS C 145 -28.14 19.02 -63.60
C LYS C 145 -28.79 19.77 -62.46
N HIS C 146 -28.55 19.39 -61.22
CA HIS C 146 -29.13 20.12 -60.10
C HIS C 146 -28.35 21.36 -59.67
N ILE C 147 -27.13 21.57 -60.18
CA ILE C 147 -26.31 22.72 -59.79
C ILE C 147 -26.46 23.80 -60.86
N SER C 148 -26.62 25.05 -60.44
CA SER C 148 -26.61 26.20 -61.33
C SER C 148 -25.63 27.22 -60.78
N TYR C 149 -25.11 28.08 -61.64
CA TYR C 149 -24.20 29.13 -61.21
C TYR C 149 -24.91 30.47 -61.17
N PHE C 150 -24.43 31.35 -60.30
CA PHE C 150 -24.97 32.71 -60.19
C PHE C 150 -23.81 33.63 -59.82
N CYS C 151 -23.58 34.64 -60.65
CA CYS C 151 -22.51 35.61 -60.41
C CYS C 151 -23.12 36.89 -59.88
N GLY C 152 -22.63 37.33 -58.72
CA GLY C 152 -23.16 38.50 -58.05
C GLY C 152 -22.25 38.85 -56.90
N ALA C 153 -22.63 39.89 -56.17
CA ALA C 153 -21.82 40.37 -55.06
C ALA C 153 -22.47 40.02 -53.73
N TYR C 154 -21.63 39.81 -52.71
CA TYR C 154 -22.09 39.40 -51.40
C TYR C 154 -22.67 40.55 -50.58
N ASP C 155 -22.75 41.76 -51.13
CA ASP C 155 -23.28 42.91 -50.42
C ASP C 155 -24.33 43.69 -51.19
N SER C 156 -24.56 43.38 -52.46
CA SER C 156 -25.43 44.17 -53.32
C SER C 156 -26.88 43.71 -53.14
N VAL C 157 -27.70 44.58 -52.57
CA VAL C 157 -29.11 44.28 -52.34
C VAL C 157 -29.83 43.94 -53.65
N ASP C 158 -29.36 44.48 -54.78
CA ASP C 158 -30.02 44.19 -56.06
C ASP C 158 -29.73 42.78 -56.56
N ASP C 159 -28.49 42.28 -56.40
CA ASP C 159 -28.17 40.96 -56.93
C ASP C 159 -28.92 39.86 -56.24
N PHE C 160 -29.25 40.05 -54.97
CA PHE C 160 -30.01 39.04 -54.25
C PHE C 160 -31.47 39.01 -54.70
N LYS C 161 -32.02 40.16 -55.10
CA LYS C 161 -33.37 40.17 -55.63
C LYS C 161 -33.45 39.54 -57.01
N ARG C 162 -32.34 39.59 -57.78
CA ARG C 162 -32.28 38.83 -59.02
C ARG C 162 -32.08 37.34 -58.73
N LEU C 163 -31.36 37.01 -57.67
CA LEU C 163 -31.26 35.62 -57.23
C LEU C 163 -32.60 35.10 -56.77
N ASP C 164 -33.32 35.89 -55.97
CA ASP C 164 -34.66 35.50 -55.57
C ASP C 164 -35.54 35.20 -56.78
N ALA C 165 -35.36 35.94 -57.87
CA ALA C 165 -36.14 35.67 -59.08
C ALA C 165 -35.82 34.29 -59.65
N VAL C 166 -34.53 33.93 -59.71
CA VAL C 166 -34.20 32.61 -60.22
C VAL C 166 -34.62 31.53 -59.24
N ILE C 167 -34.67 31.84 -57.93
CA ILE C 167 -35.02 30.83 -56.93
C ILE C 167 -36.53 30.55 -56.96
N ARG C 168 -37.36 31.57 -56.75
CA ARG C 168 -38.80 31.45 -57.01
C ARG C 168 -39.22 31.22 -58.44
N GLU C 169 -38.31 31.20 -59.41
CA GLU C 169 -38.76 30.67 -60.69
C GLU C 169 -38.52 29.16 -60.81
N LYS C 170 -37.79 28.58 -59.87
CA LYS C 170 -37.68 27.13 -59.77
C LYS C 170 -38.51 26.52 -58.64
N GLU C 171 -38.80 27.26 -57.56
CA GLU C 171 -39.77 26.73 -56.58
C GLU C 171 -41.21 26.83 -57.11
N ASN C 172 -41.51 27.79 -57.97
CA ASN C 172 -42.88 27.87 -58.50
C ASN C 172 -43.13 26.92 -59.67
N ALA C 173 -42.08 26.45 -60.34
CA ALA C 173 -42.20 25.41 -61.37
C ALA C 173 -42.20 24.03 -60.76
N PHE C 174 -42.50 23.98 -59.47
CA PHE C 174 -42.34 22.81 -58.62
C PHE C 174 -43.56 21.89 -58.65
N LYS C 175 -43.28 20.60 -58.73
CA LYS C 175 -44.26 19.54 -58.88
C LYS C 175 -44.89 19.11 -57.56
N GLY C 176 -44.75 19.93 -56.51
CA GLY C 176 -45.21 19.61 -55.17
C GLY C 176 -46.63 20.02 -54.82
N PRO C 177 -47.10 19.53 -53.66
CA PRO C 177 -48.43 19.96 -53.17
C PRO C 177 -48.43 21.36 -52.57
N GLU C 178 -47.43 21.70 -51.75
CA GLU C 178 -47.40 23.02 -51.11
C GLU C 178 -46.62 24.02 -51.94
N LYS C 179 -47.12 25.24 -52.00
CA LYS C 179 -46.40 26.26 -52.75
C LYS C 179 -45.38 26.92 -51.83
N GLY C 180 -44.56 27.80 -52.40
CA GLY C 180 -43.47 28.42 -51.66
C GLY C 180 -42.22 27.56 -51.69
N GLY C 181 -41.34 27.76 -50.71
CA GLY C 181 -40.08 27.01 -50.72
C GLY C 181 -39.22 27.10 -49.46
N ASN C 182 -38.40 26.09 -49.20
CA ASN C 182 -37.51 26.07 -48.06
C ASN C 182 -36.13 26.57 -48.44
N ARG C 183 -35.45 27.28 -47.51
CA ARG C 183 -34.26 28.01 -47.88
C ARG C 183 -33.09 27.57 -46.99
N LEU C 184 -32.07 26.97 -47.60
CA LEU C 184 -30.83 26.68 -46.88
C LEU C 184 -29.65 27.37 -47.57
N PHE C 185 -29.04 28.32 -46.88
CA PHE C 185 -27.87 29.01 -47.39
C PHE C 185 -26.59 28.52 -46.69
N TYR C 186 -25.64 28.02 -47.47
CA TYR C 186 -24.34 27.59 -46.95
C TYR C 186 -23.31 28.65 -47.31
N LEU C 187 -22.80 29.35 -46.29
CA LEU C 187 -21.87 30.46 -46.48
C LEU C 187 -20.43 29.98 -46.34
N ALA C 188 -19.90 29.44 -47.43
CA ALA C 188 -18.50 28.98 -47.48
C ALA C 188 -17.57 30.18 -47.71
N LEU C 189 -17.60 31.11 -46.76
CA LEU C 189 -16.96 32.41 -46.89
C LEU C 189 -16.11 32.70 -45.66
N PRO C 190 -15.21 33.66 -45.75
CA PRO C 190 -14.55 34.19 -44.54
C PRO C 190 -15.55 34.93 -43.66
N PRO C 191 -15.27 35.04 -42.36
CA PRO C 191 -16.26 35.65 -41.45
C PRO C 191 -16.52 37.12 -41.71
N SER C 192 -15.60 37.84 -42.35
CA SER C 192 -15.85 39.25 -42.63
C SER C 192 -17.01 39.43 -43.60
N VAL C 193 -17.30 38.42 -44.39
CA VAL C 193 -18.44 38.45 -45.31
C VAL C 193 -19.73 37.99 -44.63
N PHE C 194 -19.63 37.33 -43.47
CA PHE C 194 -20.80 36.68 -42.89
C PHE C 194 -21.90 37.68 -42.57
N ALA C 195 -21.58 38.72 -41.80
CA ALA C 195 -22.63 39.63 -41.35
C ALA C 195 -23.27 40.38 -42.51
N SER C 196 -22.50 40.66 -43.53
CA SER C 196 -22.98 41.43 -44.65
C SER C 196 -23.59 40.55 -45.73
N VAL C 197 -23.30 39.24 -45.77
CA VAL C 197 -24.12 38.38 -46.65
C VAL C 197 -25.47 38.11 -46.01
N CYS C 198 -25.55 38.08 -44.67
CA CYS C 198 -26.81 37.78 -44.02
C CYS C 198 -27.77 38.94 -44.15
N GLU C 199 -27.26 40.16 -44.37
CA GLU C 199 -28.18 41.25 -44.66
C GLU C 199 -28.68 41.21 -46.09
N SER C 200 -27.82 40.78 -47.02
CA SER C 200 -28.24 40.68 -48.41
C SER C 200 -29.37 39.66 -48.57
N ILE C 201 -29.28 38.54 -47.86
CA ILE C 201 -30.36 37.56 -47.84
C ILE C 201 -31.64 38.18 -47.29
N HIS C 202 -31.53 38.91 -46.18
CA HIS C 202 -32.73 39.46 -45.54
C HIS C 202 -33.45 40.44 -46.46
N LYS C 203 -32.69 41.31 -47.15
CA LYS C 203 -33.27 42.39 -47.90
C LYS C 203 -33.81 41.96 -49.26
N GLY C 204 -33.41 40.80 -49.75
CA GLY C 204 -33.86 40.36 -51.06
C GLY C 204 -34.20 38.89 -51.16
N ALA C 205 -34.09 38.15 -50.05
CA ALA C 205 -34.20 36.69 -50.15
C ALA C 205 -34.90 36.00 -48.97
N MET C 206 -35.70 36.69 -48.14
CA MET C 206 -36.37 35.98 -47.07
C MET C 206 -37.58 35.18 -47.62
N PRO C 207 -37.93 34.05 -46.96
CA PRO C 207 -38.93 33.10 -47.50
C PRO C 207 -40.28 33.68 -47.83
N GLN C 208 -40.90 33.10 -48.84
CA GLN C 208 -42.27 33.43 -49.18
C GLN C 208 -43.15 33.22 -47.96
N GLU C 209 -44.12 34.12 -47.78
CA GLU C 209 -45.09 33.86 -46.75
C GLU C 209 -46.05 32.76 -47.17
N VAL C 210 -46.03 32.41 -48.46
CA VAL C 210 -46.78 31.26 -48.96
C VAL C 210 -46.28 29.97 -48.34
N GLY C 211 -45.04 29.94 -47.92
CA GLY C 211 -44.51 28.82 -47.14
C GLY C 211 -43.01 28.65 -47.29
N GLY C 212 -42.40 28.19 -46.21
CA GLY C 212 -40.98 27.85 -46.19
C GLY C 212 -40.21 28.49 -45.05
N TRP C 213 -39.16 27.81 -44.61
CA TRP C 213 -38.23 28.34 -43.63
C TRP C 213 -36.91 28.71 -44.30
N VAL C 214 -36.09 29.45 -43.57
CA VAL C 214 -34.71 29.72 -43.96
C VAL C 214 -33.82 29.26 -42.82
N ARG C 215 -32.77 28.52 -43.16
CA ARG C 215 -31.78 28.07 -42.20
C ARG C 215 -30.44 28.44 -42.81
N VAL C 216 -29.55 29.05 -42.02
CA VAL C 216 -28.27 29.51 -42.53
C VAL C 216 -27.16 28.75 -41.82
N ILE C 217 -26.29 28.11 -42.60
CA ILE C 217 -25.15 27.38 -42.08
C ILE C 217 -23.89 28.22 -42.23
N ILE C 218 -23.23 28.50 -41.11
CA ILE C 218 -21.93 29.15 -41.12
C ILE C 218 -20.94 28.25 -40.39
N GLU C 219 -19.72 28.15 -40.93
CA GLU C 219 -18.73 27.15 -40.50
C GLU C 219 -17.36 27.82 -40.57
N LYS C 220 -16.95 28.48 -39.47
CA LYS C 220 -15.59 29.04 -39.41
C LYS C 220 -15.20 29.35 -37.97
N PRO C 221 -14.06 30.00 -37.74
CA PRO C 221 -13.84 30.66 -36.45
C PRO C 221 -14.73 31.88 -36.31
N PHE C 222 -15.60 31.85 -35.31
CA PHE C 222 -16.51 32.94 -34.99
C PHE C 222 -15.82 33.83 -33.96
N GLY C 223 -15.02 34.78 -34.44
CA GLY C 223 -14.26 35.67 -33.58
C GLY C 223 -12.91 35.14 -33.13
N ARG C 224 -12.33 35.90 -32.19
CA ARG C 224 -11.04 35.58 -31.60
C ARG C 224 -11.04 35.65 -30.08
N ASP C 225 -12.14 36.05 -29.46
CA ASP C 225 -12.26 36.07 -28.01
C ASP C 225 -13.71 36.43 -27.67
N THR C 226 -13.99 36.59 -26.38
CA THR C 226 -15.35 36.81 -25.91
C THR C 226 -15.98 38.04 -26.59
N LYS C 227 -15.30 39.18 -26.53
CA LYS C 227 -15.86 40.39 -27.10
C LYS C 227 -15.79 40.33 -28.62
N SER C 228 -14.69 39.79 -29.14
CA SER C 228 -14.53 39.56 -30.56
C SER C 228 -15.71 38.80 -31.15
N SER C 229 -16.16 37.74 -30.48
CA SER C 229 -17.23 36.91 -31.03
C SER C 229 -18.62 37.41 -30.69
N ALA C 230 -18.78 38.11 -29.56
CA ALA C 230 -20.08 38.70 -29.22
C ALA C 230 -20.50 39.74 -30.27
N GLU C 231 -19.55 40.53 -30.76
CA GLU C 231 -19.85 41.48 -31.82
C GLU C 231 -20.41 40.77 -33.05
N LEU C 232 -19.74 39.69 -33.46
CA LEU C 232 -20.22 38.92 -34.61
C LEU C 232 -21.58 38.30 -34.31
N SER C 233 -21.81 37.92 -33.05
CA SER C 233 -23.11 37.35 -32.69
C SER C 233 -24.18 38.43 -32.65
N GLN C 234 -23.79 39.66 -32.32
CA GLN C 234 -24.72 40.79 -32.38
C GLN C 234 -24.97 41.26 -33.81
N ALA C 235 -24.01 41.01 -34.71
CA ALA C 235 -24.17 41.39 -36.11
C ALA C 235 -25.22 40.53 -36.81
N LEU C 236 -25.39 39.28 -36.39
CA LEU C 236 -26.34 38.39 -37.02
C LEU C 236 -27.67 38.30 -36.28
N GLU C 237 -27.71 38.73 -35.02
CA GLU C 237 -28.95 38.77 -34.27
C GLU C 237 -30.08 39.47 -35.00
N PRO C 238 -29.91 40.67 -35.57
CA PRO C 238 -31.05 41.30 -36.23
C PRO C 238 -31.49 40.58 -37.48
N PHE C 239 -30.71 39.66 -38.03
CA PHE C 239 -31.28 39.03 -39.21
C PHE C 239 -31.62 37.58 -39.07
N PHE C 240 -31.01 36.84 -38.15
CA PHE C 240 -31.39 35.44 -38.02
C PHE C 240 -31.35 35.09 -36.55
N ASP C 241 -32.38 34.40 -36.08
CA ASP C 241 -32.42 33.94 -34.71
C ASP C 241 -31.82 32.55 -34.62
N GLU C 242 -31.79 32.01 -33.39
CA GLU C 242 -31.15 30.72 -33.16
C GLU C 242 -31.88 29.56 -33.81
N SER C 243 -33.16 29.71 -34.13
CA SER C 243 -33.86 28.67 -34.87
C SER C 243 -33.34 28.52 -36.30
N GLN C 244 -32.64 29.53 -36.82
CA GLN C 244 -32.20 29.56 -38.20
C GLN C 244 -30.69 29.53 -38.40
N LEU C 245 -29.90 29.82 -37.37
CA LEU C 245 -28.45 29.88 -37.51
C LEU C 245 -27.83 28.55 -37.11
N TYR C 246 -26.94 28.03 -37.96
CA TYR C 246 -26.36 26.71 -37.77
C TYR C 246 -24.85 26.86 -37.81
N ARG C 247 -24.27 27.10 -36.64
CA ARG C 247 -22.84 27.28 -36.48
C ARG C 247 -22.18 25.91 -36.43
N ILE C 248 -21.41 25.58 -37.44
CA ILE C 248 -20.84 24.24 -37.55
C ILE C 248 -19.57 24.18 -36.74
N ASP C 249 -19.33 23.00 -36.14
CA ASP C 249 -18.09 22.66 -35.45
C ASP C 249 -17.81 21.26 -35.98
N HIS C 250 -17.01 21.19 -37.05
CA HIS C 250 -16.91 19.98 -37.86
C HIS C 250 -16.44 18.79 -37.02
N TYR C 251 -16.23 18.99 -35.73
CA TYR C 251 -15.94 17.87 -34.87
C TYR C 251 -17.21 17.28 -34.27
N LEU C 252 -18.37 17.90 -34.52
CA LEU C 252 -19.65 17.37 -34.09
C LEU C 252 -20.32 16.54 -35.18
N GLY C 253 -19.67 16.39 -36.33
CA GLY C 253 -20.19 15.56 -37.40
C GLY C 253 -19.50 14.21 -37.40
N LYS C 254 -18.40 14.12 -36.66
CA LYS C 254 -17.68 12.87 -36.52
C LYS C 254 -18.58 11.88 -35.82
N GLU C 255 -18.36 10.58 -36.08
CA GLU C 255 -19.32 9.61 -35.59
C GLU C 255 -19.36 9.59 -34.06
N MET C 256 -18.23 9.31 -33.42
CA MET C 256 -18.27 8.96 -32.00
C MET C 256 -18.25 10.17 -31.08
N VAL C 257 -18.32 11.38 -31.62
CA VAL C 257 -18.57 12.51 -30.74
C VAL C 257 -20.06 12.55 -30.40
N GLN C 258 -20.91 12.11 -31.33
CA GLN C 258 -22.33 11.92 -31.06
C GLN C 258 -22.59 10.66 -30.25
N ASN C 259 -21.59 9.80 -30.12
CA ASN C 259 -21.71 8.60 -29.28
C ASN C 259 -21.75 8.95 -27.80
N ILE C 260 -21.03 10.00 -27.40
CA ILE C 260 -20.94 10.37 -26.00
C ILE C 260 -22.33 10.58 -25.39
N ILE C 261 -23.30 11.04 -26.19
CA ILE C 261 -24.63 11.26 -25.63
C ILE C 261 -25.32 9.93 -25.36
N THR C 262 -25.28 9.00 -26.33
CA THR C 262 -25.96 7.72 -26.11
C THR C 262 -25.14 6.78 -25.23
N THR C 263 -23.82 6.75 -25.40
CA THR C 263 -22.98 5.86 -24.60
C THR C 263 -23.12 6.15 -23.11
N ARG C 264 -23.23 7.43 -22.75
CA ARG C 264 -23.28 7.80 -21.33
C ARG C 264 -24.67 7.57 -20.74
N PHE C 265 -25.71 7.97 -21.47
CA PHE C 265 -27.03 8.13 -20.89
C PHE C 265 -27.99 6.99 -21.21
N ALA C 266 -27.68 6.15 -22.20
CA ALA C 266 -28.53 5.01 -22.50
C ALA C 266 -28.10 3.73 -21.80
N ASN C 267 -26.97 3.74 -21.10
CA ASN C 267 -26.40 2.55 -20.49
C ASN C 267 -26.20 2.80 -19.00
N ARG C 268 -26.79 1.93 -18.18
CA ARG C 268 -26.67 2.06 -16.73
C ARG C 268 -25.27 1.70 -16.25
N ILE C 269 -24.56 0.84 -17.00
CA ILE C 269 -23.18 0.51 -16.63
C ILE C 269 -22.34 1.77 -16.55
N PHE C 270 -22.51 2.69 -17.50
CA PHE C 270 -21.76 3.93 -17.53
C PHE C 270 -22.40 5.02 -16.68
N SER C 271 -23.74 5.08 -16.64
CA SER C 271 -24.42 6.15 -15.92
C SER C 271 -24.10 6.11 -14.42
N ALA C 272 -23.97 4.92 -13.85
CA ALA C 272 -23.74 4.80 -12.42
C ALA C 272 -22.29 5.09 -12.02
N VAL C 273 -21.35 4.95 -12.96
CA VAL C 273 -19.93 5.13 -12.67
C VAL C 273 -19.41 6.46 -13.22
N TRP C 274 -20.28 7.28 -13.79
CA TRP C 274 -19.86 8.49 -14.51
C TRP C 274 -20.00 9.72 -13.61
N ASN C 275 -19.16 9.77 -12.58
CA ASN C 275 -19.22 10.86 -11.62
C ASN C 275 -17.87 10.98 -10.91
N ALA C 276 -17.80 11.91 -9.95
CA ALA C 276 -16.53 12.22 -9.29
C ALA C 276 -16.10 11.15 -8.29
N SER C 277 -17.03 10.36 -7.76
CA SER C 277 -16.67 9.36 -6.77
C SER C 277 -15.99 8.14 -7.39
N ASN C 278 -16.08 7.97 -8.71
CA ASN C 278 -15.48 6.83 -9.39
C ASN C 278 -14.54 7.20 -10.51
N ILE C 279 -14.53 8.45 -10.98
CA ILE C 279 -13.65 8.89 -12.07
C ILE C 279 -12.52 9.72 -11.46
N ALA C 280 -11.31 9.48 -11.94
CA ALA C 280 -10.12 10.15 -11.41
C ALA C 280 -9.54 11.20 -12.36
N CYS C 281 -9.64 11.01 -13.66
CA CYS C 281 -9.00 11.90 -14.61
C CYS C 281 -9.65 11.71 -15.98
N VAL C 282 -9.92 12.83 -16.66
CA VAL C 282 -10.46 12.83 -18.01
C VAL C 282 -9.54 13.67 -18.87
N GLN C 283 -9.13 13.13 -20.01
CA GLN C 283 -8.20 13.81 -20.90
C GLN C 283 -8.70 13.72 -22.34
N ILE C 284 -8.85 14.87 -22.98
CA ILE C 284 -9.17 14.96 -24.41
C ILE C 284 -7.90 15.38 -25.12
N THR C 285 -7.47 14.58 -26.10
CA THR C 285 -6.16 14.78 -26.72
C THR C 285 -6.30 14.84 -28.23
N PHE C 286 -5.64 15.82 -28.84
CA PHE C 286 -5.60 16.00 -30.28
C PHE C 286 -4.14 16.09 -30.72
N LYS C 287 -3.68 15.12 -31.51
CA LYS C 287 -2.33 15.21 -32.03
C LYS C 287 -2.31 15.16 -33.54
N GLU C 288 -1.26 15.76 -34.10
CA GLU C 288 -0.96 15.73 -35.52
C GLU C 288 0.54 15.62 -35.76
N THR C 289 0.92 14.71 -36.69
CA THR C 289 2.32 14.62 -37.14
C THR C 289 2.64 15.73 -38.12
N ILE C 290 1.65 16.24 -38.83
CA ILE C 290 1.91 17.28 -39.81
C ILE C 290 1.88 18.62 -39.11
N GLY C 291 2.86 19.46 -39.42
CA GLY C 291 2.89 20.82 -38.92
C GLY C 291 2.08 21.77 -39.77
N THR C 292 2.47 23.04 -39.71
CA THR C 292 1.92 24.09 -40.56
C THR C 292 2.82 24.27 -41.78
N GLU C 293 2.82 23.23 -42.63
CA GLU C 293 3.77 23.03 -43.73
C GLU C 293 4.31 24.33 -44.32
N GLY C 294 3.45 25.19 -44.85
CA GLY C 294 3.96 26.38 -45.50
C GLY C 294 3.11 27.59 -45.20
N ARG C 295 2.07 27.37 -44.40
CA ARG C 295 1.15 28.42 -43.99
C ARG C 295 1.39 28.85 -42.55
N GLY C 296 2.65 28.87 -42.12
CA GLY C 296 2.95 29.24 -40.75
C GLY C 296 2.52 30.66 -40.44
N GLY C 297 2.58 31.55 -41.42
CA GLY C 297 2.16 32.92 -41.20
C GLY C 297 0.68 33.02 -40.90
N TYR C 298 -0.12 32.11 -41.49
CA TYR C 298 -1.55 32.14 -41.28
C TYR C 298 -1.91 31.58 -39.90
N PHE C 299 -1.21 30.53 -39.47
CA PHE C 299 -1.39 29.98 -38.14
C PHE C 299 -0.88 30.92 -37.05
N ASP C 300 0.14 31.72 -37.34
CA ASP C 300 0.78 32.52 -36.29
C ASP C 300 -0.19 33.46 -35.62
N ASN C 301 -1.26 33.85 -36.30
CA ASN C 301 -2.28 34.70 -35.69
C ASN C 301 -3.35 33.88 -34.96
N ILE C 302 -3.31 32.55 -35.11
CA ILE C 302 -4.32 31.70 -34.47
C ILE C 302 -3.74 31.05 -33.24
N GLY C 303 -2.77 30.18 -33.41
CA GLY C 303 -2.33 29.45 -32.23
C GLY C 303 -3.16 28.21 -31.99
N ILE C 304 -2.51 27.17 -31.44
CA ILE C 304 -3.13 25.86 -31.30
C ILE C 304 -4.36 25.91 -30.41
N ILE C 305 -4.40 26.85 -29.44
CA ILE C 305 -5.52 26.92 -28.51
C ILE C 305 -6.82 27.22 -29.24
N ARG C 306 -6.87 28.34 -29.95
CA ARG C 306 -8.11 28.70 -30.63
C ARG C 306 -8.35 27.87 -31.90
N ASP C 307 -7.31 27.28 -32.49
CA ASP C 307 -7.47 26.56 -33.75
C ASP C 307 -8.35 25.33 -33.55
N VAL C 308 -8.03 24.50 -32.56
CA VAL C 308 -8.79 23.27 -32.32
C VAL C 308 -9.21 23.08 -30.88
N MET C 309 -8.56 23.72 -29.90
CA MET C 309 -8.83 23.41 -28.50
C MET C 309 -10.07 24.10 -27.97
N GLN C 310 -10.17 25.43 -28.17
CA GLN C 310 -11.31 26.17 -27.63
C GLN C 310 -12.62 25.75 -28.29
N ASN C 311 -12.58 25.31 -29.54
CA ASN C 311 -13.78 24.99 -30.29
C ASN C 311 -14.06 23.49 -30.32
N HIS C 312 -13.14 22.70 -30.84
CA HIS C 312 -13.40 21.28 -31.06
C HIS C 312 -13.28 20.49 -29.76
N LEU C 313 -12.13 20.58 -29.10
CA LEU C 313 -11.89 19.79 -27.89
C LEU C 313 -12.83 20.18 -26.77
N THR C 314 -13.23 21.45 -26.69
CA THR C 314 -14.18 21.87 -25.67
C THR C 314 -15.56 21.30 -25.95
N GLN C 315 -15.92 21.15 -27.23
CA GLN C 315 -17.18 20.50 -27.57
C GLN C 315 -17.16 19.04 -27.17
N ILE C 316 -16.00 18.39 -27.30
CA ILE C 316 -15.84 17.05 -26.74
C ILE C 316 -16.13 17.06 -25.24
N LEU C 317 -15.52 18.01 -24.53
CA LEU C 317 -15.71 18.09 -23.08
C LEU C 317 -17.16 18.36 -22.72
N ALA C 318 -17.85 19.17 -23.52
CA ALA C 318 -19.26 19.45 -23.25
C ALA C 318 -20.06 18.16 -23.24
N LEU C 319 -19.81 17.29 -24.22
CA LEU C 319 -20.56 16.04 -24.27
C LEU C 319 -20.17 15.10 -23.13
N LEU C 320 -18.90 15.12 -22.71
CA LEU C 320 -18.46 14.26 -21.64
C LEU C 320 -19.04 14.68 -20.29
N ALA C 321 -19.10 15.99 -20.03
CA ALA C 321 -19.40 16.48 -18.70
C ALA C 321 -20.84 16.92 -18.50
N MET C 322 -21.66 16.98 -19.57
CA MET C 322 -23.01 17.47 -19.43
C MET C 322 -23.86 16.55 -18.55
N GLU C 323 -24.79 17.14 -17.83
CA GLU C 323 -25.79 16.36 -17.12
C GLU C 323 -26.82 15.80 -18.09
N LYS C 324 -27.71 14.96 -17.55
CA LYS C 324 -28.74 14.33 -18.35
C LYS C 324 -29.68 15.37 -18.95
N PRO C 325 -29.90 15.37 -20.27
CA PRO C 325 -30.90 16.28 -20.87
C PRO C 325 -32.32 15.88 -20.50
N ARG C 326 -33.24 16.85 -20.46
CA ARG C 326 -34.56 16.51 -19.92
C ARG C 326 -35.33 15.65 -20.89
N SER C 327 -34.89 15.62 -22.15
CA SER C 327 -35.38 14.71 -23.15
C SER C 327 -34.27 14.60 -24.19
N LEU C 328 -34.56 13.96 -25.31
CA LEU C 328 -33.64 13.96 -26.42
C LEU C 328 -33.97 15.04 -27.43
N ASP C 329 -34.78 16.02 -27.03
CA ASP C 329 -35.00 17.18 -27.87
C ASP C 329 -33.70 17.93 -28.05
N ALA C 330 -33.51 18.50 -29.24
CA ALA C 330 -32.22 19.09 -29.61
C ALA C 330 -31.81 20.17 -28.63
N GLU C 331 -32.76 20.99 -28.18
CA GLU C 331 -32.43 22.16 -27.37
C GLU C 331 -32.27 21.85 -25.89
N CYS C 332 -32.69 20.67 -25.42
CA CYS C 332 -32.33 20.27 -24.08
C CYS C 332 -30.93 19.68 -24.00
N ILE C 333 -30.45 19.09 -25.10
CA ILE C 333 -29.06 18.63 -25.14
C ILE C 333 -28.10 19.82 -25.13
N ARG C 334 -28.32 20.80 -26.01
CA ARG C 334 -27.46 21.99 -25.98
C ARG C 334 -27.68 22.79 -24.70
N ASP C 335 -28.89 22.75 -24.13
CA ASP C 335 -29.10 23.36 -22.83
C ASP C 335 -28.11 22.78 -21.81
N GLU C 336 -27.88 21.47 -21.86
CA GLU C 336 -26.93 20.84 -20.96
C GLU C 336 -25.48 21.11 -21.37
N LYS C 337 -25.23 21.39 -22.65
CA LYS C 337 -23.88 21.76 -23.05
C LYS C 337 -23.49 23.11 -22.47
N VAL C 338 -24.43 24.04 -22.38
CA VAL C 338 -24.18 25.31 -21.71
C VAL C 338 -24.17 25.12 -20.19
N SER C 339 -24.95 24.15 -19.70
CA SER C 339 -25.03 23.92 -18.25
C SER C 339 -23.67 23.68 -17.62
N VAL C 340 -22.82 22.87 -18.27
CA VAL C 340 -21.56 22.52 -17.64
C VAL C 340 -20.43 23.48 -18.02
N LEU C 341 -20.50 24.08 -19.21
CA LEU C 341 -19.49 25.07 -19.59
C LEU C 341 -19.57 26.30 -18.70
N LYS C 342 -20.76 26.63 -18.19
CA LYS C 342 -20.90 27.71 -17.23
C LYS C 342 -20.26 27.41 -15.89
N CYS C 343 -19.90 26.14 -15.63
CA CYS C 343 -19.29 25.77 -14.37
C CYS C 343 -17.77 25.69 -14.43
N ILE C 344 -17.16 25.84 -15.59
CA ILE C 344 -15.71 25.72 -15.70
C ILE C 344 -15.08 27.09 -15.45
N GLU C 345 -14.22 27.17 -14.45
CA GLU C 345 -13.49 28.41 -14.21
C GLU C 345 -12.46 28.62 -15.31
N PRO C 346 -12.27 29.85 -15.78
CA PRO C 346 -11.36 30.08 -16.91
C PRO C 346 -9.92 29.69 -16.59
N ILE C 347 -9.29 29.03 -17.56
CA ILE C 347 -7.90 28.61 -17.42
C ILE C 347 -7.00 29.83 -17.21
N THR C 348 -6.11 29.73 -16.23
CA THR C 348 -5.07 30.72 -15.99
C THR C 348 -3.73 30.02 -16.22
N LYS C 349 -2.69 30.82 -16.47
CA LYS C 349 -1.47 30.29 -17.07
C LYS C 349 -0.81 29.21 -16.22
N GLU C 350 -0.98 29.24 -14.90
CA GLU C 350 -0.37 28.21 -14.06
C GLU C 350 -0.89 26.82 -14.39
N ASN C 351 -2.13 26.72 -14.90
CA ASN C 351 -2.72 25.45 -15.27
C ASN C 351 -2.49 25.14 -16.75
N CYS C 352 -1.36 25.59 -17.29
CA CYS C 352 -1.13 25.54 -18.72
C CYS C 352 0.36 25.51 -18.99
N VAL C 353 0.76 24.72 -19.98
CA VAL C 353 2.14 24.67 -20.46
C VAL C 353 2.09 24.69 -21.98
N LEU C 354 2.95 25.48 -22.59
CA LEU C 354 2.91 25.70 -24.03
C LEU C 354 4.20 25.28 -24.69
N GLY C 355 4.08 24.87 -25.95
CA GLY C 355 5.24 24.47 -26.73
C GLY C 355 5.16 25.05 -28.12
N GLN C 356 6.29 25.03 -28.80
CA GLN C 356 6.40 25.50 -30.17
C GLN C 356 7.39 24.58 -30.89
N TYR C 357 6.96 24.01 -32.01
CA TYR C 357 7.74 22.95 -32.62
C TYR C 357 8.89 23.53 -33.43
N THR C 358 10.04 22.87 -33.33
CA THR C 358 11.24 23.28 -34.04
C THR C 358 11.60 22.17 -35.02
N ALA C 359 12.62 22.42 -35.83
CA ALA C 359 13.02 21.42 -36.79
C ALA C 359 13.53 20.19 -36.05
N SER C 360 13.25 19.02 -36.61
CA SER C 360 13.66 17.76 -36.00
C SER C 360 14.93 17.24 -36.68
N ALA C 361 15.63 16.35 -35.97
CA ALA C 361 16.80 15.72 -36.57
C ALA C 361 16.42 14.90 -37.79
N ASP C 362 15.16 14.45 -37.87
CA ASP C 362 14.67 13.81 -39.09
C ASP C 362 14.80 14.76 -40.27
N GLY C 363 14.44 16.03 -40.09
CA GLY C 363 14.48 16.98 -41.18
C GLY C 363 13.30 16.97 -42.14
N SER C 364 12.24 16.21 -41.88
CA SER C 364 11.16 16.15 -42.86
C SER C 364 10.27 17.39 -42.80
N ILE C 365 10.27 18.10 -41.67
CA ILE C 365 9.56 19.36 -41.57
C ILE C 365 10.52 20.40 -40.98
N PRO C 366 10.64 21.56 -41.60
CA PRO C 366 11.45 22.63 -40.99
C PRO C 366 10.75 23.20 -39.78
N GLY C 367 11.54 23.84 -38.91
CA GLY C 367 10.99 24.41 -37.70
C GLY C 367 9.91 25.43 -37.97
N TYR C 368 9.14 25.73 -36.91
CA TYR C 368 8.07 26.70 -37.03
C TYR C 368 8.59 28.09 -37.37
N LEU C 369 9.69 28.50 -36.75
CA LEU C 369 10.30 29.78 -37.05
C LEU C 369 11.20 29.74 -38.28
N GLU C 370 11.55 28.55 -38.76
CA GLU C 370 12.29 28.42 -40.02
C GLU C 370 11.44 28.75 -41.25
N ASP C 371 10.19 29.18 -41.08
CA ASP C 371 9.35 29.59 -42.19
C ASP C 371 9.47 31.09 -42.42
N VAL C 372 9.58 31.49 -43.70
CA VAL C 372 9.65 32.90 -44.03
C VAL C 372 8.30 33.58 -43.81
N THR C 373 7.21 32.82 -43.83
CA THR C 373 5.88 33.39 -43.60
C THR C 373 5.67 33.82 -42.16
N VAL C 374 6.49 33.33 -41.24
CA VAL C 374 6.27 33.50 -39.80
C VAL C 374 7.10 34.68 -39.33
N PRO C 375 6.53 35.61 -38.55
CA PRO C 375 7.31 36.74 -38.04
C PRO C 375 8.43 36.32 -37.10
N GLU C 376 9.49 37.11 -37.09
CA GLU C 376 10.59 36.88 -36.17
C GLU C 376 10.10 37.04 -34.73
N GLY C 377 10.78 36.37 -33.80
CA GLY C 377 10.46 36.54 -32.39
C GLY C 377 9.05 36.11 -32.01
N SER C 378 8.49 35.10 -32.69
CA SER C 378 7.11 34.69 -32.43
C SER C 378 7.00 33.86 -31.16
N THR C 379 6.00 34.20 -30.32
CA THR C 379 5.68 33.43 -29.12
C THR C 379 4.41 32.61 -29.29
N CYS C 380 4.06 32.24 -30.51
CA CYS C 380 2.81 31.55 -30.80
C CYS C 380 2.95 30.05 -30.55
N PRO C 381 1.99 29.42 -29.86
CA PRO C 381 2.12 27.98 -29.56
C PRO C 381 1.58 27.06 -30.65
N THR C 382 2.37 26.07 -31.02
CA THR C 382 1.91 24.96 -31.86
C THR C 382 1.46 23.76 -31.03
N PHE C 383 1.46 23.89 -29.70
CA PHE C 383 1.23 22.79 -28.77
C PHE C 383 0.76 23.37 -27.46
N ALA C 384 -0.22 22.72 -26.83
CA ALA C 384 -0.73 23.20 -25.56
C ALA C 384 -1.31 22.05 -24.75
N VAL C 385 -1.12 22.11 -23.44
CA VAL C 385 -1.75 21.22 -22.48
C VAL C 385 -2.32 22.08 -21.36
N MET C 386 -3.58 21.85 -21.01
CA MET C 386 -4.25 22.67 -20.02
C MET C 386 -5.06 21.79 -19.07
N ARG C 387 -5.37 22.37 -17.91
CA ARG C 387 -6.28 21.76 -16.95
C ARG C 387 -7.50 22.66 -16.79
N LEU C 388 -8.68 22.05 -16.81
CA LEU C 388 -9.93 22.75 -16.59
C LEU C 388 -10.60 22.17 -15.36
N ASN C 389 -11.15 23.02 -14.51
CA ASN C 389 -11.82 22.60 -13.29
C ASN C 389 -13.32 22.82 -13.51
N ILE C 390 -14.05 21.71 -13.70
CA ILE C 390 -15.51 21.74 -13.81
C ILE C 390 -16.08 21.75 -12.41
N ASN C 391 -16.98 22.68 -12.15
CA ASN C 391 -17.03 23.05 -10.76
C ASN C 391 -18.49 22.77 -10.42
N ASN C 392 -18.84 21.52 -10.11
CA ASN C 392 -20.20 21.20 -9.67
C ASN C 392 -20.19 19.90 -8.86
N ASP C 393 -21.36 19.51 -8.37
CA ASP C 393 -21.45 18.30 -7.55
C ASP C 393 -20.89 17.08 -8.29
N ARG C 394 -21.29 16.90 -9.56
CA ARG C 394 -20.90 15.68 -10.27
C ARG C 394 -19.41 15.64 -10.57
N TRP C 395 -18.75 16.78 -10.73
CA TRP C 395 -17.41 16.81 -11.29
C TRP C 395 -16.36 17.46 -10.42
N ALA C 396 -16.73 18.10 -9.31
CA ALA C 396 -15.75 18.74 -8.44
C ALA C 396 -14.65 17.76 -8.05
N GLY C 397 -13.39 18.17 -8.28
CA GLY C 397 -12.24 17.35 -8.00
C GLY C 397 -11.66 16.65 -9.20
N VAL C 398 -12.49 16.33 -10.19
CA VAL C 398 -12.04 15.61 -11.39
C VAL C 398 -11.22 16.58 -12.25
N PRO C 399 -9.98 16.25 -12.58
CA PRO C 399 -9.20 17.09 -13.49
C PRO C 399 -9.55 16.79 -14.94
N PHE C 400 -9.83 17.83 -15.71
CA PHE C 400 -10.05 17.72 -17.14
C PHE C 400 -8.83 18.28 -17.85
N ILE C 401 -8.20 17.46 -18.67
CA ILE C 401 -6.93 17.79 -19.30
C ILE C 401 -7.14 17.83 -20.81
N LEU C 402 -6.86 18.98 -21.40
CA LEU C 402 -6.94 19.16 -22.85
C LEU C 402 -5.52 19.23 -23.40
N LYS C 403 -5.28 18.50 -24.49
CA LYS C 403 -3.95 18.45 -25.10
C LYS C 403 -4.11 18.50 -26.61
N ALA C 404 -3.44 19.46 -27.25
CA ALA C 404 -3.36 19.52 -28.69
C ALA C 404 -1.93 19.80 -29.10
N GLY C 405 -1.51 19.19 -30.20
CA GLY C 405 -0.16 19.36 -30.66
C GLY C 405 0.02 19.08 -32.15
N LYS C 406 0.71 19.97 -32.83
CA LYS C 406 1.11 19.77 -34.21
C LYS C 406 2.56 19.35 -34.23
N ALA C 407 2.92 18.54 -35.23
CA ALA C 407 4.28 18.04 -35.43
C ALA C 407 4.79 17.26 -34.20
N VAL C 408 4.06 16.19 -33.90
CA VAL C 408 4.25 15.20 -32.83
C VAL C 408 4.22 13.76 -33.36
N GLU C 409 4.28 12.80 -32.42
CA GLU C 409 4.53 11.38 -32.69
C GLU C 409 3.60 10.76 -33.73
N GLN C 410 2.30 10.92 -33.56
CA GLN C 410 1.28 10.27 -34.35
C GLN C 410 0.11 11.22 -34.25
N LYS C 411 -0.90 11.02 -35.10
CA LYS C 411 -1.99 12.00 -35.10
C LYS C 411 -3.23 11.18 -34.79
N TYR C 412 -3.79 11.37 -33.62
CA TYR C 412 -4.97 10.65 -33.22
C TYR C 412 -5.66 11.54 -32.21
N VAL C 413 -6.97 11.71 -32.36
CA VAL C 413 -7.77 12.39 -31.37
C VAL C 413 -8.51 11.31 -30.60
N ALA C 414 -8.43 11.37 -29.27
CA ALA C 414 -8.97 10.31 -28.44
C ALA C 414 -9.34 10.86 -27.08
N ILE C 415 -10.32 10.21 -26.45
CA ILE C 415 -10.71 10.46 -25.07
C ILE C 415 -10.13 9.35 -24.21
N ARG C 416 -9.72 9.71 -22.99
CA ARG C 416 -9.16 8.74 -22.05
C ARG C 416 -9.67 9.09 -20.66
N ILE C 417 -10.43 8.18 -20.06
CA ILE C 417 -10.99 8.36 -18.73
C ILE C 417 -10.33 7.34 -17.79
N GLN C 418 -9.80 7.84 -16.68
CA GLN C 418 -9.21 6.98 -15.66
C GLN C 418 -10.14 6.94 -14.47
N PHE C 419 -10.66 5.75 -14.17
CA PHE C 419 -11.48 5.56 -12.99
C PHE C 419 -10.60 5.35 -11.76
N ARG C 420 -11.17 5.65 -10.59
CA ARG C 420 -10.44 5.44 -9.36
C ARG C 420 -10.08 3.97 -9.20
N ASP C 421 -8.92 3.72 -8.58
CA ASP C 421 -8.45 2.37 -8.39
C ASP C 421 -9.29 1.63 -7.36
N GLU C 422 -9.52 0.34 -7.61
CA GLU C 422 -10.04 -0.54 -6.57
C GLU C 422 -8.84 -1.03 -5.78
N VAL C 423 -8.57 -0.36 -4.66
CA VAL C 423 -7.36 -0.66 -3.89
C VAL C 423 -7.43 -2.03 -3.26
N HIS C 424 -8.64 -2.51 -2.93
CA HIS C 424 -8.73 -3.78 -2.24
C HIS C 424 -9.69 -4.74 -2.93
N PRO C 425 -9.37 -6.04 -2.93
CA PRO C 425 -8.19 -6.55 -2.21
C PRO C 425 -6.94 -6.70 -3.06
N TYR C 426 -7.03 -6.36 -4.35
CA TYR C 426 -5.98 -6.73 -5.28
C TYR C 426 -4.75 -5.84 -5.21
N GLY C 427 -4.82 -4.69 -4.53
CA GLY C 427 -3.67 -3.85 -4.31
C GLY C 427 -2.86 -3.51 -5.56
N GLU C 428 -1.63 -4.01 -5.60
CA GLU C 428 -0.71 -3.73 -6.71
C GLU C 428 -0.80 -4.77 -7.81
N ALA C 429 -1.74 -5.72 -7.72
CA ALA C 429 -2.04 -6.62 -8.82
C ALA C 429 -3.04 -6.02 -9.80
N THR C 430 -3.49 -4.79 -9.55
CA THR C 430 -4.47 -4.13 -10.41
C THR C 430 -4.10 -2.65 -10.50
N GLN C 431 -4.54 -2.02 -11.58
CA GLN C 431 -4.41 -0.58 -11.76
C GLN C 431 -5.74 -0.01 -12.27
N ARG C 432 -5.77 1.31 -12.45
CA ARG C 432 -7.03 2.01 -12.73
C ARG C 432 -7.70 1.54 -14.01
N ASN C 433 -9.02 1.37 -13.93
CA ASN C 433 -9.83 1.12 -15.11
C ASN C 433 -9.81 2.33 -16.03
N GLU C 434 -9.84 2.07 -17.34
CA GLU C 434 -9.71 3.12 -18.34
C GLU C 434 -10.73 2.90 -19.45
N LEU C 435 -11.51 3.94 -19.75
CA LEU C 435 -12.37 3.96 -20.93
C LEU C 435 -11.71 4.86 -21.97
N VAL C 436 -11.58 4.35 -23.20
CA VAL C 436 -10.91 5.06 -24.29
C VAL C 436 -11.83 5.09 -25.51
N ILE C 437 -11.86 6.23 -26.20
CA ILE C 437 -12.59 6.40 -27.45
C ILE C 437 -11.71 7.09 -28.50
N ARG C 438 -11.65 6.56 -29.70
CA ARG C 438 -11.28 7.50 -30.75
C ARG C 438 -12.43 7.66 -31.72
N ALA C 439 -12.24 8.75 -32.47
CA ALA C 439 -12.95 9.26 -33.63
C ALA C 439 -12.10 9.16 -34.89
N GLN C 440 -10.79 9.44 -34.81
CA GLN C 440 -9.94 9.22 -35.98
C GLN C 440 -8.51 8.97 -35.56
N PRO C 441 -7.75 8.28 -36.42
CA PRO C 441 -8.17 7.71 -37.72
C PRO C 441 -9.32 6.63 -37.86
N SER C 442 -9.60 5.74 -36.88
CA SER C 442 -10.69 4.77 -36.99
C SER C 442 -11.64 4.74 -35.78
N GLU C 443 -12.46 3.67 -35.75
CA GLU C 443 -12.94 3.07 -34.52
C GLU C 443 -11.97 3.26 -33.38
N ALA C 444 -12.49 3.56 -32.19
CA ALA C 444 -12.31 2.61 -31.10
C ALA C 444 -12.95 3.11 -29.82
N MET C 445 -13.60 2.19 -29.10
CA MET C 445 -14.00 2.39 -27.72
C MET C 445 -13.73 1.09 -26.98
N TYR C 446 -13.03 1.18 -25.85
CA TYR C 446 -12.70 -0.02 -25.09
C TYR C 446 -12.51 0.36 -23.63
N VAL C 447 -12.79 -0.60 -22.76
CA VAL C 447 -12.73 -0.42 -21.32
C VAL C 447 -11.64 -1.31 -20.77
N LYS C 448 -10.84 -0.76 -19.86
CA LYS C 448 -9.67 -1.49 -19.43
C LYS C 448 -9.87 -2.05 -18.02
N ILE C 449 -9.63 -3.35 -17.86
CA ILE C 449 -9.79 -4.05 -16.59
C ILE C 449 -8.59 -4.96 -16.41
N THR C 450 -8.36 -5.36 -15.17
CA THR C 450 -7.31 -6.32 -14.89
C THR C 450 -7.99 -7.67 -14.74
N THR C 451 -7.40 -8.69 -15.36
CA THR C 451 -8.02 -10.00 -15.25
C THR C 451 -7.03 -11.10 -14.90
N LYS C 452 -7.66 -12.19 -14.49
CA LYS C 452 -7.14 -13.54 -14.41
C LYS C 452 -6.21 -13.81 -15.59
N VAL C 453 -5.06 -14.43 -15.35
CA VAL C 453 -4.19 -14.81 -16.46
C VAL C 453 -4.59 -16.18 -16.95
N PRO C 454 -4.78 -16.38 -18.27
CA PRO C 454 -5.22 -17.69 -18.78
C PRO C 454 -4.14 -18.75 -18.64
N GLY C 455 -3.96 -19.21 -17.42
CA GLY C 455 -2.97 -20.23 -17.12
C GLY C 455 -3.47 -21.07 -15.97
N LEU C 456 -2.88 -22.29 -15.80
CA LEU C 456 -3.20 -23.06 -14.60
C LEU C 456 -3.20 -22.31 -13.31
N SER C 457 -2.49 -21.19 -13.23
CA SER C 457 -2.55 -20.36 -12.05
C SER C 457 -3.96 -20.43 -11.47
N GLY C 458 -4.05 -20.99 -10.27
CA GLY C 458 -2.89 -21.23 -9.44
C GLY C 458 -2.82 -20.14 -8.39
N ASP C 459 -2.68 -18.87 -8.80
CA ASP C 459 -2.75 -17.78 -7.83
C ASP C 459 -3.57 -16.63 -8.41
N LEU C 460 -4.33 -15.97 -7.54
CA LEU C 460 -5.14 -14.82 -7.93
C LEU C 460 -4.34 -13.54 -8.09
N ARG C 461 -3.22 -13.38 -7.37
CA ARG C 461 -2.52 -12.11 -7.40
C ARG C 461 -1.72 -11.89 -8.68
N GLN C 462 -1.49 -12.94 -9.48
CA GLN C 462 -0.79 -12.77 -10.74
C GLN C 462 -1.84 -12.43 -11.79
N THR C 463 -1.94 -11.15 -12.13
CA THR C 463 -2.93 -10.64 -13.06
C THR C 463 -2.23 -10.01 -14.27
N HIS C 464 -3.01 -9.82 -15.34
CA HIS C 464 -2.55 -9.14 -16.53
C HIS C 464 -3.72 -8.35 -17.12
N GLN C 465 -3.44 -7.12 -17.51
CA GLN C 465 -4.42 -6.27 -18.16
C GLN C 465 -4.86 -6.71 -19.54
N THR C 466 -6.17 -6.62 -19.78
CA THR C 466 -6.81 -6.84 -21.07
C THR C 466 -7.97 -5.86 -21.19
N GLU C 467 -8.54 -5.72 -22.39
CA GLU C 467 -9.71 -4.86 -22.55
C GLU C 467 -10.79 -5.63 -23.29
N LEU C 468 -11.95 -4.98 -23.40
CA LEU C 468 -13.05 -5.45 -24.23
C LEU C 468 -13.37 -4.36 -25.23
N ASP C 469 -13.14 -4.66 -26.50
CA ASP C 469 -13.29 -3.74 -27.62
C ASP C 469 -14.70 -3.86 -28.20
N LEU C 470 -15.10 -2.85 -28.96
CA LEU C 470 -16.31 -2.93 -29.77
C LEU C 470 -15.83 -2.87 -31.20
N THR C 471 -16.13 -3.92 -31.97
CA THR C 471 -15.65 -4.08 -33.33
C THR C 471 -16.76 -4.02 -34.37
N TYR C 472 -16.47 -3.28 -35.44
CA TYR C 472 -17.20 -3.23 -36.70
C TYR C 472 -17.70 -4.61 -37.14
N HIS C 473 -18.90 -4.66 -37.70
CA HIS C 473 -19.32 -5.85 -38.45
C HIS C 473 -19.37 -5.51 -39.94
N ASP C 482 -15.51 13.15 -43.00
CA ASP C 482 -16.79 12.57 -42.97
C ASP C 482 -17.61 13.43 -41.95
N ALA C 483 -17.17 14.66 -41.73
CA ALA C 483 -17.80 15.52 -40.72
C ALA C 483 -19.00 16.31 -41.27
N TYR C 484 -18.79 17.12 -42.34
CA TYR C 484 -19.83 17.97 -42.95
C TYR C 484 -20.88 17.17 -43.69
N GLU C 485 -20.43 16.06 -44.27
CA GLU C 485 -21.22 15.18 -45.11
C GLU C 485 -22.49 14.73 -44.42
N SER C 486 -22.43 14.61 -43.09
CA SER C 486 -23.61 14.35 -42.29
C SER C 486 -24.16 15.60 -41.60
N LEU C 487 -23.41 16.71 -41.57
CA LEU C 487 -23.86 17.91 -40.86
C LEU C 487 -24.90 18.69 -41.64
N ILE C 488 -24.76 18.76 -42.97
CA ILE C 488 -25.78 19.42 -43.79
C ILE C 488 -27.12 18.74 -43.60
N ASN C 489 -27.13 17.40 -43.53
CA ASN C 489 -28.38 16.65 -43.42
C ASN C 489 -29.11 16.95 -42.11
N ASP C 490 -28.37 17.19 -41.02
CA ASP C 490 -29.02 17.56 -39.76
C ASP C 490 -29.78 18.87 -39.89
N ALA C 491 -29.20 19.83 -40.62
CA ALA C 491 -29.90 21.11 -40.80
C ALA C 491 -31.13 20.94 -41.68
N LEU C 492 -31.05 20.09 -42.70
CA LEU C 492 -32.21 19.88 -43.57
C LEU C 492 -33.38 19.28 -42.80
N LEU C 493 -33.10 18.45 -41.80
CA LEU C 493 -34.14 17.80 -41.01
C LEU C 493 -34.54 18.60 -39.78
N GLY C 494 -33.93 19.75 -39.53
CA GLY C 494 -34.30 20.58 -38.41
C GLY C 494 -33.67 20.23 -37.08
N ASN C 495 -32.51 19.58 -37.09
CA ASN C 495 -31.88 19.04 -35.88
C ASN C 495 -30.81 20.00 -35.40
N SER C 496 -31.07 20.71 -34.31
CA SER C 496 -30.18 21.72 -33.78
C SER C 496 -29.12 21.15 -32.83
N THR C 497 -29.00 19.82 -32.73
CA THR C 497 -28.14 19.23 -31.72
C THR C 497 -26.66 19.37 -32.05
N ASN C 498 -26.29 19.18 -33.32
CA ASN C 498 -24.90 19.12 -33.73
C ASN C 498 -24.37 20.48 -34.20
N PHE C 499 -24.97 21.57 -33.74
CA PHE C 499 -24.54 22.92 -34.12
C PHE C 499 -24.43 23.78 -32.88
N VAL C 500 -23.34 24.53 -32.78
CA VAL C 500 -23.08 25.36 -31.61
C VAL C 500 -24.12 26.48 -31.53
N ARG C 501 -24.51 26.82 -30.30
CA ARG C 501 -25.52 27.82 -30.01
C ARG C 501 -24.90 29.11 -29.52
N LYS C 502 -25.69 30.19 -29.63
CA LYS C 502 -25.24 31.52 -29.19
C LYS C 502 -24.67 31.45 -27.78
N ASP C 503 -25.47 30.97 -26.83
CA ASP C 503 -25.05 30.95 -25.44
C ASP C 503 -23.85 30.04 -25.19
N GLU C 504 -23.83 28.86 -25.79
CA GLU C 504 -22.69 27.96 -25.52
C GLU C 504 -21.43 28.46 -26.20
N LEU C 505 -21.55 29.05 -27.39
CA LEU C 505 -20.38 29.63 -28.04
C LEU C 505 -19.77 30.76 -27.22
N ASP C 506 -20.61 31.58 -26.57
CA ASP C 506 -20.09 32.67 -25.76
C ASP C 506 -19.38 32.18 -24.50
N VAL C 507 -20.04 31.29 -23.73
CA VAL C 507 -19.46 30.85 -22.46
C VAL C 507 -18.17 30.09 -22.70
N ALA C 508 -18.03 29.44 -23.85
CA ALA C 508 -16.78 28.77 -24.18
C ALA C 508 -15.63 29.78 -24.31
N TRP C 509 -15.89 30.91 -24.97
CA TRP C 509 -14.85 31.94 -25.10
C TRP C 509 -14.45 32.50 -23.75
N ARG C 510 -15.43 32.71 -22.86
CA ARG C 510 -15.13 33.29 -21.54
C ARG C 510 -14.21 32.41 -20.72
N ILE C 511 -14.16 31.12 -21.00
CA ILE C 511 -13.25 30.21 -20.29
C ILE C 511 -11.81 30.43 -20.74
N PHE C 512 -11.59 30.63 -22.04
CA PHE C 512 -10.25 30.62 -22.59
C PHE C 512 -9.62 32.00 -22.69
N THR C 513 -10.41 33.05 -22.73
CA THR C 513 -9.89 34.37 -23.11
C THR C 513 -8.99 35.02 -22.07
N PRO C 514 -9.26 34.91 -20.77
CA PRO C 514 -8.26 35.39 -19.79
C PRO C 514 -6.91 34.76 -19.98
N LEU C 515 -6.86 33.49 -20.38
CA LEU C 515 -5.59 32.87 -20.71
C LEU C 515 -5.03 33.44 -22.01
N LEU C 516 -5.88 33.63 -23.01
CA LEU C 516 -5.41 34.09 -24.32
C LEU C 516 -4.81 35.48 -24.24
N HIS C 517 -5.42 36.38 -23.47
CA HIS C 517 -4.87 37.72 -23.29
C HIS C 517 -3.47 37.65 -22.69
N GLN C 518 -3.29 36.82 -21.66
CA GLN C 518 -1.98 36.71 -21.03
C GLN C 518 -0.95 36.11 -21.99
N ILE C 519 -1.39 35.30 -22.95
CA ILE C 519 -0.47 34.75 -23.94
C ILE C 519 -0.03 35.84 -24.91
N ASP C 520 -0.96 36.69 -25.35
CA ASP C 520 -0.61 37.78 -26.25
C ASP C 520 0.24 38.84 -25.55
N SER C 521 -0.07 39.13 -24.28
CA SER C 521 0.76 40.00 -23.46
C SER C 521 2.13 39.41 -23.16
N GLY C 522 2.41 38.19 -23.63
CA GLY C 522 3.71 37.58 -23.40
C GLY C 522 3.89 37.02 -22.01
N GLU C 523 2.81 36.87 -21.23
CA GLU C 523 2.88 36.31 -19.89
C GLU C 523 3.14 34.81 -19.90
N ILE C 524 3.01 34.15 -21.06
CA ILE C 524 3.45 32.77 -21.26
C ILE C 524 4.32 32.76 -22.51
N LYS C 525 5.40 31.97 -22.49
CA LYS C 525 6.27 31.69 -23.63
C LYS C 525 6.34 30.18 -23.90
N PRO C 526 6.39 29.82 -25.18
CA PRO C 526 6.41 28.41 -25.59
C PRO C 526 7.74 27.78 -25.29
N ILE C 527 7.68 26.51 -24.91
CA ILE C 527 8.86 25.71 -24.61
C ILE C 527 9.22 24.95 -25.88
N PRO C 528 10.48 24.96 -26.31
CA PRO C 528 10.81 24.34 -27.59
C PRO C 528 10.70 22.82 -27.52
N TYR C 529 10.24 22.23 -28.62
CA TYR C 529 10.20 20.78 -28.79
C TYR C 529 10.38 20.49 -30.27
N GLN C 530 11.07 19.40 -30.56
CA GLN C 530 11.32 19.03 -31.95
C GLN C 530 10.14 18.23 -32.51
N ALA C 531 9.93 18.36 -33.81
CA ALA C 531 8.83 17.66 -34.45
C ALA C 531 9.07 16.16 -34.37
N GLY C 532 7.99 15.41 -34.19
CA GLY C 532 8.08 13.97 -34.05
C GLY C 532 8.25 13.46 -32.63
N THR C 533 8.70 14.30 -31.71
CA THR C 533 8.72 13.95 -30.30
C THR C 533 7.31 14.09 -29.74
N ARG C 534 7.13 13.71 -28.47
CA ARG C 534 5.83 13.86 -27.83
C ARG C 534 5.49 15.32 -27.54
N GLY C 535 6.48 16.20 -27.58
CA GLY C 535 6.30 17.59 -27.26
C GLY C 535 7.27 17.96 -26.16
N PRO C 536 7.11 19.13 -25.56
CA PRO C 536 7.94 19.49 -24.41
C PRO C 536 7.65 18.52 -23.27
N LYS C 537 8.70 18.12 -22.56
CA LYS C 537 8.50 17.17 -21.48
C LYS C 537 8.01 17.82 -20.21
N GLU C 538 8.05 19.15 -20.12
CA GLU C 538 7.31 19.84 -19.08
C GLU C 538 5.81 19.61 -19.23
N ALA C 539 5.35 19.26 -20.44
CA ALA C 539 3.93 18.94 -20.63
C ALA C 539 3.58 17.59 -20.03
N ASP C 540 4.44 16.58 -20.26
CA ASP C 540 4.19 15.27 -19.68
C ASP C 540 4.24 15.32 -18.15
N GLU C 541 5.12 16.14 -17.60
CA GLU C 541 5.14 16.35 -16.15
C GLU C 541 3.83 16.98 -15.68
N PHE C 542 3.29 17.93 -16.46
CA PHE C 542 2.04 18.57 -16.08
C PHE C 542 0.90 17.55 -16.01
N ILE C 543 0.84 16.64 -16.99
CA ILE C 543 -0.20 15.60 -16.97
C ILE C 543 -0.04 14.71 -15.75
N ALA C 544 1.20 14.32 -15.43
CA ALA C 544 1.44 13.44 -14.29
C ALA C 544 1.13 14.13 -12.97
N ASN C 545 1.37 15.43 -12.87
CA ASN C 545 1.08 16.17 -11.65
C ASN C 545 -0.38 16.59 -11.52
N ASN C 546 -1.24 16.16 -12.45
CA ASN C 546 -2.63 16.59 -12.47
C ASN C 546 -3.57 15.40 -12.52
N GLY C 547 -3.24 14.36 -11.78
CA GLY C 547 -4.15 13.25 -11.58
C GLY C 547 -4.03 12.13 -12.56
N PHE C 548 -3.16 12.24 -13.56
CA PHE C 548 -2.95 11.10 -14.42
C PHE C 548 -1.87 10.26 -13.78
N LYS C 549 -2.18 8.96 -13.65
CA LYS C 549 -1.40 7.93 -12.97
C LYS C 549 -0.97 6.87 -13.96
N HIS C 550 0.33 6.80 -14.19
CA HIS C 550 0.93 5.97 -15.23
C HIS C 550 1.53 4.67 -14.69
N GLN C 551 1.23 3.58 -15.38
CA GLN C 551 1.58 2.19 -15.01
C GLN C 551 0.60 1.24 -15.68
N ILE D 59 12.61 -31.37 -19.70
CA ILE D 59 11.34 -30.67 -19.81
C ILE D 59 11.43 -29.33 -19.08
N ASN D 60 10.65 -28.35 -19.55
CA ASN D 60 10.62 -27.03 -18.92
C ASN D 60 9.91 -27.15 -17.58
N CYS D 61 10.68 -27.12 -16.50
CA CYS D 61 10.19 -27.36 -15.15
C CYS D 61 9.94 -26.02 -14.48
N LYS D 62 8.71 -25.53 -14.58
CA LYS D 62 8.30 -24.27 -13.95
C LYS D 62 7.57 -24.53 -12.63
N VAL D 63 8.22 -25.24 -11.72
CA VAL D 63 7.74 -25.33 -10.34
C VAL D 63 8.64 -24.44 -9.49
N LYS D 64 8.04 -23.79 -8.50
CA LYS D 64 8.84 -22.89 -7.69
C LYS D 64 9.18 -23.43 -6.30
N ASP D 65 10.22 -22.81 -5.73
CA ASP D 65 11.37 -23.53 -5.19
C ASP D 65 11.00 -24.63 -4.21
N GLU D 66 9.98 -24.40 -3.40
CA GLU D 66 9.65 -25.36 -2.35
C GLU D 66 9.00 -26.62 -2.89
N GLN D 67 8.61 -26.64 -4.18
CA GLN D 67 7.96 -27.83 -4.72
C GLN D 67 8.91 -29.01 -4.74
N LYS D 68 10.18 -28.76 -5.06
CA LYS D 68 11.18 -29.81 -5.14
C LYS D 68 11.96 -29.93 -3.84
N SER D 69 11.67 -29.07 -2.86
CA SER D 69 12.37 -29.07 -1.58
C SER D 69 12.21 -30.38 -0.83
N ARG D 70 11.06 -31.03 -0.95
CA ARG D 70 10.79 -32.26 -0.23
C ARG D 70 10.30 -33.32 -1.20
N ALA D 71 10.45 -34.58 -0.79
CA ALA D 71 9.96 -35.67 -1.62
C ALA D 71 8.45 -35.60 -1.69
N LEU D 72 7.90 -36.11 -2.78
CA LEU D 72 6.47 -36.06 -2.99
C LEU D 72 5.99 -37.42 -3.47
N THR D 73 4.89 -37.87 -2.89
CA THR D 73 4.27 -39.13 -3.27
C THR D 73 2.80 -38.88 -3.53
N ILE D 74 2.32 -39.33 -4.68
CA ILE D 74 0.92 -39.22 -5.06
C ILE D 74 0.34 -40.62 -5.10
N ILE D 75 -0.61 -40.90 -4.22
CA ILE D 75 -1.29 -42.19 -4.18
C ILE D 75 -2.67 -42.02 -4.76
N VAL D 76 -2.95 -42.71 -5.86
CA VAL D 76 -4.25 -42.68 -6.51
C VAL D 76 -4.93 -44.02 -6.22
N PHE D 77 -6.02 -43.96 -5.47
CA PHE D 77 -6.80 -45.16 -5.21
C PHE D 77 -7.71 -45.46 -6.39
N GLY D 78 -8.22 -46.68 -6.44
CA GLY D 78 -9.03 -47.10 -7.57
C GLY D 78 -8.29 -46.96 -8.89
N ALA D 79 -7.01 -47.32 -8.91
CA ALA D 79 -6.10 -46.89 -9.97
C ALA D 79 -6.55 -47.32 -11.36
N SER D 80 -7.31 -48.40 -11.48
CA SER D 80 -7.84 -48.82 -12.77
C SER D 80 -9.36 -48.75 -12.83
N GLY D 81 -10.01 -48.12 -11.85
CA GLY D 81 -11.40 -47.74 -12.02
C GLY D 81 -11.56 -46.73 -13.15
N ASP D 82 -12.80 -46.61 -13.62
CA ASP D 82 -13.03 -45.82 -14.84
C ASP D 82 -12.71 -44.34 -14.62
N LEU D 83 -12.98 -43.81 -13.42
CA LEU D 83 -12.68 -42.42 -13.17
C LEU D 83 -11.17 -42.17 -13.12
N ALA D 84 -10.44 -43.03 -12.38
CA ALA D 84 -9.00 -42.83 -12.20
C ALA D 84 -8.21 -43.02 -13.50
N LYS D 85 -8.62 -43.98 -14.31
CA LYS D 85 -7.83 -44.41 -15.48
C LYS D 85 -7.58 -43.29 -16.49
N LYS D 86 -8.54 -42.38 -16.64
CA LYS D 86 -8.71 -41.52 -17.83
C LYS D 86 -8.70 -40.05 -17.53
N LYS D 87 -8.87 -39.73 -16.26
CA LYS D 87 -9.28 -38.44 -15.78
C LYS D 87 -8.35 -37.90 -14.74
N THR D 88 -7.79 -38.79 -13.95
CA THR D 88 -6.77 -38.44 -12.99
C THR D 88 -5.35 -38.70 -13.51
N PHE D 89 -5.13 -39.86 -14.13
CA PHE D 89 -3.79 -40.16 -14.66
C PHE D 89 -3.40 -39.31 -15.86
N PRO D 90 -4.22 -39.15 -16.91
CA PRO D 90 -3.85 -38.20 -17.97
C PRO D 90 -3.69 -36.80 -17.46
N ALA D 91 -4.46 -36.43 -16.43
CA ALA D 91 -4.30 -35.14 -15.80
C ALA D 91 -2.88 -34.97 -15.26
N LEU D 92 -2.39 -35.99 -14.56
CA LEU D 92 -1.04 -35.93 -14.01
C LEU D 92 0.02 -35.86 -15.10
N PHE D 93 -0.24 -36.50 -16.24
CA PHE D 93 0.71 -36.46 -17.35
C PHE D 93 0.86 -35.05 -17.90
N ASP D 94 -0.27 -34.37 -18.16
CA ASP D 94 -0.20 -33.01 -18.69
C ASP D 94 0.53 -32.09 -17.74
N LEU D 95 0.38 -32.30 -16.43
CA LEU D 95 1.17 -31.54 -15.47
C LEU D 95 2.64 -31.92 -15.52
N TYR D 96 2.94 -33.16 -15.91
CA TYR D 96 4.34 -33.56 -16.09
C TYR D 96 4.96 -32.82 -17.27
N CYS D 97 4.20 -32.68 -18.37
CA CYS D 97 4.73 -31.96 -19.52
C CYS D 97 4.79 -30.46 -19.26
N GLY D 98 3.82 -29.93 -18.52
CA GLY D 98 3.89 -28.54 -18.12
C GLY D 98 4.99 -28.22 -17.15
N GLY D 99 5.69 -29.25 -16.66
CA GLY D 99 6.75 -29.05 -15.69
C GLY D 99 6.25 -28.67 -14.32
N LEU D 100 4.98 -28.96 -14.01
CA LEU D 100 4.37 -28.61 -12.74
C LEU D 100 4.50 -29.68 -11.67
N LEU D 101 5.03 -30.81 -11.99
CA LEU D 101 5.35 -31.79 -10.98
C LEU D 101 6.84 -31.75 -10.66
N PRO D 102 7.25 -32.07 -9.44
CA PRO D 102 8.67 -32.11 -9.12
C PRO D 102 9.38 -33.15 -9.98
N PRO D 103 10.68 -32.97 -10.23
CA PRO D 103 11.38 -33.90 -11.13
C PRO D 103 11.53 -35.30 -10.56
N GLU D 104 11.48 -35.43 -9.24
CA GLU D 104 11.79 -36.62 -8.48
C GLU D 104 10.53 -37.29 -7.94
N VAL D 105 9.37 -36.94 -8.51
CA VAL D 105 8.08 -37.36 -7.97
C VAL D 105 7.83 -38.87 -8.09
N ASN D 106 7.10 -39.41 -7.11
CA ASN D 106 6.67 -40.80 -7.07
C ASN D 106 5.16 -40.88 -7.06
N ILE D 107 4.59 -41.65 -7.99
CA ILE D 107 3.15 -41.90 -8.07
C ILE D 107 2.91 -43.39 -7.87
N ILE D 108 1.89 -43.74 -7.08
CA ILE D 108 1.56 -45.13 -6.78
C ILE D 108 0.08 -45.39 -7.07
N GLY D 109 -0.18 -46.42 -7.88
CA GLY D 109 -1.55 -46.88 -8.15
C GLY D 109 -2.04 -47.96 -7.19
N TYR D 110 -3.29 -47.82 -6.74
CA TYR D 110 -3.93 -48.66 -5.73
C TYR D 110 -5.26 -49.24 -6.24
N ALA D 111 -5.42 -50.58 -6.21
CA ALA D 111 -6.62 -51.31 -6.68
C ALA D 111 -6.68 -52.70 -6.00
N ARG D 112 -7.87 -53.44 -6.08
CA ARG D 112 -7.82 -54.68 -5.28
C ARG D 112 -6.82 -55.53 -5.97
N THR D 113 -7.10 -55.62 -7.28
CA THR D 113 -6.69 -56.73 -8.11
C THR D 113 -5.20 -56.68 -8.37
N LYS D 114 -4.58 -57.85 -8.30
CA LYS D 114 -3.19 -57.95 -8.69
C LYS D 114 -3.09 -57.84 -10.19
N VAL D 115 -1.99 -57.29 -10.62
CA VAL D 115 -1.52 -57.37 -11.98
C VAL D 115 -0.10 -57.91 -11.86
N ASP D 116 0.17 -59.01 -12.56
CA ASP D 116 1.47 -59.67 -12.45
C ASP D 116 2.56 -58.84 -13.09
N ASP D 117 2.33 -58.31 -14.27
CA ASP D 117 3.27 -57.45 -14.95
C ASP D 117 2.69 -56.04 -14.89
N VAL D 118 3.47 -55.12 -14.32
CA VAL D 118 2.99 -53.75 -14.16
C VAL D 118 3.26 -52.93 -15.41
N GLU D 119 4.42 -53.13 -16.03
CA GLU D 119 4.73 -52.34 -17.22
C GLU D 119 3.85 -52.77 -18.38
N LYS D 120 3.37 -54.02 -18.35
CA LYS D 120 2.27 -54.40 -19.22
C LYS D 120 1.02 -53.59 -18.89
N TRP D 121 0.73 -53.42 -17.60
CA TRP D 121 -0.41 -52.63 -17.16
C TRP D 121 -0.20 -51.14 -17.42
N LYS D 122 1.04 -50.67 -17.30
CA LYS D 122 1.33 -49.25 -17.47
C LYS D 122 1.08 -48.78 -18.91
N HIS D 123 1.46 -49.59 -19.90
CA HIS D 123 1.47 -49.13 -21.27
C HIS D 123 0.12 -49.26 -21.99
N GLU D 124 -0.80 -50.10 -21.49
CA GLU D 124 -2.06 -50.30 -22.19
C GLU D 124 -3.28 -50.10 -21.31
N THR D 125 -3.10 -49.87 -20.01
CA THR D 125 -4.21 -49.45 -19.16
C THR D 125 -4.15 -47.97 -18.83
N LEU D 126 -2.96 -47.40 -18.75
CA LEU D 126 -2.79 -45.98 -18.48
C LEU D 126 -2.40 -45.18 -19.72
N MET D 127 -1.40 -45.65 -20.47
CA MET D 127 -0.81 -44.87 -21.56
C MET D 127 -1.63 -44.87 -22.85
N LYS D 128 -2.52 -45.85 -23.07
CA LYS D 128 -3.44 -45.77 -24.20
C LYS D 128 -4.40 -44.60 -24.01
N TYR D 129 -4.44 -44.07 -22.80
CA TYR D 129 -5.40 -43.09 -22.30
C TYR D 129 -4.81 -41.70 -22.10
N PHE D 130 -3.57 -41.49 -22.51
CA PHE D 130 -2.92 -40.19 -22.42
C PHE D 130 -3.25 -39.39 -23.68
N SER D 131 -3.67 -38.13 -23.51
CA SER D 131 -4.02 -37.33 -24.68
C SER D 131 -2.75 -36.97 -25.42
N ASN D 132 -2.80 -37.06 -26.75
CA ASN D 132 -1.67 -36.69 -27.60
C ASN D 132 -0.45 -37.53 -27.21
N LEU D 133 -0.59 -38.85 -27.37
CA LEU D 133 0.54 -39.72 -27.03
C LEU D 133 1.44 -39.95 -28.23
N SER D 134 0.95 -40.59 -29.29
CA SER D 134 1.82 -40.75 -30.44
C SER D 134 1.78 -39.53 -31.36
N GLU D 135 1.24 -38.40 -30.90
CA GLU D 135 1.68 -37.13 -31.47
C GLU D 135 2.86 -36.54 -30.71
N ARG D 136 2.93 -36.73 -29.37
CA ARG D 136 4.06 -36.20 -28.59
C ARG D 136 4.43 -37.06 -27.37
N GLY D 137 4.26 -38.39 -27.43
CA GLY D 137 4.45 -39.17 -26.23
C GLY D 137 5.87 -39.56 -25.92
N CYS D 138 6.82 -38.69 -26.28
CA CYS D 138 8.22 -38.98 -25.99
C CYS D 138 8.49 -38.93 -24.50
N HIS D 139 7.85 -37.99 -23.80
CA HIS D 139 7.90 -37.90 -22.34
C HIS D 139 7.05 -38.96 -21.65
N ALA D 140 6.18 -39.67 -22.37
CA ALA D 140 5.24 -40.57 -21.73
C ALA D 140 5.94 -41.65 -20.93
N GLU D 141 6.93 -42.31 -21.53
CA GLU D 141 7.59 -43.39 -20.81
C GLU D 141 8.55 -42.86 -19.75
N ASP D 142 8.92 -41.59 -19.82
CA ASP D 142 9.55 -40.93 -18.67
C ASP D 142 8.56 -40.82 -17.52
N PHE D 143 7.33 -40.38 -17.83
CA PHE D 143 6.29 -40.23 -16.80
C PHE D 143 5.91 -41.57 -16.18
N LEU D 144 5.72 -42.59 -17.01
CA LEU D 144 5.30 -43.90 -16.51
C LEU D 144 6.38 -44.52 -15.63
N LYS D 145 7.61 -44.05 -15.76
CA LYS D 145 8.72 -44.56 -14.97
C LYS D 145 8.65 -44.06 -13.52
N HIS D 146 7.86 -43.01 -13.27
CA HIS D 146 7.57 -42.52 -11.92
C HIS D 146 6.39 -43.24 -11.27
N ILE D 147 5.69 -44.09 -12.01
CA ILE D 147 4.48 -44.75 -11.52
C ILE D 147 4.86 -46.11 -10.96
N SER D 148 4.26 -46.45 -9.82
CA SER D 148 4.41 -47.76 -9.21
C SER D 148 3.04 -48.32 -8.91
N TYR D 149 2.96 -49.66 -8.85
CA TYR D 149 1.71 -50.32 -8.53
C TYR D 149 1.73 -50.83 -7.09
N PHE D 150 0.54 -50.92 -6.51
CA PHE D 150 0.37 -51.42 -5.16
C PHE D 150 -0.96 -52.15 -5.11
N CYS D 151 -0.93 -53.41 -4.68
CA CYS D 151 -2.11 -54.24 -4.59
C CYS D 151 -2.54 -54.33 -3.13
N GLY D 152 -3.79 -53.97 -2.85
CA GLY D 152 -4.26 -53.96 -1.49
C GLY D 152 -5.75 -53.70 -1.42
N ALA D 153 -6.25 -53.65 -0.19
CA ALA D 153 -7.65 -53.41 0.09
C ALA D 153 -7.82 -52.02 0.69
N TYR D 154 -8.97 -51.41 0.42
CA TYR D 154 -9.29 -50.08 0.90
C TYR D 154 -9.70 -50.07 2.36
N ASP D 155 -9.58 -51.20 3.06
CA ASP D 155 -10.04 -51.34 4.44
C ASP D 155 -8.98 -51.84 5.41
N SER D 156 -7.84 -52.34 4.93
CA SER D 156 -6.88 -53.00 5.80
C SER D 156 -5.90 -51.97 6.37
N VAL D 157 -6.01 -51.71 7.68
CA VAL D 157 -5.00 -50.89 8.35
C VAL D 157 -3.65 -51.56 8.24
N ASP D 158 -3.64 -52.89 8.12
CA ASP D 158 -2.39 -53.62 7.93
C ASP D 158 -1.82 -53.40 6.54
N ASP D 159 -2.68 -53.38 5.52
CA ASP D 159 -2.21 -53.13 4.15
C ASP D 159 -1.69 -51.71 4.00
N PHE D 160 -2.25 -50.77 4.75
CA PHE D 160 -1.77 -49.40 4.70
C PHE D 160 -0.41 -49.25 5.38
N LYS D 161 -0.13 -50.09 6.36
CA LYS D 161 1.19 -50.06 7.00
C LYS D 161 2.27 -50.59 6.07
N ARG D 162 1.95 -51.55 5.19
CA ARG D 162 2.94 -51.91 4.18
C ARG D 162 2.99 -50.88 3.05
N LEU D 163 1.87 -50.20 2.77
CA LEU D 163 1.94 -49.06 1.85
C LEU D 163 2.82 -47.97 2.42
N ASP D 164 2.63 -47.65 3.70
CA ASP D 164 3.51 -46.70 4.37
C ASP D 164 4.97 -47.10 4.20
N ALA D 165 5.25 -48.40 4.23
CA ALA D 165 6.62 -48.88 4.02
C ALA D 165 7.11 -48.58 2.61
N VAL D 166 6.25 -48.76 1.60
CA VAL D 166 6.68 -48.57 0.22
C VAL D 166 6.98 -47.09 -0.05
N ILE D 167 6.27 -46.20 0.64
CA ILE D 167 6.50 -44.77 0.45
C ILE D 167 7.81 -44.33 1.12
N ARG D 168 8.11 -44.88 2.31
CA ARG D 168 9.32 -44.48 3.02
C ARG D 168 10.60 -44.99 2.34
N GLU D 169 10.49 -45.94 1.36
CA GLU D 169 11.50 -46.46 0.42
C GLU D 169 12.01 -45.33 -0.45
N LYS D 170 11.09 -44.45 -0.75
CA LYS D 170 11.22 -43.44 -1.75
C LYS D 170 11.24 -42.06 -1.15
N GLU D 171 10.66 -41.89 0.04
CA GLU D 171 10.84 -40.64 0.77
C GLU D 171 12.27 -40.50 1.29
N ASN D 172 12.86 -41.60 1.76
CA ASN D 172 14.21 -41.53 2.30
C ASN D 172 15.28 -41.53 1.22
N ALA D 173 14.96 -41.95 0.01
CA ALA D 173 15.91 -41.91 -1.09
C ALA D 173 15.94 -40.56 -1.80
N PHE D 174 15.37 -39.53 -1.19
CA PHE D 174 15.21 -38.24 -1.83
C PHE D 174 16.42 -37.35 -1.57
N LYS D 175 16.91 -36.70 -2.62
CA LYS D 175 18.10 -35.86 -2.56
C LYS D 175 17.82 -34.45 -2.04
N GLY D 176 16.69 -34.24 -1.37
CA GLY D 176 16.28 -32.92 -0.94
C GLY D 176 16.81 -32.45 0.40
N PRO D 177 16.57 -31.16 0.70
CA PRO D 177 16.99 -30.63 2.00
C PRO D 177 16.11 -31.10 3.16
N GLU D 178 14.80 -31.15 2.97
CA GLU D 178 13.89 -31.49 4.05
C GLU D 178 13.65 -32.99 4.12
N LYS D 179 13.60 -33.52 5.33
CA LYS D 179 13.39 -34.95 5.54
C LYS D 179 11.90 -35.28 5.46
N GLY D 180 11.58 -36.57 5.46
CA GLY D 180 10.20 -36.97 5.36
C GLY D 180 9.70 -36.92 3.93
N GLY D 181 8.39 -36.73 3.79
CA GLY D 181 7.79 -36.68 2.47
C GLY D 181 6.37 -36.16 2.51
N ASN D 182 5.94 -35.53 1.42
CA ASN D 182 4.59 -35.01 1.31
C ASN D 182 3.70 -36.01 0.59
N ARG D 183 2.46 -36.15 1.06
CA ARG D 183 1.57 -37.21 0.61
C ARG D 183 0.24 -36.61 0.20
N LEU D 184 -0.12 -36.80 -1.07
CA LEU D 184 -1.43 -36.44 -1.60
C LEU D 184 -2.15 -37.72 -1.98
N PHE D 185 -3.26 -38.00 -1.30
CA PHE D 185 -4.06 -39.18 -1.56
C PHE D 185 -5.25 -38.77 -2.43
N TYR D 186 -5.37 -39.40 -3.61
CA TYR D 186 -6.50 -39.16 -4.50
C TYR D 186 -7.43 -40.36 -4.40
N LEU D 187 -8.63 -40.11 -3.88
CA LEU D 187 -9.63 -41.16 -3.68
C LEU D 187 -10.56 -41.18 -4.89
N ALA D 188 -10.09 -41.83 -5.96
CA ALA D 188 -10.86 -41.99 -7.18
C ALA D 188 -11.82 -43.17 -7.03
N LEU D 189 -12.68 -43.07 -6.02
CA LEU D 189 -13.54 -44.15 -5.56
C LEU D 189 -14.97 -43.67 -5.44
N PRO D 190 -15.92 -44.60 -5.32
CA PRO D 190 -17.28 -44.22 -4.92
C PRO D 190 -17.27 -43.67 -3.50
N PRO D 191 -18.25 -42.83 -3.15
CA PRO D 191 -18.17 -42.12 -1.86
C PRO D 191 -18.31 -42.99 -0.62
N SER D 192 -18.97 -44.15 -0.69
CA SER D 192 -19.12 -44.95 0.52
C SER D 192 -17.80 -45.55 1.01
N VAL D 193 -16.80 -45.66 0.13
CA VAL D 193 -15.51 -46.20 0.53
C VAL D 193 -14.64 -45.16 1.20
N PHE D 194 -14.99 -43.88 1.08
CA PHE D 194 -14.10 -42.80 1.50
C PHE D 194 -13.75 -42.90 2.99
N ALA D 195 -14.76 -43.09 3.85
CA ALA D 195 -14.56 -43.06 5.30
C ALA D 195 -13.54 -44.09 5.77
N SER D 196 -13.38 -45.18 5.01
CA SER D 196 -12.50 -46.28 5.39
C SER D 196 -11.06 -45.97 5.09
N VAL D 197 -10.87 -45.32 3.96
CA VAL D 197 -9.56 -44.99 3.49
C VAL D 197 -8.97 -43.87 4.32
N CYS D 198 -9.83 -42.98 4.80
CA CYS D 198 -9.35 -41.94 5.69
C CYS D 198 -9.12 -42.48 7.09
N GLU D 199 -9.81 -43.55 7.49
CA GLU D 199 -9.47 -44.20 8.76
C GLU D 199 -8.22 -45.06 8.61
N SER D 200 -8.07 -45.73 7.47
CA SER D 200 -6.87 -46.52 7.22
C SER D 200 -5.64 -45.64 7.08
N ILE D 201 -5.76 -44.53 6.35
CA ILE D 201 -4.66 -43.58 6.26
C ILE D 201 -4.32 -43.03 7.65
N HIS D 202 -5.35 -42.71 8.44
CA HIS D 202 -5.10 -42.16 9.77
C HIS D 202 -4.33 -43.13 10.65
N LYS D 203 -4.71 -44.42 10.62
CA LYS D 203 -4.10 -45.39 11.51
C LYS D 203 -2.78 -45.97 11.00
N GLY D 204 -2.50 -45.86 9.70
CA GLY D 204 -1.29 -46.49 9.20
C GLY D 204 -0.47 -45.79 8.13
N ALA D 205 -0.87 -44.60 7.68
CA ALA D 205 -0.20 -44.01 6.53
C ALA D 205 0.01 -42.50 6.66
N MET D 206 -0.09 -41.95 7.87
CA MET D 206 0.17 -40.53 8.07
C MET D 206 1.64 -40.23 7.78
N PRO D 207 1.96 -39.00 7.39
CA PRO D 207 3.33 -38.67 7.02
C PRO D 207 4.28 -38.85 8.20
N GLN D 208 5.56 -39.05 7.87
CA GLN D 208 6.59 -39.21 8.89
C GLN D 208 6.58 -38.02 9.85
N GLU D 209 6.99 -38.30 11.10
CA GLU D 209 7.08 -37.24 12.08
C GLU D 209 8.25 -36.30 11.83
N VAL D 210 9.25 -36.73 11.04
CA VAL D 210 10.32 -35.83 10.64
C VAL D 210 9.84 -34.75 9.67
N GLY D 211 8.73 -34.97 8.97
CA GLY D 211 8.19 -33.89 8.15
C GLY D 211 7.31 -34.30 6.98
N GLY D 212 6.38 -33.42 6.64
CA GLY D 212 5.51 -33.61 5.49
C GLY D 212 4.07 -33.34 5.86
N TRP D 213 3.28 -32.93 4.87
CA TRP D 213 1.85 -32.76 5.06
C TRP D 213 1.10 -33.92 4.43
N VAL D 214 -0.18 -34.02 4.79
CA VAL D 214 -1.10 -34.96 4.16
C VAL D 214 -2.27 -34.16 3.63
N ARG D 215 -2.62 -34.41 2.37
CA ARG D 215 -3.78 -33.80 1.76
C ARG D 215 -4.57 -34.90 1.07
N VAL D 216 -5.88 -34.88 1.28
CA VAL D 216 -6.78 -35.91 0.79
C VAL D 216 -7.74 -35.25 -0.20
N ILE D 217 -7.79 -35.77 -1.41
CA ILE D 217 -8.68 -35.26 -2.45
C ILE D 217 -9.92 -36.14 -2.50
N ILE D 218 -11.09 -35.53 -2.32
CA ILE D 218 -12.37 -36.23 -2.34
C ILE D 218 -13.21 -35.67 -3.48
N GLU D 219 -13.98 -36.56 -4.11
CA GLU D 219 -14.67 -36.29 -5.36
C GLU D 219 -16.18 -36.42 -5.19
N LYS D 220 -16.91 -35.66 -6.00
CA LYS D 220 -18.36 -35.76 -6.19
C LYS D 220 -18.80 -37.22 -6.28
N PRO D 221 -20.03 -37.57 -5.83
CA PRO D 221 -21.12 -36.94 -5.05
C PRO D 221 -20.91 -36.93 -3.53
N PHE D 222 -20.98 -35.76 -2.89
CA PHE D 222 -20.88 -35.68 -1.43
C PHE D 222 -22.27 -35.78 -0.80
N GLY D 223 -22.73 -37.03 -0.65
CA GLY D 223 -24.03 -37.31 -0.06
C GLY D 223 -25.14 -37.03 -1.05
N ARG D 224 -26.39 -37.17 -0.60
CA ARG D 224 -27.43 -36.65 -1.48
C ARG D 224 -28.58 -35.93 -0.78
N ASP D 225 -28.35 -35.39 0.41
CA ASP D 225 -29.26 -34.41 1.01
C ASP D 225 -28.52 -33.85 2.21
N THR D 226 -29.16 -32.97 2.98
CA THR D 226 -28.45 -32.26 4.04
C THR D 226 -27.80 -33.22 5.01
N LYS D 227 -28.58 -34.19 5.51
CA LYS D 227 -28.11 -35.10 6.54
C LYS D 227 -27.15 -36.16 6.01
N SER D 228 -27.43 -36.70 4.81
CA SER D 228 -26.52 -37.67 4.20
C SER D 228 -25.09 -37.15 4.13
N SER D 229 -24.91 -35.91 3.68
CA SER D 229 -23.56 -35.41 3.45
C SER D 229 -22.93 -34.89 4.74
N ALA D 230 -23.75 -34.42 5.68
CA ALA D 230 -23.23 -34.12 7.00
C ALA D 230 -22.70 -35.38 7.65
N GLU D 231 -23.41 -36.50 7.45
CA GLU D 231 -22.96 -37.79 7.95
C GLU D 231 -21.61 -38.17 7.38
N LEU D 232 -21.41 -38.01 6.07
CA LEU D 232 -20.11 -38.31 5.48
C LEU D 232 -19.04 -37.39 6.08
N SER D 233 -19.40 -36.15 6.36
CA SER D 233 -18.45 -35.21 6.96
C SER D 233 -18.22 -35.45 8.45
N GLN D 234 -19.15 -36.12 9.16
CA GLN D 234 -18.82 -36.37 10.57
C GLN D 234 -17.75 -37.43 10.63
N ALA D 235 -17.82 -38.32 9.66
CA ALA D 235 -17.02 -39.52 9.64
C ALA D 235 -15.56 -39.21 9.35
N LEU D 236 -15.30 -38.12 8.64
CA LEU D 236 -13.94 -37.75 8.30
C LEU D 236 -13.38 -36.71 9.26
N GLU D 237 -14.24 -36.02 10.03
CA GLU D 237 -13.78 -35.08 11.04
C GLU D 237 -12.69 -35.64 11.96
N PRO D 238 -12.81 -36.85 12.52
CA PRO D 238 -11.78 -37.30 13.47
C PRO D 238 -10.42 -37.59 12.83
N PHE D 239 -10.33 -37.61 11.49
CA PHE D 239 -9.10 -37.96 10.82
C PHE D 239 -8.39 -36.80 10.15
N PHE D 240 -9.13 -35.81 9.64
CA PHE D 240 -8.52 -34.70 8.91
C PHE D 240 -9.33 -33.43 9.12
N ASP D 241 -8.62 -32.31 9.27
CA ASP D 241 -9.27 -31.01 9.39
C ASP D 241 -9.47 -30.41 8.00
N GLU D 242 -10.02 -29.20 7.95
CA GLU D 242 -10.33 -28.56 6.67
C GLU D 242 -9.06 -28.19 5.91
N SER D 243 -7.93 -28.05 6.60
CA SER D 243 -6.65 -27.82 5.93
C SER D 243 -6.17 -29.04 5.15
N GLN D 244 -6.72 -30.23 5.43
CA GLN D 244 -6.20 -31.46 4.82
C GLN D 244 -7.16 -32.13 3.84
N LEU D 245 -8.46 -31.82 3.89
CA LEU D 245 -9.41 -32.39 2.95
C LEU D 245 -9.66 -31.40 1.82
N TYR D 246 -9.65 -31.89 0.59
CA TYR D 246 -9.78 -31.07 -0.62
C TYR D 246 -10.95 -31.62 -1.42
N ARG D 247 -12.15 -31.09 -1.15
CA ARG D 247 -13.36 -31.54 -1.82
C ARG D 247 -13.45 -30.89 -3.19
N ILE D 248 -13.33 -31.70 -4.25
CA ILE D 248 -13.24 -31.19 -5.61
C ILE D 248 -14.63 -30.98 -6.18
N ASP D 249 -14.78 -29.88 -6.93
CA ASP D 249 -15.97 -29.56 -7.73
C ASP D 249 -15.42 -29.04 -9.05
N HIS D 250 -15.39 -29.88 -10.07
CA HIS D 250 -14.61 -29.59 -11.28
C HIS D 250 -15.08 -28.33 -11.99
N TYR D 251 -16.05 -27.62 -11.43
CA TYR D 251 -16.45 -26.34 -11.99
C TYR D 251 -15.66 -25.17 -11.42
N LEU D 252 -14.86 -25.42 -10.38
CA LEU D 252 -13.97 -24.41 -9.83
C LEU D 252 -12.57 -24.55 -10.41
N GLY D 253 -12.41 -25.35 -11.46
CA GLY D 253 -11.14 -25.53 -12.13
C GLY D 253 -11.13 -24.92 -13.52
N LYS D 254 -12.31 -24.65 -14.05
CA LYS D 254 -12.40 -24.04 -15.37
C LYS D 254 -11.82 -22.63 -15.32
N GLU D 255 -11.36 -22.17 -16.48
CA GLU D 255 -10.63 -20.90 -16.52
C GLU D 255 -11.52 -19.73 -16.10
N MET D 256 -12.71 -19.62 -16.67
CA MET D 256 -13.54 -18.44 -16.50
C MET D 256 -14.46 -18.47 -15.28
N VAL D 257 -14.49 -19.55 -14.52
CA VAL D 257 -15.22 -19.51 -13.25
C VAL D 257 -14.37 -18.83 -12.17
N GLN D 258 -13.05 -18.88 -12.29
CA GLN D 258 -12.16 -18.19 -11.38
C GLN D 258 -12.03 -16.69 -11.60
N ASN D 259 -12.42 -16.12 -12.75
CA ASN D 259 -12.39 -14.66 -12.87
C ASN D 259 -13.43 -13.95 -12.03
N ILE D 260 -14.57 -14.59 -11.73
CA ILE D 260 -15.68 -13.91 -11.05
C ILE D 260 -15.14 -13.11 -9.87
N ILE D 261 -14.10 -13.62 -9.20
CA ILE D 261 -13.52 -12.86 -8.10
C ILE D 261 -12.66 -11.72 -8.65
N THR D 262 -11.86 -11.97 -9.69
CA THR D 262 -10.98 -10.93 -10.22
C THR D 262 -11.76 -9.91 -11.02
N THR D 263 -12.73 -10.37 -11.82
CA THR D 263 -13.57 -9.46 -12.60
C THR D 263 -14.30 -8.48 -11.68
N ARG D 264 -14.75 -8.95 -10.52
CA ARG D 264 -15.56 -8.11 -9.65
C ARG D 264 -14.72 -7.16 -8.81
N PHE D 265 -13.62 -7.63 -8.24
CA PHE D 265 -12.97 -6.92 -7.14
C PHE D 265 -11.72 -6.14 -7.53
N ALA D 266 -11.15 -6.36 -8.71
CA ALA D 266 -10.01 -5.57 -9.13
C ALA D 266 -10.38 -4.36 -9.97
N ASN D 267 -11.64 -4.22 -10.36
CA ASN D 267 -12.08 -3.18 -11.29
C ASN D 267 -13.22 -2.39 -10.68
N ARG D 268 -13.05 -1.07 -10.59
CA ARG D 268 -14.11 -0.22 -10.06
C ARG D 268 -15.29 -0.11 -11.03
N ILE D 269 -15.05 -0.34 -12.32
CA ILE D 269 -16.14 -0.32 -13.29
C ILE D 269 -17.23 -1.31 -12.89
N PHE D 270 -16.82 -2.52 -12.51
CA PHE D 270 -17.76 -3.56 -12.10
C PHE D 270 -18.11 -3.48 -10.63
N SER D 271 -17.15 -3.08 -9.79
CA SER D 271 -17.40 -3.02 -8.35
C SER D 271 -18.53 -2.05 -8.02
N ALA D 272 -18.64 -0.94 -8.76
CA ALA D 272 -19.64 0.08 -8.45
C ALA D 272 -21.05 -0.32 -8.89
N VAL D 273 -21.19 -1.23 -9.85
CA VAL D 273 -22.50 -1.61 -10.35
C VAL D 273 -22.94 -2.99 -9.84
N TRP D 274 -22.17 -3.60 -8.95
CA TRP D 274 -22.40 -4.99 -8.56
C TRP D 274 -23.18 -5.08 -7.25
N ASN D 275 -24.43 -4.64 -7.32
CA ASN D 275 -25.29 -4.62 -6.14
C ASN D 275 -26.74 -4.55 -6.62
N ALA D 276 -27.67 -4.42 -5.67
CA ALA D 276 -29.09 -4.42 -5.99
C ALA D 276 -29.52 -3.11 -6.64
N SER D 277 -28.78 -2.03 -6.44
CA SER D 277 -29.17 -0.73 -6.97
C SER D 277 -28.94 -0.61 -8.47
N ASN D 278 -28.12 -1.48 -9.06
CA ASN D 278 -27.84 -1.42 -10.49
C ASN D 278 -28.04 -2.73 -11.24
N ILE D 279 -28.18 -3.86 -10.55
CA ILE D 279 -28.38 -5.15 -11.21
C ILE D 279 -29.84 -5.54 -11.07
N ALA D 280 -30.42 -6.06 -12.15
CA ALA D 280 -31.83 -6.43 -12.18
C ALA D 280 -32.06 -7.93 -12.17
N CYS D 281 -31.19 -8.71 -12.80
CA CYS D 281 -31.43 -10.14 -12.92
C CYS D 281 -30.13 -10.85 -13.26
N VAL D 282 -29.90 -11.98 -12.61
CA VAL D 282 -28.73 -12.82 -12.84
C VAL D 282 -29.23 -14.23 -13.13
N GLN D 283 -28.69 -14.83 -14.19
CA GLN D 283 -29.10 -16.17 -14.60
C GLN D 283 -27.86 -17.02 -14.81
N ILE D 284 -27.75 -18.12 -14.08
CA ILE D 284 -26.71 -19.11 -14.27
C ILE D 284 -27.34 -20.30 -14.95
N THR D 285 -26.80 -20.67 -16.11
CA THR D 285 -27.46 -21.66 -16.97
C THR D 285 -26.49 -22.75 -17.38
N PHE D 286 -26.97 -23.99 -17.32
CA PHE D 286 -26.24 -25.16 -17.78
C PHE D 286 -27.13 -25.82 -18.82
N LYS D 287 -26.68 -25.84 -20.08
CA LYS D 287 -27.44 -26.50 -21.12
C LYS D 287 -26.58 -27.54 -21.82
N GLU D 288 -27.25 -28.60 -22.28
CA GLU D 288 -26.60 -29.69 -22.98
C GLU D 288 -27.46 -30.24 -24.11
N THR D 289 -26.78 -30.57 -25.22
CA THR D 289 -27.31 -31.35 -26.33
C THR D 289 -27.35 -32.85 -26.08
N ILE D 290 -26.73 -33.33 -25.02
CA ILE D 290 -26.68 -34.76 -24.74
C ILE D 290 -27.98 -35.21 -24.09
N GLY D 291 -28.40 -36.43 -24.41
CA GLY D 291 -29.48 -37.06 -23.66
C GLY D 291 -28.87 -37.70 -22.44
N THR D 292 -29.61 -38.63 -21.82
CA THR D 292 -28.97 -39.41 -20.75
C THR D 292 -28.50 -40.75 -21.27
N GLU D 293 -27.93 -40.64 -22.47
CA GLU D 293 -26.80 -41.41 -22.94
C GLU D 293 -27.38 -42.75 -23.39
N GLY D 294 -28.57 -43.05 -22.89
CA GLY D 294 -29.06 -44.39 -22.74
C GLY D 294 -28.77 -44.99 -21.38
N ARG D 295 -28.18 -44.22 -20.46
CA ARG D 295 -27.85 -44.61 -19.10
C ARG D 295 -28.81 -43.98 -18.08
N GLY D 296 -30.10 -43.94 -18.43
CA GLY D 296 -31.08 -43.25 -17.62
C GLY D 296 -31.19 -43.70 -16.17
N GLY D 297 -30.86 -44.96 -15.88
CA GLY D 297 -31.05 -45.47 -14.53
C GLY D 297 -30.25 -44.73 -13.48
N TYR D 298 -29.08 -44.21 -13.86
CA TYR D 298 -28.24 -43.49 -12.89
C TYR D 298 -28.82 -42.11 -12.61
N PHE D 299 -29.30 -41.44 -13.66
CA PHE D 299 -29.93 -40.14 -13.47
C PHE D 299 -31.24 -40.26 -12.69
N ASP D 300 -31.97 -41.36 -12.88
CA ASP D 300 -33.27 -41.49 -12.24
C ASP D 300 -33.14 -41.46 -10.72
N ASN D 301 -31.99 -41.86 -10.20
CA ASN D 301 -31.73 -41.83 -8.79
C ASN D 301 -31.11 -40.52 -8.32
N ILE D 302 -30.63 -39.66 -9.23
CA ILE D 302 -29.99 -38.39 -8.87
C ILE D 302 -30.90 -37.20 -9.16
N GLY D 303 -31.23 -36.96 -10.42
CA GLY D 303 -31.97 -35.76 -10.80
C GLY D 303 -31.05 -34.58 -11.09
N ILE D 304 -31.49 -33.74 -12.04
CA ILE D 304 -30.64 -32.66 -12.55
C ILE D 304 -30.26 -31.69 -11.44
N ILE D 305 -31.12 -31.53 -10.43
CA ILE D 305 -30.81 -30.61 -9.33
C ILE D 305 -29.55 -31.06 -8.62
N ARG D 306 -29.48 -32.33 -8.24
CA ARG D 306 -28.30 -32.84 -7.55
C ARG D 306 -27.11 -32.95 -8.48
N ASP D 307 -27.35 -33.15 -9.78
CA ASP D 307 -26.27 -33.40 -10.72
C ASP D 307 -25.38 -32.19 -10.93
N VAL D 308 -25.97 -31.03 -11.22
CA VAL D 308 -25.19 -29.84 -11.54
C VAL D 308 -25.61 -28.60 -10.76
N MET D 309 -26.83 -28.53 -10.24
CA MET D 309 -27.34 -27.29 -9.65
C MET D 309 -26.84 -27.08 -8.23
N GLN D 310 -27.03 -28.08 -7.36
CA GLN D 310 -26.64 -27.92 -5.97
C GLN D 310 -25.14 -27.75 -5.81
N ASN D 311 -24.35 -28.34 -6.71
CA ASN D 311 -22.90 -28.32 -6.59
C ASN D 311 -22.25 -27.30 -7.52
N HIS D 312 -22.44 -27.44 -8.84
CA HIS D 312 -21.68 -26.65 -9.79
C HIS D 312 -22.23 -25.23 -9.89
N LEU D 313 -23.49 -25.09 -10.30
CA LEU D 313 -24.08 -23.78 -10.51
C LEU D 313 -24.20 -23.00 -9.21
N THR D 314 -24.38 -23.70 -8.09
CA THR D 314 -24.45 -23.02 -6.80
C THR D 314 -23.10 -22.44 -6.41
N GLN D 315 -22.01 -23.11 -6.77
CA GLN D 315 -20.68 -22.57 -6.53
C GLN D 315 -20.41 -21.33 -7.37
N ILE D 316 -20.89 -21.34 -8.62
CA ILE D 316 -20.82 -20.14 -9.45
C ILE D 316 -21.53 -18.97 -8.76
N LEU D 317 -22.75 -19.22 -8.28
CA LEU D 317 -23.52 -18.16 -7.63
C LEU D 317 -22.82 -17.63 -6.40
N ALA D 318 -22.15 -18.50 -5.64
CA ALA D 318 -21.44 -18.07 -4.45
C ALA D 318 -20.36 -17.05 -4.78
N LEU D 319 -19.62 -17.29 -5.87
CA LEU D 319 -18.53 -16.39 -6.23
C LEU D 319 -19.06 -15.02 -6.66
N LEU D 320 -20.23 -14.99 -7.31
CA LEU D 320 -20.80 -13.72 -7.75
C LEU D 320 -21.30 -12.88 -6.59
N ALA D 321 -21.92 -13.53 -5.59
CA ALA D 321 -22.66 -12.79 -4.58
C ALA D 321 -21.86 -12.52 -3.32
N MET D 322 -20.67 -13.11 -3.18
CA MET D 322 -19.89 -12.94 -1.97
C MET D 322 -19.44 -11.49 -1.81
N GLU D 323 -19.33 -11.05 -0.56
CA GLU D 323 -18.74 -9.76 -0.27
C GLU D 323 -17.23 -9.79 -0.50
N LYS D 324 -16.61 -8.63 -0.38
CA LYS D 324 -15.18 -8.53 -0.57
C LYS D 324 -14.47 -9.35 0.49
N PRO D 325 -13.58 -10.27 0.11
CA PRO D 325 -12.81 -11.00 1.13
C PRO D 325 -11.82 -10.08 1.82
N ARG D 326 -11.55 -10.38 3.09
CA ARG D 326 -10.67 -9.55 3.89
C ARG D 326 -9.21 -9.66 3.46
N SER D 327 -8.89 -10.63 2.62
CA SER D 327 -7.63 -10.71 1.90
C SER D 327 -7.87 -11.62 0.70
N LEU D 328 -6.79 -11.97 -0.01
CA LEU D 328 -6.87 -12.99 -1.05
C LEU D 328 -6.39 -14.35 -0.56
N ASP D 329 -6.24 -14.52 0.74
CA ASP D 329 -5.97 -15.85 1.30
C ASP D 329 -7.18 -16.75 1.06
N ALA D 330 -6.89 -18.05 0.88
CA ALA D 330 -7.92 -18.98 0.41
C ALA D 330 -9.13 -19.01 1.33
N GLU D 331 -8.91 -19.04 2.65
CA GLU D 331 -10.04 -19.21 3.56
C GLU D 331 -10.68 -17.90 3.96
N CYS D 332 -10.09 -16.75 3.61
CA CYS D 332 -10.86 -15.51 3.71
C CYS D 332 -11.84 -15.40 2.57
N ILE D 333 -11.51 -16.00 1.42
CA ILE D 333 -12.45 -16.14 0.32
C ILE D 333 -13.56 -17.10 0.70
N ARG D 334 -13.19 -18.27 1.25
CA ARG D 334 -14.18 -19.26 1.64
C ARG D 334 -15.06 -18.77 2.78
N ASP D 335 -14.50 -17.97 3.69
CA ASP D 335 -15.32 -17.39 4.76
C ASP D 335 -16.48 -16.58 4.21
N GLU D 336 -16.22 -15.77 3.18
CA GLU D 336 -17.29 -14.98 2.58
C GLU D 336 -18.20 -15.84 1.71
N LYS D 337 -17.71 -16.98 1.22
CA LYS D 337 -18.55 -17.87 0.44
C LYS D 337 -19.64 -18.51 1.30
N VAL D 338 -19.32 -18.88 2.54
CA VAL D 338 -20.34 -19.43 3.42
C VAL D 338 -21.20 -18.31 4.02
N SER D 339 -20.60 -17.13 4.25
CA SER D 339 -21.35 -16.02 4.82
C SER D 339 -22.56 -15.66 3.98
N VAL D 340 -22.41 -15.66 2.65
CA VAL D 340 -23.51 -15.21 1.82
C VAL D 340 -24.47 -16.35 1.49
N LEU D 341 -23.97 -17.59 1.41
CA LEU D 341 -24.87 -18.72 1.23
C LEU D 341 -25.77 -18.90 2.45
N LYS D 342 -25.28 -18.46 3.62
CA LYS D 342 -26.09 -18.40 4.83
C LYS D 342 -27.21 -17.37 4.73
N CYS D 343 -27.19 -16.51 3.71
CA CYS D 343 -28.22 -15.49 3.55
C CYS D 343 -29.35 -15.92 2.63
N ILE D 344 -29.26 -17.09 1.99
CA ILE D 344 -30.30 -17.54 1.06
C ILE D 344 -31.32 -18.39 1.80
N GLU D 345 -32.59 -18.00 1.71
CA GLU D 345 -33.67 -18.81 2.23
C GLU D 345 -33.85 -20.07 1.40
N PRO D 346 -34.22 -21.19 2.03
CA PRO D 346 -34.35 -22.45 1.29
C PRO D 346 -35.39 -22.35 0.19
N ILE D 347 -35.07 -22.99 -0.94
CA ILE D 347 -35.93 -22.99 -2.12
C ILE D 347 -37.32 -23.53 -1.79
N THR D 348 -38.35 -22.86 -2.30
CA THR D 348 -39.73 -23.24 -2.13
C THR D 348 -40.34 -23.68 -3.47
N LYS D 349 -41.41 -24.48 -3.38
CA LYS D 349 -41.93 -25.19 -4.54
C LYS D 349 -42.46 -24.24 -5.61
N GLU D 350 -43.02 -23.09 -5.21
CA GLU D 350 -43.53 -22.14 -6.19
C GLU D 350 -42.40 -21.55 -7.04
N ASN D 351 -41.18 -21.54 -6.52
CA ASN D 351 -40.03 -20.97 -7.22
C ASN D 351 -39.27 -22.00 -8.05
N CYS D 352 -39.95 -22.99 -8.62
CA CYS D 352 -39.28 -24.08 -9.29
C CYS D 352 -40.19 -24.69 -10.35
N VAL D 353 -39.60 -25.02 -11.50
CA VAL D 353 -40.29 -25.71 -12.59
C VAL D 353 -39.37 -26.78 -13.16
N LEU D 354 -39.92 -27.98 -13.39
CA LEU D 354 -39.12 -29.11 -13.83
C LEU D 354 -39.70 -29.72 -15.11
N GLY D 355 -38.81 -30.33 -15.89
CA GLY D 355 -39.19 -30.97 -17.13
C GLY D 355 -38.51 -32.31 -17.28
N GLN D 356 -39.01 -33.09 -18.25
CA GLN D 356 -38.43 -34.39 -18.53
C GLN D 356 -38.47 -34.65 -20.03
N TYR D 357 -37.32 -35.01 -20.60
CA TYR D 357 -37.18 -35.05 -22.05
C TYR D 357 -37.72 -36.36 -22.64
N THR D 358 -38.36 -36.23 -23.79
CA THR D 358 -38.97 -37.32 -24.52
C THR D 358 -38.24 -37.51 -25.86
N ALA D 359 -38.72 -38.47 -26.65
CA ALA D 359 -38.10 -38.78 -27.93
C ALA D 359 -38.11 -37.55 -28.83
N SER D 360 -37.16 -37.52 -29.76
CA SER D 360 -36.99 -36.33 -30.58
C SER D 360 -37.88 -36.43 -31.82
N ALA D 361 -38.20 -35.25 -32.38
CA ALA D 361 -39.01 -35.23 -33.60
C ALA D 361 -38.27 -35.89 -34.75
N ASP D 362 -36.95 -35.82 -34.74
CA ASP D 362 -36.10 -36.58 -35.65
C ASP D 362 -36.25 -38.09 -35.43
N GLY D 363 -36.56 -38.49 -34.18
CA GLY D 363 -36.31 -39.84 -33.74
C GLY D 363 -34.87 -39.98 -33.36
N SER D 364 -34.17 -38.82 -33.25
CA SER D 364 -32.70 -38.76 -33.28
C SER D 364 -32.06 -39.18 -31.98
N ILE D 365 -32.76 -39.00 -30.87
CA ILE D 365 -32.40 -39.42 -29.51
C ILE D 365 -33.68 -39.99 -28.92
N PRO D 366 -33.69 -41.18 -28.33
CA PRO D 366 -34.92 -41.67 -27.69
C PRO D 366 -35.20 -40.93 -26.39
N GLY D 367 -36.47 -40.98 -25.99
CA GLY D 367 -36.88 -40.31 -24.78
C GLY D 367 -36.18 -40.82 -23.55
N TYR D 368 -36.27 -40.02 -22.49
CA TYR D 368 -35.69 -40.42 -21.21
C TYR D 368 -36.36 -41.68 -20.70
N LEU D 369 -37.67 -41.78 -20.85
CA LEU D 369 -38.42 -42.95 -20.41
C LEU D 369 -38.42 -44.07 -21.43
N GLU D 370 -38.06 -43.78 -22.69
CA GLU D 370 -37.89 -44.79 -23.74
C GLU D 370 -36.65 -45.64 -23.54
N ASP D 371 -35.99 -45.41 -22.40
CA ASP D 371 -34.83 -46.17 -21.99
C ASP D 371 -35.26 -47.32 -21.08
N VAL D 372 -34.66 -48.48 -21.29
CA VAL D 372 -34.96 -49.64 -20.45
C VAL D 372 -34.40 -49.49 -19.04
N THR D 373 -33.38 -48.64 -18.84
CA THR D 373 -32.75 -48.52 -17.52
C THR D 373 -33.66 -47.85 -16.49
N VAL D 374 -34.66 -47.09 -16.92
CA VAL D 374 -35.47 -46.27 -16.02
C VAL D 374 -36.78 -47.00 -15.74
N PRO D 375 -37.19 -47.15 -14.46
CA PRO D 375 -38.51 -47.71 -14.13
C PRO D 375 -39.63 -46.75 -14.44
N GLU D 376 -40.74 -47.06 -15.14
CA GLU D 376 -41.52 -45.86 -15.09
C GLU D 376 -42.57 -45.88 -13.99
N GLY D 377 -43.49 -44.95 -14.21
CA GLY D 377 -43.98 -44.04 -13.22
C GLY D 377 -42.90 -43.18 -12.64
N SER D 378 -41.81 -42.94 -13.38
CA SER D 378 -40.68 -42.20 -12.83
C SER D 378 -40.92 -40.69 -12.90
N THR D 379 -40.72 -40.01 -11.77
CA THR D 379 -40.85 -38.57 -11.65
C THR D 379 -39.51 -37.85 -11.60
N CYS D 380 -38.47 -38.41 -12.22
CA CYS D 380 -37.14 -37.80 -12.12
C CYS D 380 -37.00 -36.66 -13.13
N PRO D 381 -36.51 -35.49 -12.72
CA PRO D 381 -36.37 -34.37 -13.66
C PRO D 381 -35.05 -34.36 -14.41
N THR D 382 -35.10 -34.21 -15.72
CA THR D 382 -33.92 -33.96 -16.54
C THR D 382 -33.69 -32.48 -16.80
N PHE D 383 -34.52 -31.61 -16.22
CA PHE D 383 -34.53 -30.18 -16.51
C PHE D 383 -35.15 -29.46 -15.32
N ALA D 384 -34.56 -28.33 -14.96
CA ALA D 384 -35.07 -27.56 -13.83
C ALA D 384 -34.70 -26.09 -13.98
N VAL D 385 -35.61 -25.21 -13.54
CA VAL D 385 -35.35 -23.78 -13.41
C VAL D 385 -35.88 -23.34 -12.06
N MET D 386 -35.05 -22.62 -11.29
CA MET D 386 -35.44 -22.22 -9.95
C MET D 386 -34.97 -20.79 -9.71
N ARG D 387 -35.60 -20.13 -8.73
CA ARG D 387 -35.20 -18.80 -8.28
C ARG D 387 -34.75 -18.86 -6.83
N LEU D 388 -33.64 -18.20 -6.53
CA LEU D 388 -33.11 -18.09 -5.18
C LEU D 388 -33.09 -16.64 -4.76
N ASN D 389 -33.48 -16.37 -3.52
CA ASN D 389 -33.51 -15.01 -2.98
C ASN D 389 -32.39 -14.87 -1.96
N ILE D 390 -31.36 -14.10 -2.33
CA ILE D 390 -30.29 -13.75 -1.40
C ILE D 390 -30.75 -12.56 -0.58
N ASN D 391 -30.66 -12.69 0.74
CA ASN D 391 -31.27 -11.72 1.65
C ASN D 391 -30.22 -11.04 2.51
N ASN D 392 -29.66 -9.95 1.98
CA ASN D 392 -28.79 -9.03 2.71
C ASN D 392 -28.85 -7.70 1.98
N ASP D 393 -28.15 -6.70 2.52
CA ASP D 393 -28.16 -5.37 1.92
C ASP D 393 -27.74 -5.42 0.45
N ARG D 394 -26.69 -6.18 0.15
CA ARG D 394 -26.11 -6.16 -1.19
C ARG D 394 -27.06 -6.69 -2.26
N TRP D 395 -27.91 -7.65 -1.91
CA TRP D 395 -28.67 -8.40 -2.90
C TRP D 395 -30.17 -8.42 -2.68
N ALA D 396 -30.68 -7.82 -1.60
CA ALA D 396 -32.10 -7.85 -1.30
C ALA D 396 -32.93 -7.44 -2.51
N GLY D 397 -33.83 -8.32 -2.94
CA GLY D 397 -34.70 -8.08 -4.06
C GLY D 397 -34.24 -8.70 -5.36
N VAL D 398 -32.94 -8.84 -5.54
CA VAL D 398 -32.40 -9.35 -6.81
C VAL D 398 -32.69 -10.83 -6.96
N PRO D 399 -33.37 -11.23 -8.03
CA PRO D 399 -33.62 -12.66 -8.27
C PRO D 399 -32.43 -13.34 -8.90
N PHE D 400 -32.04 -14.48 -8.32
CA PHE D 400 -30.99 -15.34 -8.86
C PHE D 400 -31.65 -16.57 -9.46
N ILE D 401 -31.42 -16.81 -10.75
CA ILE D 401 -32.12 -17.85 -11.49
C ILE D 401 -31.09 -18.88 -11.95
N LEU D 402 -31.29 -20.13 -11.52
CA LEU D 402 -30.45 -21.26 -11.92
C LEU D 402 -31.22 -22.13 -12.90
N LYS D 403 -30.56 -22.52 -14.00
CA LYS D 403 -31.20 -23.33 -15.02
C LYS D 403 -30.23 -24.38 -15.53
N ALA D 404 -30.65 -25.64 -15.47
CA ALA D 404 -29.90 -26.75 -16.04
C ALA D 404 -30.85 -27.65 -16.81
N GLY D 405 -30.36 -28.20 -17.92
CA GLY D 405 -31.20 -29.03 -18.75
C GLY D 405 -30.43 -30.01 -19.62
N LYS D 406 -30.88 -31.25 -19.68
CA LYS D 406 -30.32 -32.24 -20.58
C LYS D 406 -31.21 -32.35 -21.81
N ALA D 407 -30.59 -32.63 -22.95
CA ALA D 407 -31.29 -32.77 -24.23
C ALA D 407 -32.09 -31.50 -24.55
N VAL D 408 -31.35 -30.40 -24.68
CA VAL D 408 -31.94 -29.09 -24.92
C VAL D 408 -31.33 -28.51 -26.19
N GLU D 409 -31.72 -27.28 -26.52
CA GLU D 409 -31.38 -26.64 -27.79
C GLU D 409 -29.89 -26.71 -28.09
N GLN D 410 -29.07 -26.32 -27.12
CA GLN D 410 -27.65 -26.11 -27.36
C GLN D 410 -26.91 -26.35 -26.05
N LYS D 411 -25.59 -26.25 -26.14
CA LYS D 411 -24.62 -26.87 -25.27
C LYS D 411 -23.61 -25.82 -24.84
N TYR D 412 -23.86 -25.19 -23.69
CA TYR D 412 -23.04 -24.11 -23.15
C TYR D 412 -23.33 -23.96 -21.67
N VAL D 413 -22.29 -23.73 -20.88
CA VAL D 413 -22.44 -23.27 -19.50
C VAL D 413 -22.13 -21.78 -19.49
N ALA D 414 -23.06 -20.96 -18.98
CA ALA D 414 -22.88 -19.53 -19.06
C ALA D 414 -23.68 -18.82 -17.97
N ILE D 415 -23.14 -17.69 -17.53
CA ILE D 415 -23.85 -16.77 -16.64
C ILE D 415 -24.21 -15.51 -17.43
N ARG D 416 -25.34 -14.90 -17.06
CA ARG D 416 -25.88 -13.73 -17.74
C ARG D 416 -26.40 -12.75 -16.70
N ILE D 417 -25.85 -11.54 -16.70
CA ILE D 417 -26.21 -10.50 -15.75
C ILE D 417 -26.98 -9.41 -16.48
N GLN D 418 -28.17 -9.10 -15.98
CA GLN D 418 -28.99 -8.01 -16.52
C GLN D 418 -29.01 -6.87 -15.51
N PHE D 419 -28.46 -5.72 -15.91
CA PHE D 419 -28.50 -4.53 -15.07
C PHE D 419 -29.84 -3.83 -15.24
N ARG D 420 -30.19 -3.02 -14.24
CA ARG D 420 -31.44 -2.28 -14.31
C ARG D 420 -31.43 -1.36 -15.53
N ASP D 421 -32.61 -1.13 -16.09
CA ASP D 421 -32.71 -0.27 -17.26
C ASP D 421 -32.44 1.18 -16.87
N GLU D 422 -31.70 1.88 -17.73
CA GLU D 422 -31.59 3.33 -17.63
C GLU D 422 -32.76 3.91 -18.42
N VAL D 423 -33.84 4.23 -17.70
CA VAL D 423 -35.07 4.65 -18.36
C VAL D 423 -34.93 6.00 -19.04
N HIS D 424 -34.07 6.88 -18.52
CA HIS D 424 -33.99 8.22 -19.07
C HIS D 424 -32.55 8.57 -19.43
N PRO D 425 -32.35 9.33 -20.52
CA PRO D 425 -33.43 9.91 -21.34
C PRO D 425 -33.80 9.10 -22.59
N TYR D 426 -33.13 7.99 -22.84
CA TYR D 426 -33.30 7.30 -24.12
C TYR D 426 -34.53 6.41 -24.16
N GLY D 427 -35.19 6.19 -23.03
CA GLY D 427 -36.42 5.42 -22.97
C GLY D 427 -36.38 4.05 -23.61
N GLU D 428 -37.19 3.85 -24.66
CA GLU D 428 -37.30 2.56 -25.32
C GLU D 428 -36.37 2.41 -26.51
N ALA D 429 -35.48 3.36 -26.74
CA ALA D 429 -34.42 3.22 -27.73
C ALA D 429 -33.21 2.48 -27.18
N THR D 430 -33.31 2.01 -25.94
CA THR D 430 -32.23 1.36 -25.23
C THR D 430 -32.78 0.16 -24.47
N GLN D 431 -31.89 -0.77 -24.13
CA GLN D 431 -32.25 -1.92 -23.32
C GLN D 431 -31.28 -2.01 -22.15
N ARG D 432 -31.56 -2.96 -21.27
CA ARG D 432 -30.74 -3.16 -20.09
C ARG D 432 -29.33 -3.55 -20.49
N ASN D 433 -28.35 -2.96 -19.83
CA ASN D 433 -26.98 -3.43 -20.00
C ASN D 433 -26.89 -4.86 -19.51
N GLU D 434 -26.09 -5.66 -20.22
CA GLU D 434 -26.01 -7.08 -19.93
C GLU D 434 -24.55 -7.51 -19.96
N LEU D 435 -24.10 -8.12 -18.88
CA LEU D 435 -22.77 -8.73 -18.80
C LEU D 435 -22.93 -10.24 -18.93
N VAL D 436 -22.14 -10.83 -19.81
CA VAL D 436 -22.20 -12.26 -20.07
C VAL D 436 -20.83 -12.87 -19.85
N ILE D 437 -20.79 -13.97 -19.11
CA ILE D 437 -19.60 -14.80 -18.99
C ILE D 437 -20.05 -16.21 -19.33
N ARG D 438 -19.47 -16.78 -20.35
CA ARG D 438 -19.77 -18.15 -20.68
C ARG D 438 -18.47 -18.92 -20.60
N ALA D 439 -18.51 -20.08 -19.97
CA ALA D 439 -17.28 -20.83 -19.82
C ALA D 439 -17.15 -21.95 -20.81
N GLN D 440 -18.19 -22.27 -21.56
CA GLN D 440 -17.94 -23.40 -22.48
C GLN D 440 -19.17 -23.45 -23.38
N PRO D 441 -19.04 -23.97 -24.57
CA PRO D 441 -17.93 -24.60 -25.27
C PRO D 441 -16.79 -23.61 -25.54
N SER D 442 -17.11 -22.34 -25.74
CA SER D 442 -16.11 -21.32 -26.03
C SER D 442 -16.07 -20.29 -24.91
N GLU D 443 -14.90 -20.13 -24.31
CA GLU D 443 -14.75 -19.09 -23.29
C GLU D 443 -14.95 -17.72 -23.91
N ALA D 444 -15.63 -16.83 -23.18
CA ALA D 444 -15.88 -15.48 -23.66
C ALA D 444 -16.44 -14.64 -22.52
N MET D 445 -16.09 -13.35 -22.54
CA MET D 445 -16.70 -12.37 -21.66
C MET D 445 -17.05 -11.14 -22.50
N TYR D 446 -18.30 -10.70 -22.41
CA TYR D 446 -18.70 -9.50 -23.15
C TYR D 446 -19.88 -8.84 -22.44
N VAL D 447 -19.96 -7.53 -22.62
CA VAL D 447 -20.99 -6.70 -22.02
C VAL D 447 -21.81 -6.09 -23.15
N LYS D 448 -23.14 -6.11 -22.99
CA LYS D 448 -24.05 -5.60 -24.01
C LYS D 448 -24.53 -4.22 -23.59
N ILE D 449 -24.30 -3.25 -24.47
CA ILE D 449 -24.67 -1.86 -24.24
C ILE D 449 -25.31 -1.36 -25.52
N THR D 450 -26.03 -0.25 -25.41
CA THR D 450 -26.67 0.35 -26.57
C THR D 450 -25.83 1.52 -27.06
N THR D 451 -25.60 1.57 -28.37
CA THR D 451 -24.89 2.67 -28.98
C THR D 451 -25.67 3.14 -30.20
N LYS D 452 -25.43 4.40 -30.53
CA LYS D 452 -25.86 4.96 -31.81
C LYS D 452 -25.37 4.10 -32.99
N VAL D 453 -26.22 4.04 -34.01
CA VAL D 453 -26.00 3.33 -35.27
C VAL D 453 -25.17 4.20 -36.21
N PRO D 454 -24.22 3.64 -36.98
CA PRO D 454 -23.42 4.51 -37.86
C PRO D 454 -24.23 5.07 -39.03
N GLY D 455 -25.48 5.41 -38.72
CA GLY D 455 -26.34 6.13 -39.62
C GLY D 455 -26.19 7.62 -39.40
N LEU D 456 -26.34 8.37 -40.49
CA LEU D 456 -26.27 9.81 -40.38
C LEU D 456 -27.31 10.31 -39.37
N SER D 457 -27.10 11.53 -38.86
CA SER D 457 -27.26 11.92 -37.45
C SER D 457 -28.66 11.66 -36.87
N GLY D 458 -29.61 11.28 -37.72
CA GLY D 458 -30.97 11.73 -37.53
C GLY D 458 -31.66 11.08 -36.35
N ASP D 459 -32.57 11.87 -35.78
CA ASP D 459 -33.52 11.44 -34.77
C ASP D 459 -32.90 11.08 -33.44
N LEU D 460 -31.57 10.99 -33.39
CA LEU D 460 -30.85 10.79 -32.13
C LEU D 460 -31.19 9.45 -31.47
N ARG D 461 -32.30 8.81 -31.86
CA ARG D 461 -32.92 7.74 -31.06
C ARG D 461 -32.63 6.30 -31.53
N GLN D 462 -32.72 6.00 -32.84
CA GLN D 462 -32.17 4.75 -33.40
C GLN D 462 -30.69 4.59 -33.41
N THR D 463 -30.40 3.76 -32.42
CA THR D 463 -29.28 3.13 -31.78
C THR D 463 -29.48 1.64 -32.01
N HIS D 464 -28.43 0.89 -31.81
CA HIS D 464 -28.51 -0.55 -31.86
C HIS D 464 -27.48 -1.05 -30.86
N GLN D 465 -27.94 -1.96 -30.03
CA GLN D 465 -27.12 -2.69 -29.10
C GLN D 465 -26.04 -3.52 -29.75
N THR D 466 -24.86 -3.41 -29.16
CA THR D 466 -23.64 -4.05 -29.56
C THR D 466 -22.99 -4.50 -28.27
N GLU D 467 -21.92 -5.25 -28.43
CA GLU D 467 -21.23 -5.86 -27.31
C GLU D 467 -19.78 -5.42 -27.31
N LEU D 468 -19.15 -5.47 -26.13
CA LEU D 468 -17.73 -5.21 -26.01
C LEU D 468 -17.13 -6.53 -25.57
N ASP D 469 -16.42 -7.20 -26.46
CA ASP D 469 -15.92 -8.55 -26.22
C ASP D 469 -14.46 -8.57 -25.78
N LEU D 470 -14.13 -9.54 -24.94
CA LEU D 470 -12.75 -9.99 -24.73
C LEU D 470 -12.82 -11.50 -24.90
N THR D 471 -12.46 -11.98 -26.07
CA THR D 471 -12.65 -13.38 -26.46
C THR D 471 -11.36 -14.18 -26.37
N TYR D 472 -11.43 -15.32 -25.69
CA TYR D 472 -10.34 -16.30 -25.62
C TYR D 472 -10.78 -17.65 -26.17
N ASP D 482 -7.95 -28.30 -19.21
CA ASP D 482 -9.29 -28.38 -18.66
C ASP D 482 -9.30 -28.33 -17.12
N ALA D 483 -10.39 -28.79 -16.51
CA ALA D 483 -10.66 -28.55 -15.10
C ALA D 483 -9.72 -29.28 -14.13
N TYR D 484 -9.55 -30.59 -14.31
CA TYR D 484 -9.01 -31.45 -13.24
C TYR D 484 -7.56 -31.15 -12.90
N GLU D 485 -6.71 -31.04 -13.91
CA GLU D 485 -5.29 -30.72 -13.75
C GLU D 485 -5.05 -29.34 -13.19
N SER D 486 -5.98 -28.40 -13.36
CA SER D 486 -5.84 -27.15 -12.65
C SER D 486 -6.35 -27.29 -11.22
N LEU D 487 -7.16 -28.32 -10.94
CA LEU D 487 -7.64 -28.60 -9.60
C LEU D 487 -6.64 -29.44 -8.81
N ILE D 488 -6.03 -30.44 -9.44
CA ILE D 488 -5.00 -31.22 -8.77
C ILE D 488 -3.84 -30.33 -8.36
N ASN D 489 -3.40 -29.45 -9.28
CA ASN D 489 -2.24 -28.63 -8.97
C ASN D 489 -2.52 -27.67 -7.83
N ASP D 490 -3.74 -27.14 -7.76
CA ASP D 490 -4.07 -26.26 -6.65
C ASP D 490 -3.88 -26.95 -5.31
N ALA D 491 -4.13 -28.27 -5.26
CA ALA D 491 -3.93 -29.02 -4.02
C ALA D 491 -2.44 -29.17 -3.69
N LEU D 492 -1.59 -29.38 -4.69
CA LEU D 492 -0.16 -29.50 -4.41
C LEU D 492 0.44 -28.21 -3.85
N LEU D 493 -0.08 -27.06 -4.25
CA LEU D 493 0.43 -25.78 -3.77
C LEU D 493 -0.22 -25.32 -2.47
N GLY D 494 -1.15 -26.08 -1.92
CA GLY D 494 -1.74 -25.71 -0.66
C GLY D 494 -2.85 -24.69 -0.76
N ASN D 495 -3.48 -24.58 -1.93
CA ASN D 495 -4.45 -23.53 -2.22
C ASN D 495 -5.85 -24.10 -2.06
N SER D 496 -6.52 -23.75 -0.97
CA SER D 496 -7.84 -24.27 -0.66
C SER D 496 -8.97 -23.45 -1.28
N THR D 497 -8.64 -22.56 -2.23
CA THR D 497 -9.63 -21.60 -2.71
C THR D 497 -10.72 -22.28 -3.54
N ASN D 498 -10.32 -23.19 -4.43
CA ASN D 498 -11.24 -23.83 -5.36
C ASN D 498 -11.73 -25.18 -4.84
N PHE D 499 -11.78 -25.34 -3.52
CA PHE D 499 -12.21 -26.58 -2.89
C PHE D 499 -13.25 -26.28 -1.82
N VAL D 500 -14.34 -27.04 -1.83
CA VAL D 500 -15.45 -26.82 -0.90
C VAL D 500 -15.00 -27.12 0.53
N ARG D 501 -15.52 -26.34 1.48
CA ARG D 501 -15.22 -26.47 2.89
C ARG D 501 -16.41 -27.10 3.60
N LYS D 502 -16.15 -27.67 4.78
CA LYS D 502 -17.17 -28.39 5.53
C LYS D 502 -18.47 -27.59 5.66
N ASP D 503 -18.38 -26.39 6.23
CA ASP D 503 -19.56 -25.57 6.44
C ASP D 503 -20.21 -25.17 5.11
N GLU D 504 -19.39 -24.94 4.08
CA GLU D 504 -19.92 -24.49 2.80
C GLU D 504 -20.75 -25.59 2.12
N LEU D 505 -20.30 -26.83 2.20
CA LEU D 505 -21.08 -27.94 1.66
C LEU D 505 -22.40 -28.11 2.40
N ASP D 506 -22.39 -27.86 3.71
CA ASP D 506 -23.61 -28.04 4.51
C ASP D 506 -24.68 -27.01 4.13
N VAL D 507 -24.33 -25.72 4.11
CA VAL D 507 -25.35 -24.71 3.84
C VAL D 507 -25.87 -24.84 2.41
N ALA D 508 -25.05 -25.31 1.48
CA ALA D 508 -25.54 -25.55 0.13
C ALA D 508 -26.62 -26.63 0.14
N TRP D 509 -26.41 -27.71 0.90
CA TRP D 509 -27.44 -28.73 1.03
C TRP D 509 -28.68 -28.18 1.74
N ARG D 510 -28.48 -27.41 2.80
CA ARG D 510 -29.61 -26.86 3.55
C ARG D 510 -30.48 -25.93 2.72
N ILE D 511 -29.93 -25.38 1.64
CA ILE D 511 -30.70 -24.53 0.75
C ILE D 511 -31.72 -25.35 -0.04
N PHE D 512 -31.30 -26.52 -0.51
CA PHE D 512 -32.06 -27.28 -1.50
C PHE D 512 -32.97 -28.36 -0.92
N THR D 513 -32.68 -28.89 0.26
CA THR D 513 -33.30 -30.17 0.63
C THR D 513 -34.79 -30.12 0.93
N PRO D 514 -35.35 -29.05 1.49
CA PRO D 514 -36.82 -28.97 1.53
C PRO D 514 -37.42 -29.15 0.15
N LEU D 515 -36.73 -28.70 -0.90
CA LEU D 515 -37.27 -28.90 -2.25
C LEU D 515 -37.19 -30.35 -2.74
N LEU D 516 -36.03 -31.03 -2.64
CA LEU D 516 -35.98 -32.38 -3.21
C LEU D 516 -36.83 -33.37 -2.43
N HIS D 517 -36.91 -33.23 -1.09
CA HIS D 517 -37.80 -34.14 -0.37
C HIS D 517 -39.21 -34.07 -0.94
N GLN D 518 -39.67 -32.86 -1.25
CA GLN D 518 -40.96 -32.72 -1.90
C GLN D 518 -40.95 -33.33 -3.29
N ILE D 519 -39.79 -33.37 -3.95
CA ILE D 519 -39.72 -34.01 -5.27
C ILE D 519 -39.77 -35.53 -5.14
N ASP D 520 -39.10 -36.08 -4.13
CA ASP D 520 -39.10 -37.53 -3.94
C ASP D 520 -40.48 -38.04 -3.56
N SER D 521 -41.19 -37.32 -2.70
CA SER D 521 -42.57 -37.62 -2.34
C SER D 521 -43.56 -37.42 -3.49
N GLY D 522 -43.11 -37.01 -4.67
CA GLY D 522 -44.01 -36.82 -5.79
C GLY D 522 -44.84 -35.57 -5.73
N GLU D 523 -44.46 -34.61 -4.88
CA GLU D 523 -45.20 -33.36 -4.73
C GLU D 523 -45.03 -32.44 -5.92
N ILE D 524 -44.03 -32.68 -6.77
CA ILE D 524 -43.87 -31.96 -8.03
C ILE D 524 -43.59 -32.96 -9.14
N LYS D 525 -44.09 -32.64 -10.34
CA LYS D 525 -43.92 -33.54 -11.48
C LYS D 525 -43.25 -32.81 -12.64
N PRO D 526 -42.47 -33.53 -13.44
CA PRO D 526 -41.82 -32.89 -14.59
C PRO D 526 -42.81 -32.63 -15.71
N ILE D 527 -42.60 -31.52 -16.41
CA ILE D 527 -43.46 -31.13 -17.52
C ILE D 527 -42.82 -31.69 -18.79
N PRO D 528 -43.58 -32.39 -19.65
CA PRO D 528 -42.94 -33.08 -20.77
C PRO D 528 -42.40 -32.11 -21.81
N TYR D 529 -41.24 -32.46 -22.36
CA TYR D 529 -40.64 -31.71 -23.47
C TYR D 529 -39.83 -32.68 -24.31
N GLN D 530 -39.80 -32.43 -25.61
CA GLN D 530 -39.06 -33.28 -26.54
C GLN D 530 -37.59 -32.88 -26.55
N ALA D 531 -36.72 -33.86 -26.80
CA ALA D 531 -35.29 -33.60 -26.81
C ALA D 531 -34.92 -32.67 -27.96
N GLY D 532 -33.93 -31.82 -27.71
CA GLY D 532 -33.54 -30.84 -28.67
C GLY D 532 -34.37 -29.59 -28.60
N THR D 533 -35.57 -29.68 -28.02
CA THR D 533 -36.22 -28.42 -27.82
C THR D 533 -35.62 -27.73 -26.62
N ARG D 534 -36.11 -26.55 -26.45
CA ARG D 534 -35.73 -25.60 -25.43
C ARG D 534 -36.19 -25.96 -24.02
N GLY D 535 -37.16 -26.86 -23.88
CA GLY D 535 -37.62 -27.30 -22.60
C GLY D 535 -39.11 -27.04 -22.38
N PRO D 536 -39.63 -27.29 -21.18
CA PRO D 536 -41.00 -26.83 -20.92
C PRO D 536 -40.99 -25.32 -20.88
N LYS D 537 -41.96 -24.70 -21.56
CA LYS D 537 -41.96 -23.25 -21.59
C LYS D 537 -42.70 -22.62 -20.42
N GLU D 538 -43.44 -23.42 -19.65
CA GLU D 538 -43.91 -22.92 -18.36
C GLU D 538 -42.74 -22.54 -17.46
N ALA D 539 -41.58 -23.18 -17.69
CA ALA D 539 -40.37 -22.75 -17.01
C ALA D 539 -39.84 -21.45 -17.62
N ASP D 540 -39.86 -21.35 -18.95
CA ASP D 540 -39.41 -20.13 -19.60
C ASP D 540 -40.28 -18.94 -19.26
N GLU D 541 -41.58 -19.13 -19.05
CA GLU D 541 -42.39 -18.05 -18.52
C GLU D 541 -41.94 -17.66 -17.12
N PHE D 542 -41.50 -18.65 -16.33
CA PHE D 542 -41.08 -18.38 -14.95
C PHE D 542 -39.90 -17.40 -14.89
N ILE D 543 -38.89 -17.58 -15.75
CA ILE D 543 -37.77 -16.64 -15.75
C ILE D 543 -38.25 -15.25 -16.15
N ALA D 544 -39.16 -15.18 -17.13
CA ALA D 544 -39.68 -13.89 -17.55
C ALA D 544 -40.48 -13.22 -16.45
N ASN D 545 -41.15 -14.00 -15.60
CA ASN D 545 -41.92 -13.46 -14.49
C ASN D 545 -41.07 -13.12 -13.29
N ASN D 546 -39.75 -13.25 -13.38
CA ASN D 546 -38.85 -13.03 -12.26
C ASN D 546 -37.73 -12.07 -12.64
N GLY D 547 -38.05 -11.04 -13.41
CA GLY D 547 -37.13 -9.96 -13.64
C GLY D 547 -36.24 -10.09 -14.86
N PHE D 548 -36.34 -11.19 -15.60
CA PHE D 548 -35.56 -11.33 -16.82
C PHE D 548 -36.37 -10.75 -17.97
N LYS D 549 -35.72 -9.95 -18.78
CA LYS D 549 -36.37 -9.19 -19.84
C LYS D 549 -35.68 -9.62 -21.14
N HIS D 550 -36.45 -10.09 -22.14
CA HIS D 550 -35.84 -10.73 -23.31
C HIS D 550 -35.64 -9.62 -24.30
N GLN D 551 -34.51 -9.60 -24.99
CA GLN D 551 -34.32 -8.43 -25.82
C GLN D 551 -33.87 -8.75 -27.24
N LYS D 552 -34.52 -9.70 -27.92
CA LYS D 552 -34.29 -9.97 -29.36
C LYS D 552 -32.83 -10.16 -29.75
C1 EDO E . -4.05 5.98 8.58
O1 EDO E . -3.88 6.91 9.61
C2 EDO E . -2.78 5.89 7.74
O2 EDO E . -1.98 7.01 7.95
C1 EDO F . 8.03 -1.49 3.13
O1 EDO F . 6.67 -1.52 2.84
C2 EDO F . 8.84 -1.29 1.84
O2 EDO F . 10.20 -1.17 2.16
S SO4 G . 4.94 22.93 14.33
O1 SO4 G . 6.25 22.37 14.02
O2 SO4 G . 4.51 22.46 15.65
O3 SO4 G . 3.98 22.49 13.33
O4 SO4 G . 5.00 24.38 14.33
C1 EDO H . 9.75 -4.86 2.45
O1 EDO H . 10.73 -4.24 3.25
C2 EDO H . 8.74 -5.57 3.33
O2 EDO H . 7.99 -4.63 4.06
C1 EDO I . 15.57 -27.92 11.16
O1 EDO I . 16.68 -27.29 11.74
C2 EDO I . 14.32 -27.08 11.47
O2 EDO I . 13.28 -27.49 10.63
C1 EDO J . 4.69 -23.99 23.88
O1 EDO J . 5.39 -25.20 23.79
C2 EDO J . 5.03 -23.13 22.66
O2 EDO J . 4.07 -22.10 22.52
S SO4 K . 25.96 -15.25 23.46
O1 SO4 K . 24.66 -15.88 23.63
O2 SO4 K . 26.47 -14.83 24.76
O3 SO4 K . 26.89 -16.20 22.85
O4 SO4 K . 25.83 -14.09 22.60
C1 EDO L . -11.49 22.24 -41.76
O1 EDO L . -11.64 22.43 -43.14
C2 EDO L . -12.02 20.87 -41.33
O2 EDO L . -11.48 19.86 -42.15
C1 EDO M . -8.40 22.48 -38.37
O1 EDO M . -7.07 22.73 -38.00
C2 EDO M . -8.49 21.11 -39.05
O2 EDO M . -8.92 20.16 -38.11
C1 EDO N . -6.95 -1.22 -28.73
O1 EDO N . -5.72 -1.89 -28.76
C2 EDO N . -7.60 -1.28 -30.11
O2 EDO N . -8.97 -0.98 -29.98
S SO4 O . -1.14 11.38 -24.25
O1 SO4 O . -2.45 10.75 -24.18
O2 SO4 O . -0.19 10.67 -23.41
O3 SO4 O . -1.24 12.77 -23.83
O4 SO4 O . -0.65 11.32 -25.62
C1 EDO P . -31.62 -17.94 -22.19
O1 EDO P . -30.81 -18.46 -23.22
C2 EDO P . -32.14 -19.10 -21.34
O2 EDO P . -31.10 -20.00 -21.08
#